data_1ESM
#
_entry.id   1ESM
#
_cell.length_a   62.00
_cell.length_b   71.24
_cell.length_c   87.68
_cell.angle_alpha   102.44
_cell.angle_beta   89.48
_cell.angle_gamma   93.23
#
_symmetry.space_group_name_H-M   'P 1'
#
loop_
_entity.id
_entity.type
_entity.pdbx_description
1 polymer 'PANTOTHENATE KINASE'
2 non-polymer 'COENZYME A'
3 water water
#
_entity_poly.entity_id   1
_entity_poly.type   'polypeptide(L)'
_entity_poly.pdbx_seq_one_letter_code
;(MSE)SIKEQTL(MSE)TPYLQFDRNQWAALRDSVP(MSE)TLSEDEIARLKGINEDLSLEEVAEIYLPLSRLLNFYISS
NLRRQAVLEQFLGTNGQRIPYIISIAGSVAVGKSTTARVLQALLSRWPEHRRVELITTDGFLHPNQVLKERGL(MSE)KK
KGFPESYD(MSE)HRLVKFVSDLKSGVPNVTAPVYSHLIYDVIPDGDKTVVQPDILILEGLNVLQSG(MSE)DYPHDPHH
VFVSDFVDFSIYVDAPEDLLQTWYINRFLKFREGAFTDPDSYFHNYAKLTKEEAIKTA(MSE)TLWKEINWLNLKQNILP
TRERASLILTKSANHAVEEVRLRK
;
_entity_poly.pdbx_strand_id   A,B,C,D
#
loop_
_chem_comp.id
_chem_comp.type
_chem_comp.name
_chem_comp.formula
COA non-polymer 'COENZYME A' 'C21 H36 N7 O16 P3 S'
#
# COMPACT_ATOMS: atom_id res chain seq x y z
N GLN A 6 8.84 16.70 -19.56
CA GLN A 6 8.54 17.94 -18.77
C GLN A 6 9.76 18.35 -17.96
N THR A 7 10.11 19.63 -18.05
CA THR A 7 11.25 20.15 -17.30
C THR A 7 10.74 20.76 -16.02
N LEU A 8 9.47 21.16 -16.02
CA LEU A 8 8.88 21.76 -14.83
C LEU A 8 9.07 20.78 -13.70
N MSE A 9 9.20 19.50 -14.03
CA MSE A 9 9.34 18.57 -12.94
C MSE A 9 10.13 17.28 -13.04
O MSE A 9 9.62 16.19 -13.24
CB MSE A 9 7.94 18.36 -12.38
CG MSE A 9 6.91 17.84 -13.34
SE MSE A 9 5.50 17.84 -12.25
CE MSE A 9 5.75 15.95 -11.45
N THR A 10 11.42 17.51 -12.87
CA THR A 10 12.48 16.55 -12.82
C THR A 10 13.10 17.34 -11.67
N PRO A 11 13.66 16.68 -10.64
CA PRO A 11 14.19 17.55 -9.59
C PRO A 11 15.52 18.28 -9.83
N TYR A 12 16.28 17.86 -10.84
CA TYR A 12 17.57 18.48 -11.09
C TYR A 12 17.64 19.41 -12.29
N LEU A 13 18.45 20.46 -12.15
CA LEU A 13 18.70 21.45 -13.20
C LEU A 13 20.04 21.02 -13.80
N GLN A 14 20.10 20.87 -15.11
CA GLN A 14 21.33 20.43 -15.75
C GLN A 14 22.08 21.50 -16.55
N PHE A 15 23.37 21.60 -16.29
CA PHE A 15 24.22 22.56 -16.99
C PHE A 15 25.42 21.82 -17.53
N ASP A 16 25.99 22.33 -18.61
CA ASP A 16 27.21 21.74 -19.16
C ASP A 16 28.29 22.70 -18.71
N ARG A 17 29.55 22.42 -19.06
CA ARG A 17 30.65 23.27 -18.63
C ARG A 17 30.50 24.77 -18.88
N ASN A 18 30.15 25.15 -20.09
CA ASN A 18 30.00 26.57 -20.40
C ASN A 18 28.92 27.23 -19.61
N GLN A 19 27.79 26.53 -19.44
CA GLN A 19 26.67 27.09 -18.69
C GLN A 19 26.98 27.25 -17.22
N TRP A 20 27.60 26.23 -16.64
CA TRP A 20 27.97 26.27 -15.24
C TRP A 20 29.02 27.35 -15.07
N ALA A 21 30.10 27.26 -15.85
CA ALA A 21 31.20 28.22 -15.80
C ALA A 21 30.70 29.67 -15.86
N ALA A 22 29.72 29.92 -16.73
CA ALA A 22 29.16 31.26 -16.87
C ALA A 22 28.56 31.78 -15.56
N LEU A 23 28.34 30.88 -14.60
CA LEU A 23 27.74 31.29 -13.34
C LEU A 23 28.75 31.75 -12.29
N ARG A 24 30.02 31.84 -12.67
CA ARG A 24 31.10 32.27 -11.77
C ARG A 24 30.96 33.74 -11.46
N ASP A 25 30.41 34.48 -12.43
CA ASP A 25 30.20 35.90 -12.24
C ASP A 25 31.53 36.55 -11.92
N SER A 26 31.58 37.33 -10.85
CA SER A 26 32.81 37.99 -10.51
C SER A 26 33.56 37.42 -9.31
N VAL A 27 33.26 36.18 -8.86
CA VAL A 27 34.05 35.70 -7.72
C VAL A 27 35.47 35.67 -8.27
N PRO A 28 36.43 36.27 -7.55
CA PRO A 28 37.81 36.31 -8.05
C PRO A 28 38.51 35.10 -7.55
N MSE A 29 39.61 34.69 -8.18
CA MSE A 29 40.20 33.59 -7.49
C MSE A 29 41.39 33.85 -6.61
O MSE A 29 42.33 34.59 -6.91
CB MSE A 29 40.41 32.33 -8.28
CG MSE A 29 41.81 31.94 -8.45
SE MSE A 29 41.50 30.36 -9.17
CE MSE A 29 41.48 29.47 -7.32
N THR A 30 41.28 33.18 -5.49
CA THR A 30 42.16 33.25 -4.37
C THR A 30 43.18 32.10 -4.29
N LEU A 31 43.64 31.63 -5.44
CA LEU A 31 44.63 30.54 -5.48
C LEU A 31 45.61 30.68 -6.64
N SER A 32 46.88 30.37 -6.40
CA SER A 32 47.90 30.42 -7.45
C SER A 32 47.97 29.02 -8.07
N GLU A 33 48.51 28.91 -9.28
CA GLU A 33 48.60 27.61 -9.93
C GLU A 33 49.41 26.66 -9.08
N ASP A 34 50.41 27.19 -8.40
CA ASP A 34 51.26 26.36 -7.56
C ASP A 34 50.45 25.78 -6.40
N GLU A 35 49.59 26.60 -5.80
CA GLU A 35 48.76 26.13 -4.69
C GLU A 35 47.80 25.03 -5.15
N ILE A 36 47.24 25.21 -6.35
CA ILE A 36 46.31 24.24 -6.93
C ILE A 36 47.03 22.91 -7.19
N ALA A 37 48.16 22.95 -7.87
CA ALA A 37 48.92 21.74 -8.17
C ALA A 37 49.20 20.88 -6.92
N ARG A 38 49.42 21.55 -5.80
CA ARG A 38 49.71 20.85 -4.54
C ARG A 38 48.48 20.13 -3.97
N LEU A 39 47.31 20.46 -4.50
CA LEU A 39 46.05 19.87 -4.04
C LEU A 39 45.66 18.63 -4.82
N LYS A 40 46.32 18.40 -5.95
CA LYS A 40 46.02 17.24 -6.78
C LYS A 40 46.18 15.94 -5.99
N GLY A 41 45.33 14.95 -6.28
CA GLY A 41 45.43 13.66 -5.60
C GLY A 41 46.11 12.69 -6.55
N ILE A 42 46.46 11.49 -6.08
CA ILE A 42 47.12 10.53 -6.95
C ILE A 42 46.24 10.17 -8.15
N ASN A 43 46.81 10.30 -9.35
CA ASN A 43 46.12 9.99 -10.59
C ASN A 43 44.90 10.86 -10.78
N GLU A 44 44.98 12.09 -10.29
CA GLU A 44 43.88 13.04 -10.36
C GLU A 44 44.38 14.40 -10.85
N ASP A 45 43.92 14.84 -12.01
CA ASP A 45 44.36 16.11 -12.54
C ASP A 45 43.43 17.26 -12.19
N LEU A 46 44.04 18.37 -11.74
CA LEU A 46 43.33 19.58 -11.35
C LEU A 46 43.97 20.80 -11.99
N SER A 47 43.30 21.39 -12.97
CA SER A 47 43.83 22.57 -13.65
C SER A 47 43.22 23.86 -13.11
N LEU A 48 43.86 24.98 -13.44
CA LEU A 48 43.40 26.28 -13.02
C LEU A 48 42.05 26.60 -13.68
N GLU A 49 41.84 26.05 -14.88
CA GLU A 49 40.58 26.26 -15.59
C GLU A 49 39.46 25.47 -14.92
N GLU A 50 39.82 24.34 -14.34
CA GLU A 50 38.84 23.51 -13.65
C GLU A 50 38.39 24.26 -12.40
N VAL A 51 39.35 24.87 -11.71
CA VAL A 51 39.05 25.64 -10.52
C VAL A 51 38.16 26.81 -10.88
N ALA A 52 38.54 27.57 -11.90
CA ALA A 52 37.78 28.76 -12.29
C ALA A 52 36.41 28.47 -12.87
N GLU A 53 36.35 27.46 -13.73
CA GLU A 53 35.11 27.11 -14.38
C GLU A 53 34.14 26.27 -13.55
N ILE A 54 34.67 25.34 -12.76
CA ILE A 54 33.84 24.49 -11.95
C ILE A 54 33.71 24.94 -10.49
N TYR A 55 34.83 25.04 -9.79
CA TYR A 55 34.75 25.40 -8.38
C TYR A 55 34.43 26.82 -7.98
N LEU A 56 34.64 27.78 -8.87
CA LEU A 56 34.33 29.15 -8.49
C LEU A 56 32.80 29.33 -8.50
N PRO A 57 32.13 28.88 -9.57
CA PRO A 57 30.67 29.06 -9.53
C PRO A 57 30.08 28.35 -8.31
N LEU A 58 30.68 27.22 -7.96
CA LEU A 58 30.22 26.43 -6.81
C LEU A 58 30.48 27.19 -5.53
N SER A 59 31.56 27.92 -5.49
CA SER A 59 31.91 28.71 -4.33
C SER A 59 30.85 29.76 -4.15
N ARG A 60 30.43 30.34 -5.27
CA ARG A 60 29.39 31.39 -5.28
C ARG A 60 28.08 30.88 -4.67
N LEU A 61 27.49 29.87 -5.30
CA LEU A 61 26.24 29.27 -4.84
C LEU A 61 26.37 28.94 -3.36
N LEU A 62 27.34 28.09 -3.05
CA LEU A 62 27.61 27.67 -1.68
C LEU A 62 27.60 28.86 -0.75
N ASN A 63 28.20 29.95 -1.20
CA ASN A 63 28.28 31.16 -0.41
C ASN A 63 26.93 31.84 -0.20
N PHE A 64 26.08 31.79 -1.22
CA PHE A 64 24.75 32.38 -1.14
C PHE A 64 24.00 31.65 -0.03
N TYR A 65 24.08 30.33 -0.09
CA TYR A 65 23.40 29.44 0.87
C TYR A 65 23.82 29.71 2.30
N ILE A 66 25.11 29.91 2.49
CA ILE A 66 25.68 30.16 3.81
C ILE A 66 25.16 31.46 4.41
N SER A 67 25.19 32.56 3.65
CA SER A 67 24.71 33.84 4.16
C SER A 67 23.19 33.84 4.32
N SER A 68 22.50 33.11 3.44
CA SER A 68 21.05 33.03 3.55
C SER A 68 20.79 32.33 4.90
N ASN A 69 21.35 31.12 5.00
CA ASN A 69 21.29 30.27 6.19
C ASN A 69 21.61 31.11 7.44
N LEU A 70 22.54 32.04 7.30
CA LEU A 70 22.97 32.93 8.39
C LEU A 70 21.96 34.05 8.68
N ARG A 71 21.39 34.61 7.61
CA ARG A 71 20.42 35.69 7.71
C ARG A 71 19.22 35.17 8.48
N ARG A 72 18.90 33.91 8.22
CA ARG A 72 17.81 33.22 8.86
C ARG A 72 18.00 33.14 10.37
N GLN A 73 19.21 32.76 10.77
CA GLN A 73 19.51 32.66 12.18
C GLN A 73 19.30 34.01 12.82
N ALA A 74 19.45 35.07 12.03
CA ALA A 74 19.27 36.43 12.54
C ALA A 74 17.81 36.82 12.75
N VAL A 75 16.95 36.57 11.76
CA VAL A 75 15.53 36.92 11.94
C VAL A 75 15.03 36.20 13.19
N LEU A 76 15.31 34.89 13.25
CA LEU A 76 14.91 34.09 14.38
C LEU A 76 15.48 34.70 15.66
N GLU A 77 16.69 35.22 15.56
CA GLU A 77 17.33 35.83 16.71
C GLU A 77 16.51 37.00 17.16
N GLN A 78 16.08 37.82 16.20
CA GLN A 78 15.26 38.99 16.51
C GLN A 78 13.98 38.51 17.16
N PHE A 79 13.32 37.58 16.47
CA PHE A 79 12.07 37.03 16.96
C PHE A 79 12.15 36.52 18.39
N LEU A 80 13.18 35.73 18.68
CA LEU A 80 13.38 35.17 20.01
C LEU A 80 13.82 36.19 21.02
N GLY A 81 14.61 37.16 20.55
CA GLY A 81 15.12 38.19 21.44
C GLY A 81 16.33 37.69 22.21
N THR A 82 17.07 36.77 21.59
CA THR A 82 18.25 36.19 22.21
C THR A 82 19.35 36.19 21.17
N ASN A 83 20.59 35.95 21.59
CA ASN A 83 21.69 35.93 20.64
C ASN A 83 22.75 34.87 20.98
N GLY A 84 23.77 34.78 20.14
CA GLY A 84 24.83 33.82 20.38
C GLY A 84 24.74 32.57 19.52
N GLN A 85 24.22 32.74 18.31
CA GLN A 85 24.06 31.62 17.37
C GLN A 85 25.46 31.11 17.03
N ARG A 86 25.72 30.96 15.73
CA ARG A 86 27.00 30.50 15.22
C ARG A 86 27.04 28.98 15.05
N ILE A 87 26.14 28.47 14.21
CA ILE A 87 26.13 27.06 13.93
C ILE A 87 26.95 26.85 12.68
N PRO A 88 27.98 25.99 12.74
CA PRO A 88 28.82 25.74 11.58
C PRO A 88 27.99 25.26 10.39
N TYR A 89 28.44 25.59 9.19
CA TYR A 89 27.76 25.16 7.98
C TYR A 89 28.39 23.83 7.63
N ILE A 90 27.56 22.83 7.37
CA ILE A 90 28.03 21.50 7.04
C ILE A 90 27.85 21.11 5.59
N ILE A 91 28.95 20.78 4.94
CA ILE A 91 28.91 20.36 3.55
C ILE A 91 29.45 18.94 3.54
N SER A 92 28.91 18.09 2.68
CA SER A 92 29.41 16.73 2.60
C SER A 92 29.85 16.42 1.17
N ILE A 93 30.76 15.46 1.01
CA ILE A 93 31.24 15.11 -0.30
C ILE A 93 31.27 13.60 -0.40
N ALA A 94 30.53 13.07 -1.36
CA ALA A 94 30.44 11.63 -1.55
C ALA A 94 30.77 11.21 -2.97
N GLY A 95 30.85 9.90 -3.16
CA GLY A 95 31.17 9.36 -4.48
C GLY A 95 32.02 8.10 -4.38
N SER A 96 32.10 7.38 -5.48
CA SER A 96 32.86 6.14 -5.54
C SER A 96 34.33 6.29 -5.10
N VAL A 97 34.97 5.17 -4.74
CA VAL A 97 36.38 5.22 -4.37
C VAL A 97 37.07 5.46 -5.72
N ALA A 98 38.11 6.28 -5.73
CA ALA A 98 38.85 6.59 -6.95
C ALA A 98 38.15 7.58 -7.88
N VAL A 99 37.08 8.20 -7.41
CA VAL A 99 36.38 9.17 -8.25
C VAL A 99 37.06 10.54 -8.14
N GLY A 100 37.85 10.71 -7.10
CA GLY A 100 38.54 11.98 -6.91
C GLY A 100 37.81 12.94 -5.99
N LYS A 101 37.00 12.39 -5.10
CA LYS A 101 36.24 13.21 -4.17
C LYS A 101 37.17 13.87 -3.15
N SER A 102 38.35 13.30 -2.94
CA SER A 102 39.31 13.86 -1.99
C SER A 102 39.88 15.16 -2.54
N THR A 103 40.10 15.22 -3.85
CA THR A 103 40.63 16.44 -4.44
C THR A 103 39.58 17.53 -4.36
N THR A 104 38.34 17.17 -4.66
CA THR A 104 37.24 18.14 -4.62
C THR A 104 37.09 18.77 -3.24
N ALA A 105 37.27 17.96 -2.20
CA ALA A 105 37.17 18.46 -0.84
C ALA A 105 38.31 19.44 -0.54
N ARG A 106 39.51 19.06 -0.97
CA ARG A 106 40.68 19.88 -0.73
C ARG A 106 40.61 21.27 -1.38
N VAL A 107 40.11 21.36 -2.60
CA VAL A 107 40.05 22.67 -3.22
C VAL A 107 38.87 23.47 -2.70
N LEU A 108 37.76 22.80 -2.42
CA LEU A 108 36.60 23.48 -1.89
C LEU A 108 36.99 24.10 -0.56
N GLN A 109 37.80 23.37 0.22
CA GLN A 109 38.23 23.90 1.51
C GLN A 109 39.20 25.08 1.43
N ALA A 110 40.02 25.12 0.38
CA ALA A 110 40.99 26.19 0.18
C ALA A 110 40.20 27.43 -0.24
N LEU A 111 39.30 27.25 -1.20
CA LEU A 111 38.50 28.36 -1.68
C LEU A 111 37.62 28.97 -0.59
N LEU A 112 36.80 28.14 0.03
CA LEU A 112 35.88 28.62 1.06
C LEU A 112 36.58 29.29 2.24
N SER A 113 37.88 29.05 2.34
CA SER A 113 38.69 29.59 3.43
C SER A 113 39.03 31.06 3.30
N ARG A 114 39.14 31.55 2.07
CA ARG A 114 39.48 32.95 1.85
C ARG A 114 38.58 33.69 0.89
N TRP A 115 37.53 33.05 0.39
CA TRP A 115 36.66 33.72 -0.58
C TRP A 115 35.95 34.99 -0.12
N PRO A 116 34.75 34.90 0.48
CA PRO A 116 34.22 36.23 0.85
C PRO A 116 35.07 36.85 1.92
N GLU A 117 35.31 36.09 2.97
CA GLU A 117 36.13 36.53 4.08
C GLU A 117 36.84 35.29 4.60
N HIS A 118 37.76 35.47 5.53
CA HIS A 118 38.45 34.31 6.06
C HIS A 118 37.51 33.49 6.96
N ARG A 119 37.39 32.20 6.67
CA ARG A 119 36.57 31.32 7.48
C ARG A 119 37.47 30.17 7.90
N ARG A 120 37.18 29.54 9.05
CA ARG A 120 38.02 28.42 9.50
C ARG A 120 38.03 27.33 8.41
N VAL A 121 36.95 26.54 8.35
CA VAL A 121 36.80 25.46 7.38
C VAL A 121 37.64 24.23 7.69
N GLU A 122 37.00 23.27 8.35
CA GLU A 122 37.62 22.01 8.74
C GLU A 122 37.23 20.91 7.75
N LEU A 123 38.21 20.11 7.33
CA LEU A 123 37.94 19.04 6.39
C LEU A 123 38.18 17.70 7.08
N ILE A 124 37.08 17.03 7.41
CA ILE A 124 37.14 15.72 8.06
C ILE A 124 36.82 14.63 7.06
N THR A 125 37.59 13.55 7.11
CA THR A 125 37.32 12.44 6.21
C THR A 125 36.69 11.36 7.05
N THR A 126 35.69 10.73 6.45
CA THR A 126 34.91 9.71 7.10
C THR A 126 35.63 8.39 7.38
N ASP A 127 36.71 8.13 6.65
CA ASP A 127 37.46 6.89 6.83
C ASP A 127 38.06 6.76 8.23
N GLY A 128 38.35 7.89 8.86
CA GLY A 128 38.92 7.85 10.19
C GLY A 128 37.95 7.16 11.13
N PHE A 129 36.67 7.18 10.76
CA PHE A 129 35.60 6.58 11.57
C PHE A 129 35.30 5.12 11.25
N LEU A 130 36.16 4.50 10.44
CA LEU A 130 35.97 3.10 10.11
C LEU A 130 36.26 2.30 11.36
N HIS A 131 35.70 1.11 11.42
CA HIS A 131 35.93 0.24 12.56
C HIS A 131 37.33 -0.34 12.33
N PRO A 132 38.16 -0.41 13.40
CA PRO A 132 39.50 -0.97 13.19
C PRO A 132 39.45 -2.36 12.54
N ASN A 133 40.52 -2.73 11.84
CA ASN A 133 40.59 -4.01 11.16
C ASN A 133 40.24 -5.18 12.07
N GLN A 134 40.53 -5.01 13.37
CA GLN A 134 40.25 -6.04 14.35
C GLN A 134 38.75 -6.29 14.38
N VAL A 135 37.98 -5.23 14.59
CA VAL A 135 36.52 -5.33 14.66
C VAL A 135 35.92 -5.87 13.37
N LEU A 136 36.42 -5.39 12.24
CA LEU A 136 35.91 -5.86 10.96
C LEU A 136 36.18 -7.34 10.84
N LYS A 137 37.29 -7.78 11.42
CA LYS A 137 37.69 -9.18 11.40
C LYS A 137 36.68 -10.01 12.17
N GLU A 138 36.42 -9.59 13.40
CA GLU A 138 35.49 -10.28 14.26
C GLU A 138 34.06 -10.35 13.67
N ARG A 139 33.70 -9.35 12.88
CA ARG A 139 32.38 -9.34 12.27
C ARG A 139 32.48 -9.90 10.85
N GLY A 140 33.67 -10.34 10.47
CA GLY A 140 33.87 -10.87 9.13
C GLY A 140 33.39 -9.82 8.14
N LEU A 141 33.89 -8.61 8.32
CA LEU A 141 33.47 -7.50 7.48
C LEU A 141 34.53 -6.87 6.62
N MSE A 142 35.72 -7.45 6.49
CA MSE A 142 36.62 -6.67 5.69
C MSE A 142 36.93 -7.00 4.25
O MSE A 142 38.01 -6.74 3.73
CB MSE A 142 37.86 -6.29 6.50
CG MSE A 142 38.64 -7.35 7.25
SE MSE A 142 39.87 -6.28 8.02
CE MSE A 142 41.25 -6.34 6.49
N LYS A 143 35.90 -7.53 3.60
CA LYS A 143 35.92 -7.77 2.18
C LYS A 143 34.88 -6.68 1.90
N LYS A 144 34.48 -6.01 2.98
CA LYS A 144 33.49 -4.94 2.92
C LYS A 144 33.99 -3.66 3.54
N LYS A 145 35.29 -3.38 3.45
CA LYS A 145 35.84 -2.12 3.99
C LYS A 145 35.33 -1.00 3.08
N GLY A 146 34.63 -0.03 3.67
CA GLY A 146 34.07 1.05 2.87
C GLY A 146 32.55 0.91 2.76
N PHE A 147 32.02 -0.26 3.12
CA PHE A 147 30.58 -0.47 3.09
C PHE A 147 30.03 0.27 4.29
N PRO A 148 28.74 0.61 4.26
CA PRO A 148 28.17 1.34 5.40
C PRO A 148 28.43 0.70 6.76
N GLU A 149 28.29 -0.63 6.85
CA GLU A 149 28.46 -1.35 8.12
C GLU A 149 29.87 -1.42 8.67
N SER A 150 30.86 -1.08 7.84
CA SER A 150 32.24 -1.11 8.31
C SER A 150 32.62 0.19 8.97
N TYR A 151 31.65 1.09 9.09
CA TYR A 151 31.88 2.39 9.72
C TYR A 151 31.20 2.48 11.08
N ASP A 152 31.84 3.19 11.99
CA ASP A 152 31.29 3.38 13.32
C ASP A 152 30.48 4.66 13.28
N MSE A 153 29.23 4.60 12.83
CA MSE A 153 28.54 5.86 12.81
C MSE A 153 27.89 6.41 14.04
O MSE A 153 27.51 7.58 14.06
CB MSE A 153 27.54 5.99 11.70
CG MSE A 153 27.76 7.39 11.14
SE MSE A 153 26.56 7.60 9.89
CE MSE A 153 27.61 6.87 8.29
N HIS A 154 27.73 5.59 15.07
CA HIS A 154 27.16 6.12 16.28
C HIS A 154 28.15 7.24 16.63
N ARG A 155 29.43 6.93 16.44
CA ARG A 155 30.50 7.87 16.72
C ARG A 155 30.58 9.05 15.74
N LEU A 156 30.45 8.75 14.44
CA LEU A 156 30.52 9.78 13.42
C LEU A 156 29.44 10.81 13.64
N VAL A 157 28.25 10.33 13.97
CA VAL A 157 27.10 11.20 14.22
C VAL A 157 27.29 11.99 15.51
N LYS A 158 27.78 11.33 16.55
CA LYS A 158 28.00 11.98 17.82
C LYS A 158 29.05 13.08 17.61
N PHE A 159 30.03 12.80 16.75
CA PHE A 159 31.09 13.76 16.47
C PHE A 159 30.53 15.02 15.86
N VAL A 160 29.86 14.87 14.73
CA VAL A 160 29.27 16.00 14.03
C VAL A 160 28.28 16.77 14.91
N SER A 161 27.50 16.04 15.70
CA SER A 161 26.53 16.68 16.59
C SER A 161 27.25 17.53 17.62
N ASP A 162 28.34 17.00 18.18
CA ASP A 162 29.11 17.71 19.18
C ASP A 162 29.76 18.95 18.56
N LEU A 163 30.30 18.79 17.36
CA LEU A 163 30.94 19.91 16.67
C LEU A 163 29.92 21.00 16.36
N LYS A 164 28.83 20.62 15.71
CA LYS A 164 27.79 21.57 15.37
C LYS A 164 27.23 22.27 16.62
N SER A 165 26.87 21.49 17.63
CA SER A 165 26.30 22.02 18.87
C SER A 165 27.30 22.78 19.76
N GLY A 166 28.57 22.82 19.36
CA GLY A 166 29.55 23.55 20.14
C GLY A 166 30.09 22.90 21.39
N VAL A 167 30.08 21.58 21.45
CA VAL A 167 30.59 20.87 22.62
C VAL A 167 32.09 21.14 22.77
N PRO A 168 32.55 21.31 24.02
CA PRO A 168 33.96 21.60 24.36
C PRO A 168 35.06 20.90 23.54
N ASN A 169 35.69 19.89 24.14
CA ASN A 169 36.81 19.21 23.49
C ASN A 169 36.42 18.04 22.62
N VAL A 170 36.16 18.32 21.36
CA VAL A 170 35.77 17.27 20.42
C VAL A 170 37.04 16.73 19.76
N THR A 171 37.11 15.42 19.58
CA THR A 171 38.26 14.79 18.92
C THR A 171 37.75 13.84 17.86
N ALA A 172 38.57 13.60 16.84
CA ALA A 172 38.23 12.73 15.73
C ALA A 172 39.25 11.61 15.51
N PRO A 173 38.78 10.40 15.21
CA PRO A 173 39.74 9.30 14.97
C PRO A 173 40.44 9.56 13.64
N VAL A 174 41.67 9.07 13.49
CA VAL A 174 42.40 9.27 12.25
C VAL A 174 42.75 7.95 11.59
N TYR A 175 42.67 7.89 10.26
CA TYR A 175 42.96 6.68 9.51
C TYR A 175 44.33 6.74 8.84
N SER A 176 44.98 5.59 8.72
CA SER A 176 46.30 5.50 8.09
C SER A 176 46.28 4.50 6.94
N HIS A 177 46.58 4.96 5.73
CA HIS A 177 46.58 4.08 4.57
C HIS A 177 47.81 3.18 4.51
N LEU A 178 48.83 3.54 5.28
CA LEU A 178 50.07 2.75 5.31
C LEU A 178 49.81 1.45 6.04
N ILE A 179 49.10 1.53 7.17
CA ILE A 179 48.78 0.36 7.96
C ILE A 179 47.37 -0.16 7.66
N TYR A 180 46.73 0.43 6.66
CA TYR A 180 45.38 0.03 6.24
C TYR A 180 44.42 -0.07 7.43
N ASP A 181 44.55 0.84 8.39
CA ASP A 181 43.69 0.83 9.54
C ASP A 181 43.75 2.16 10.29
N VAL A 182 42.82 2.34 11.23
CA VAL A 182 42.79 3.57 12.01
C VAL A 182 43.94 3.52 13.02
N ILE A 183 44.57 4.67 13.24
CA ILE A 183 45.69 4.80 14.14
C ILE A 183 45.24 4.64 15.59
N PRO A 184 45.69 3.54 16.25
CA PRO A 184 45.34 3.22 17.65
C PRO A 184 45.13 4.41 18.57
N ASP A 185 46.11 5.30 18.65
CA ASP A 185 45.98 6.47 19.51
C ASP A 185 46.18 7.73 18.69
N GLY A 186 45.58 7.74 17.50
CA GLY A 186 45.73 8.87 16.61
C GLY A 186 44.72 9.99 16.72
N ASP A 187 43.67 9.81 17.51
CA ASP A 187 42.65 10.83 17.67
C ASP A 187 43.24 12.25 17.72
N LYS A 188 42.60 13.18 17.04
CA LYS A 188 43.07 14.56 17.05
C LYS A 188 41.93 15.47 17.43
N THR A 189 42.22 16.54 18.17
CA THR A 189 41.16 17.47 18.57
C THR A 189 40.69 18.27 17.38
N VAL A 190 39.40 18.58 17.36
CA VAL A 190 38.83 19.37 16.28
C VAL A 190 38.16 20.60 16.88
N VAL A 191 38.68 21.77 16.52
CA VAL A 191 38.14 23.04 17.01
C VAL A 191 36.91 23.38 16.18
N GLN A 192 35.87 23.90 16.82
CA GLN A 192 34.64 24.25 16.08
C GLN A 192 34.96 25.23 14.96
N PRO A 193 34.67 24.84 13.71
CA PRO A 193 34.95 25.70 12.57
C PRO A 193 33.75 26.50 12.11
N ASP A 194 33.93 27.29 11.05
CA ASP A 194 32.85 28.10 10.49
C ASP A 194 32.16 27.21 9.49
N ILE A 195 32.94 26.32 8.89
CA ILE A 195 32.44 25.38 7.89
C ILE A 195 33.10 24.03 8.09
N LEU A 196 32.33 22.96 7.94
CA LEU A 196 32.87 21.63 8.09
C LEU A 196 32.58 20.84 6.83
N ILE A 197 33.63 20.36 6.20
CA ILE A 197 33.48 19.57 5.00
C ILE A 197 33.67 18.13 5.46
N LEU A 198 32.71 17.30 5.10
CA LEU A 198 32.71 15.90 5.49
C LEU A 198 32.81 15.06 4.24
N GLU A 199 33.92 14.36 4.09
CA GLU A 199 34.14 13.56 2.90
C GLU A 199 34.34 12.09 3.23
N GLY A 200 33.54 11.25 2.60
CA GLY A 200 33.63 9.81 2.83
C GLY A 200 32.60 9.11 1.98
N LEU A 201 32.70 7.79 1.93
CA LEU A 201 31.78 6.99 1.14
C LEU A 201 30.32 6.96 1.64
N ASN A 202 30.16 6.97 2.95
CA ASN A 202 28.85 6.86 3.57
C ASN A 202 28.16 8.15 4.00
N VAL A 203 28.59 9.31 3.49
CA VAL A 203 28.00 10.58 3.93
C VAL A 203 26.57 10.88 3.49
N LEU A 204 26.00 10.05 2.61
CA LEU A 204 24.66 10.28 2.11
C LEU A 204 23.69 9.22 2.62
N GLN A 205 24.20 8.22 3.31
CA GLN A 205 23.40 7.14 3.87
C GLN A 205 22.26 7.72 4.70
N SER A 206 21.11 7.04 4.72
CA SER A 206 19.94 7.45 5.50
C SER A 206 18.91 6.32 5.65
N GLY A 207 17.81 6.59 6.37
CA GLY A 207 16.77 5.58 6.57
C GLY A 207 16.27 4.90 5.31
N MSE A 208 16.19 5.66 4.21
CA MSE A 208 15.73 5.14 2.92
C MSE A 208 16.55 3.92 2.57
O MSE A 208 16.06 2.98 1.95
CB MSE A 208 15.98 6.15 1.81
CG MSE A 208 14.77 6.91 1.33
SE MSE A 208 15.53 7.92 0.06
CE MSE A 208 16.05 9.50 1.28
N ASP A 209 17.83 3.97 2.93
CA ASP A 209 18.75 2.89 2.66
C ASP A 209 18.38 1.71 3.54
N TYR A 210 17.68 0.76 2.96
CA TYR A 210 17.24 -0.42 3.69
C TYR A 210 16.34 0.04 4.87
N PRO A 211 15.00 -0.05 4.69
CA PRO A 211 13.99 0.32 5.68
C PRO A 211 13.61 -0.80 6.66
N HIS A 212 14.42 -0.91 7.73
CA HIS A 212 14.23 -1.90 8.79
C HIS A 212 14.71 -1.18 10.03
N ASP A 213 13.76 -0.60 10.74
CA ASP A 213 14.03 0.20 11.92
C ASP A 213 14.85 1.36 11.38
N PRO A 214 14.43 1.92 10.22
CA PRO A 214 15.22 3.04 9.70
C PRO A 214 15.09 4.19 10.70
N HIS A 215 14.59 3.84 11.88
CA HIS A 215 14.39 4.77 12.98
C HIS A 215 15.71 5.01 13.70
N HIS A 216 16.75 5.24 12.92
CA HIS A 216 18.08 5.53 13.44
C HIS A 216 18.46 6.91 12.91
N VAL A 217 19.55 7.44 13.44
CA VAL A 217 20.04 8.74 13.01
C VAL A 217 21.31 8.53 12.20
N PHE A 218 21.41 9.27 11.09
CA PHE A 218 22.56 9.17 10.21
C PHE A 218 23.23 10.52 10.13
N VAL A 219 24.51 10.50 9.78
CA VAL A 219 25.26 11.74 9.68
C VAL A 219 24.65 12.66 8.62
N SER A 220 24.10 12.07 7.57
CA SER A 220 23.47 12.84 6.50
C SER A 220 22.36 13.77 6.98
N ASP A 221 21.85 13.55 8.19
CA ASP A 221 20.78 14.39 8.73
C ASP A 221 21.29 15.70 9.31
N PHE A 222 22.61 15.83 9.40
CA PHE A 222 23.21 17.06 9.92
C PHE A 222 23.81 17.91 8.81
N VAL A 223 23.87 17.34 7.60
CA VAL A 223 24.41 18.03 6.45
C VAL A 223 23.46 19.08 5.87
N ASP A 224 24.03 20.23 5.49
CA ASP A 224 23.27 21.33 4.92
C ASP A 224 23.28 21.29 3.41
N PHE A 225 24.42 20.89 2.84
CA PHE A 225 24.60 20.79 1.38
C PHE A 225 25.45 19.54 1.11
N SER A 226 25.02 18.73 0.14
CA SER A 226 25.76 17.53 -0.19
C SER A 226 26.19 17.53 -1.66
N ILE A 227 27.44 17.14 -1.89
CA ILE A 227 27.99 17.09 -3.24
C ILE A 227 28.34 15.65 -3.58
N TYR A 228 27.94 15.20 -4.77
CA TYR A 228 28.24 13.85 -5.18
C TYR A 228 29.15 13.87 -6.43
N VAL A 229 30.38 13.38 -6.29
CA VAL A 229 31.31 13.35 -7.42
C VAL A 229 30.97 12.07 -8.20
N ASP A 230 30.61 12.26 -9.46
CA ASP A 230 30.17 11.17 -10.32
C ASP A 230 31.00 10.86 -11.56
N ALA A 231 31.04 9.59 -11.93
CA ALA A 231 31.78 9.12 -13.09
C ALA A 231 31.28 7.72 -13.47
N PRO A 232 31.15 7.44 -14.78
CA PRO A 232 30.68 6.12 -15.24
C PRO A 232 31.49 4.95 -14.66
N GLU A 233 30.82 3.83 -14.45
CA GLU A 233 31.45 2.62 -13.90
C GLU A 233 32.74 2.22 -14.58
N ASP A 234 32.73 2.24 -15.92
CA ASP A 234 33.91 1.83 -16.69
C ASP A 234 35.12 2.74 -16.44
N LEU A 235 34.88 4.03 -16.32
CA LEU A 235 35.95 5.00 -16.05
C LEU A 235 36.50 4.78 -14.63
N LEU A 236 35.60 4.61 -13.68
CA LEU A 236 36.01 4.39 -12.29
C LEU A 236 36.86 3.12 -12.17
N GLN A 237 36.56 2.10 -12.96
CA GLN A 237 37.33 0.88 -12.89
C GLN A 237 38.77 1.14 -13.31
N THR A 238 38.97 1.70 -14.50
CA THR A 238 40.34 1.97 -14.95
C THR A 238 41.03 3.00 -14.06
N TRP A 239 40.29 3.96 -13.51
CA TRP A 239 40.90 4.96 -12.64
C TRP A 239 41.42 4.26 -11.40
N TYR A 240 40.65 3.29 -10.90
CA TYR A 240 41.04 2.55 -9.72
C TYR A 240 42.31 1.76 -10.01
N ILE A 241 42.31 1.06 -11.13
CA ILE A 241 43.46 0.24 -11.51
C ILE A 241 44.70 1.09 -11.70
N ASN A 242 44.58 2.17 -12.45
CA ASN A 242 45.71 3.07 -12.69
C ASN A 242 46.24 3.65 -11.39
N ARG A 243 45.33 4.07 -10.53
CA ARG A 243 45.72 4.63 -9.24
C ARG A 243 46.48 3.57 -8.45
N PHE A 244 46.02 2.33 -8.55
CA PHE A 244 46.65 1.22 -7.86
C PHE A 244 48.09 1.08 -8.31
N LEU A 245 48.30 1.19 -9.61
CA LEU A 245 49.63 1.08 -10.21
C LEU A 245 50.58 2.16 -9.69
N LYS A 246 50.04 3.33 -9.38
CA LYS A 246 50.84 4.44 -8.86
C LYS A 246 51.17 4.16 -7.40
N PHE A 247 50.27 3.48 -6.69
CA PHE A 247 50.51 3.15 -5.30
C PHE A 247 51.68 2.18 -5.31
N ARG A 248 51.70 1.33 -6.33
CA ARG A 248 52.75 0.34 -6.48
C ARG A 248 54.09 1.03 -6.53
N GLU A 249 54.12 2.21 -7.13
CA GLU A 249 55.34 2.99 -7.28
C GLU A 249 55.63 3.88 -6.07
N GLY A 250 54.63 4.10 -5.23
CA GLY A 250 54.84 4.95 -4.07
C GLY A 250 54.52 4.31 -2.74
N ALA A 251 53.34 4.59 -2.22
CA ALA A 251 52.90 4.04 -0.94
C ALA A 251 53.22 2.55 -0.70
N PHE A 252 53.06 1.72 -1.73
CA PHE A 252 53.33 0.29 -1.55
C PHE A 252 54.80 -0.05 -1.40
N THR A 253 55.70 0.84 -1.82
CA THR A 253 57.13 0.57 -1.72
C THR A 253 57.65 0.65 -0.29
N ASP A 254 56.82 1.12 0.62
CA ASP A 254 57.23 1.23 2.02
C ASP A 254 57.12 -0.16 2.65
N PRO A 255 58.24 -0.69 3.17
CA PRO A 255 58.28 -2.02 3.80
C PRO A 255 57.26 -2.24 4.90
N ASP A 256 56.76 -1.14 5.47
CA ASP A 256 55.75 -1.22 6.54
C ASP A 256 54.34 -1.11 5.97
N SER A 257 54.23 -0.96 4.65
CA SER A 257 52.93 -0.86 4.03
C SER A 257 52.18 -2.17 4.19
N TYR A 258 50.90 -2.04 4.53
CA TYR A 258 50.05 -3.20 4.70
C TYR A 258 50.00 -3.94 3.37
N PHE A 259 50.26 -3.23 2.27
CA PHE A 259 50.22 -3.84 0.95
C PHE A 259 51.58 -3.88 0.25
N HIS A 260 52.65 -3.88 1.04
CA HIS A 260 53.98 -3.89 0.49
C HIS A 260 54.16 -4.99 -0.56
N ASN A 261 53.59 -6.16 -0.30
CA ASN A 261 53.74 -7.28 -1.23
C ASN A 261 53.23 -6.95 -2.63
N TYR A 262 52.38 -5.94 -2.71
CA TYR A 262 51.82 -5.52 -4.00
C TYR A 262 52.84 -4.78 -4.82
N ALA A 263 53.89 -4.30 -4.15
CA ALA A 263 54.97 -3.56 -4.80
C ALA A 263 55.78 -4.54 -5.66
N LYS A 264 55.83 -5.79 -5.22
CA LYS A 264 56.58 -6.84 -5.91
C LYS A 264 55.88 -7.47 -7.10
N LEU A 265 54.57 -7.27 -7.22
CA LEU A 265 53.83 -7.85 -8.35
C LEU A 265 54.32 -7.29 -9.68
N THR A 266 54.29 -8.12 -10.71
CA THR A 266 54.69 -7.64 -12.03
C THR A 266 53.59 -6.64 -12.37
N LYS A 267 53.75 -5.88 -13.45
CA LYS A 267 52.73 -4.92 -13.82
C LYS A 267 51.42 -5.62 -14.24
N GLU A 268 51.53 -6.82 -14.81
CA GLU A 268 50.33 -7.53 -15.25
C GLU A 268 49.59 -8.18 -14.08
N GLU A 269 50.33 -8.58 -13.04
CA GLU A 269 49.71 -9.19 -11.87
C GLU A 269 48.99 -8.09 -11.11
N ALA A 270 49.61 -6.93 -11.07
CA ALA A 270 49.04 -5.79 -10.37
C ALA A 270 47.70 -5.43 -10.99
N ILE A 271 47.66 -5.38 -12.31
CA ILE A 271 46.43 -5.05 -13.01
C ILE A 271 45.37 -6.09 -12.65
N LYS A 272 45.76 -7.35 -12.67
CA LYS A 272 44.86 -8.45 -12.35
C LYS A 272 44.35 -8.28 -10.91
N THR A 273 45.28 -8.01 -9.98
CA THR A 273 44.96 -7.82 -8.56
C THR A 273 44.05 -6.63 -8.34
N ALA A 274 44.31 -5.56 -9.08
CA ALA A 274 43.53 -4.34 -8.97
C ALA A 274 42.09 -4.55 -9.45
N MSE A 275 41.91 -5.32 -10.53
CA MSE A 275 40.57 -5.56 -11.07
C MSE A 275 39.69 -6.36 -10.12
O MSE A 275 38.55 -5.99 -9.87
CB MSE A 275 40.60 -6.33 -12.39
CG MSE A 275 39.78 -5.66 -13.48
SE MSE A 275 39.96 -6.79 -14.85
CE MSE A 275 41.66 -5.98 -15.72
N THR A 276 40.22 -7.47 -9.59
CA THR A 276 39.42 -8.27 -8.67
C THR A 276 39.12 -7.48 -7.39
N LEU A 277 39.99 -6.54 -7.03
CA LEU A 277 39.79 -5.75 -5.83
C LEU A 277 38.63 -4.80 -6.08
N TRP A 278 38.58 -4.28 -7.30
CA TRP A 278 37.52 -3.35 -7.69
C TRP A 278 36.21 -4.09 -7.88
N LYS A 279 36.22 -5.10 -8.74
CA LYS A 279 35.05 -5.91 -9.06
C LYS A 279 34.39 -6.60 -7.87
N GLU A 280 35.20 -7.19 -7.00
CA GLU A 280 34.67 -7.91 -5.84
C GLU A 280 34.36 -7.10 -4.62
N ILE A 281 34.90 -5.89 -4.49
CA ILE A 281 34.64 -5.06 -3.32
C ILE A 281 34.05 -3.66 -3.59
N ASN A 282 34.87 -2.79 -4.16
CA ASN A 282 34.45 -1.43 -4.42
C ASN A 282 33.30 -1.30 -5.40
N TRP A 283 33.25 -2.19 -6.37
CA TRP A 283 32.17 -2.16 -7.36
C TRP A 283 30.84 -2.49 -6.68
N LEU A 284 30.85 -3.51 -5.82
CA LEU A 284 29.66 -3.89 -5.08
C LEU A 284 29.15 -2.68 -4.32
N ASN A 285 30.03 -2.13 -3.50
CA ASN A 285 29.73 -0.96 -2.69
C ASN A 285 29.11 0.09 -3.61
N LEU A 286 29.75 0.32 -4.75
CA LEU A 286 29.28 1.29 -5.73
C LEU A 286 27.80 1.07 -6.03
N LYS A 287 27.51 -0.04 -6.68
CA LYS A 287 26.16 -0.39 -7.07
C LYS A 287 25.18 -0.46 -5.91
N GLN A 288 25.57 -1.16 -4.85
CA GLN A 288 24.71 -1.35 -3.69
C GLN A 288 24.39 -0.14 -2.81
N ASN A 289 25.42 0.53 -2.33
CA ASN A 289 25.22 1.64 -1.42
C ASN A 289 25.55 3.05 -1.90
N ILE A 290 26.28 3.17 -3.00
CA ILE A 290 26.64 4.51 -3.46
C ILE A 290 25.74 5.06 -4.56
N LEU A 291 25.68 4.37 -5.69
CA LEU A 291 24.84 4.84 -6.79
C LEU A 291 23.46 5.26 -6.31
N PRO A 292 22.78 4.40 -5.55
CA PRO A 292 21.44 4.74 -5.05
C PRO A 292 21.32 6.11 -4.38
N THR A 293 22.40 6.59 -3.78
CA THR A 293 22.38 7.89 -3.11
C THR A 293 22.60 9.07 -4.03
N ARG A 294 23.13 8.80 -5.22
CA ARG A 294 23.44 9.86 -6.19
C ARG A 294 22.37 10.90 -6.39
N GLU A 295 21.15 10.45 -6.67
CA GLU A 295 20.04 11.37 -6.92
C GLU A 295 19.45 12.03 -5.68
N ARG A 296 20.18 12.00 -4.57
CA ARG A 296 19.71 12.62 -3.34
C ARG A 296 20.57 13.83 -3.02
N ALA A 297 21.68 13.97 -3.72
CA ALA A 297 22.61 15.06 -3.49
C ALA A 297 22.09 16.41 -3.93
N SER A 298 22.52 17.46 -3.23
CA SER A 298 22.11 18.81 -3.57
C SER A 298 22.78 19.17 -4.90
N LEU A 299 23.96 18.60 -5.12
CA LEU A 299 24.70 18.85 -6.36
C LEU A 299 25.43 17.57 -6.81
N ILE A 300 25.50 17.39 -8.12
CA ILE A 300 26.17 16.24 -8.69
C ILE A 300 27.16 16.76 -9.74
N LEU A 301 28.43 16.36 -9.61
CA LEU A 301 29.45 16.75 -10.57
C LEU A 301 29.88 15.49 -11.32
N THR A 302 29.66 15.51 -12.64
CA THR A 302 30.01 14.38 -13.49
C THR A 302 31.31 14.64 -14.29
N LYS A 303 32.30 13.79 -14.08
CA LYS A 303 33.59 13.91 -14.76
C LYS A 303 33.71 13.00 -15.95
N SER A 304 34.58 13.35 -16.88
CA SER A 304 34.78 12.53 -18.07
C SER A 304 36.09 11.74 -17.99
N ALA A 305 36.55 11.25 -19.14
CA ALA A 305 37.78 10.47 -19.20
C ALA A 305 39.01 11.27 -18.77
N ASN A 306 38.95 12.58 -18.94
CA ASN A 306 40.06 13.45 -18.58
C ASN A 306 39.97 13.95 -17.13
N HIS A 307 39.11 13.33 -16.34
CA HIS A 307 38.92 13.71 -14.94
C HIS A 307 38.34 15.10 -14.75
N ALA A 308 37.81 15.69 -15.82
CA ALA A 308 37.23 17.02 -15.72
C ALA A 308 35.70 16.94 -15.67
N VAL A 309 35.09 17.87 -14.94
CA VAL A 309 33.63 17.91 -14.82
C VAL A 309 33.04 18.53 -16.10
N GLU A 310 32.38 17.71 -16.91
CA GLU A 310 31.75 18.17 -18.15
C GLU A 310 30.26 18.39 -17.97
N GLU A 311 29.75 18.06 -16.78
CA GLU A 311 28.33 18.22 -16.50
C GLU A 311 28.00 18.40 -15.02
N VAL A 312 27.09 19.34 -14.74
CA VAL A 312 26.68 19.63 -13.38
C VAL A 312 25.15 19.58 -13.25
N ARG A 313 24.69 18.95 -12.18
CA ARG A 313 23.26 18.83 -11.93
C ARG A 313 22.97 19.41 -10.57
N LEU A 314 22.11 20.42 -10.54
CA LEU A 314 21.74 21.06 -9.29
C LEU A 314 20.28 20.75 -8.94
N ARG A 315 20.07 20.23 -7.74
CA ARG A 315 18.73 19.89 -7.28
C ARG A 315 17.98 21.17 -6.96
N LYS A 316 16.91 21.46 -7.71
CA LYS A 316 16.14 22.67 -7.46
C LYS A 316 15.42 22.59 -6.13
N LEU B 8 22.80 14.03 21.94
CA LEU B 8 22.73 14.35 20.48
C LEU B 8 22.01 15.69 20.25
N MSE B 9 22.46 16.46 19.26
CA MSE B 9 21.80 17.74 19.01
C MSE B 9 20.47 17.59 18.32
O MSE B 9 20.29 16.72 17.46
CB MSE B 9 22.66 18.70 18.15
CG MSE B 9 21.84 19.34 17.00
SE MSE B 9 22.93 20.46 16.15
CE MSE B 9 22.46 22.09 17.32
N THR B 10 19.51 18.44 18.71
CA THR B 10 18.19 18.43 18.09
C THR B 10 18.00 19.74 17.33
N PRO B 11 17.38 19.65 16.14
CA PRO B 11 17.09 20.77 15.23
C PRO B 11 15.96 21.71 15.62
N TYR B 12 15.17 21.31 16.62
CA TYR B 12 14.03 22.13 17.05
C TYR B 12 14.17 22.83 18.37
N LEU B 13 13.62 24.04 18.42
CA LEU B 13 13.61 24.87 19.61
C LEU B 13 12.23 24.63 20.20
N GLN B 14 12.17 24.33 21.48
CA GLN B 14 10.88 24.05 22.11
C GLN B 14 10.39 25.12 23.07
N PHE B 15 9.12 25.49 22.94
CA PHE B 15 8.52 26.48 23.82
C PHE B 15 7.21 25.91 24.32
N ASP B 16 6.77 26.36 25.49
CA ASP B 16 5.49 25.91 26.00
C ASP B 16 4.58 27.11 25.75
N ARG B 17 3.31 27.03 26.13
CA ARG B 17 2.41 28.13 25.89
C ARG B 17 2.87 29.51 26.33
N ASN B 18 3.29 29.64 27.58
CA ASN B 18 3.73 30.95 28.08
C ASN B 18 4.92 31.53 27.34
N GLN B 19 5.87 30.67 26.98
CA GLN B 19 7.07 31.11 26.29
C GLN B 19 6.77 31.55 24.89
N TRP B 20 5.97 30.77 24.19
CA TRP B 20 5.59 31.11 22.83
C TRP B 20 4.75 32.39 22.88
N ALA B 21 3.71 32.37 23.70
CA ALA B 21 2.82 33.52 23.85
C ALA B 21 3.60 34.81 24.08
N ALA B 22 4.61 34.73 24.94
CA ALA B 22 5.43 35.90 25.27
C ALA B 22 6.09 36.48 24.02
N LEU B 23 6.11 35.72 22.93
CA LEU B 23 6.73 36.19 21.70
C LEU B 23 5.80 36.98 20.77
N ARG B 24 4.59 37.29 21.24
CA ARG B 24 3.59 38.02 20.47
C ARG B 24 4.03 39.46 20.37
N ASP B 25 4.76 39.89 21.40
CA ASP B 25 5.26 41.25 21.43
C ASP B 25 4.10 42.23 21.29
N SER B 26 4.15 43.11 20.30
CA SER B 26 3.07 44.06 20.15
C SER B 26 2.16 43.88 18.93
N VAL B 27 2.20 42.73 18.27
CA VAL B 27 1.29 42.57 17.12
C VAL B 27 -0.08 42.74 17.76
N PRO B 28 -0.92 43.61 17.20
CA PRO B 28 -2.25 43.82 17.77
C PRO B 28 -3.20 42.85 17.16
N MSE B 29 -4.34 42.60 17.77
CA MSE B 29 -5.14 41.77 16.96
C MSE B 29 -6.26 42.40 16.20
O MSE B 29 -7.00 43.26 16.67
CB MSE B 29 -5.59 40.47 17.57
CG MSE B 29 -7.02 40.35 17.83
SE MSE B 29 -6.92 38.66 18.27
CE MSE B 29 -7.20 38.08 16.31
N THR B 30 -6.33 41.89 14.98
CA THR B 30 -7.21 42.30 13.94
C THR B 30 -8.44 41.39 13.75
N LEU B 31 -8.96 40.84 14.84
CA LEU B 31 -10.14 39.97 14.76
C LEU B 31 -11.06 40.10 15.98
N SER B 32 -12.37 40.07 15.76
CA SER B 32 -13.31 40.16 16.87
C SER B 32 -13.65 38.72 17.28
N GLU B 33 -14.13 38.53 18.49
CA GLU B 33 -14.49 37.18 18.93
C GLU B 33 -15.49 36.55 17.98
N ASP B 34 -16.39 37.37 17.44
CA ASP B 34 -17.42 36.89 16.54
C ASP B 34 -16.79 36.34 15.28
N GLU B 35 -15.78 37.05 14.77
CA GLU B 35 -15.12 36.61 13.55
C GLU B 35 -14.41 35.30 13.79
N ILE B 36 -13.81 35.17 14.98
CA ILE B 36 -13.06 33.98 15.35
C ILE B 36 -13.97 32.75 15.42
N ALA B 37 -15.05 32.87 16.18
CA ALA B 37 -16.02 31.80 16.34
C ALA B 37 -16.51 31.26 14.99
N ARG B 38 -16.65 32.13 13.98
CA ARG B 38 -17.09 31.71 12.65
C ARG B 38 -16.04 30.87 11.94
N LEU B 39 -14.81 30.91 12.44
CA LEU B 39 -13.72 30.17 11.82
C LEU B 39 -13.56 28.76 12.37
N LYS B 40 -14.21 28.48 13.50
CA LYS B 40 -14.14 27.16 14.12
C LYS B 40 -14.60 26.06 13.16
N GLY B 41 -13.96 24.90 13.27
CA GLY B 41 -14.33 23.77 12.42
C GLY B 41 -15.19 22.83 13.25
N ILE B 42 -15.74 21.79 12.62
CA ILE B 42 -16.58 20.85 13.36
C ILE B 42 -15.76 20.17 14.42
N ASN B 43 -16.29 20.18 15.66
CA ASN B 43 -15.61 19.55 16.79
C ASN B 43 -14.23 20.13 17.03
N GLU B 44 -14.10 21.42 16.75
CA GLU B 44 -12.82 22.10 16.90
C GLU B 44 -13.04 23.44 17.61
N ASP B 45 -12.46 23.60 18.79
CA ASP B 45 -12.63 24.85 19.52
C ASP B 45 -11.51 25.84 19.30
N LEU B 46 -11.89 27.10 19.12
CA LEU B 46 -10.94 28.19 18.87
C LEU B 46 -11.29 29.42 19.71
N SER B 47 -10.50 29.68 20.72
CA SER B 47 -10.75 30.82 21.58
C SER B 47 -9.93 32.05 21.21
N LEU B 48 -10.32 33.18 21.77
CA LEU B 48 -9.64 34.42 21.51
C LEU B 48 -8.25 34.37 22.14
N GLU B 49 -8.11 33.60 23.22
CA GLU B 49 -6.81 33.48 23.88
C GLU B 49 -5.90 32.59 23.05
N GLU B 50 -6.49 31.66 22.31
CA GLU B 50 -5.71 30.77 21.46
C GLU B 50 -5.12 31.59 20.31
N VAL B 51 -5.94 32.49 19.78
CA VAL B 51 -5.52 33.36 18.68
C VAL B 51 -4.39 34.28 19.14
N ALA B 52 -4.59 34.95 20.28
CA ALA B 52 -3.60 35.88 20.80
C ALA B 52 -2.29 35.24 21.29
N GLU B 53 -2.40 34.11 21.97
CA GLU B 53 -1.24 33.41 22.50
C GLU B 53 -0.50 32.54 21.50
N ILE B 54 -1.23 31.88 20.61
CA ILE B 54 -0.61 31.01 19.64
C ILE B 54 -0.43 31.62 18.27
N TYR B 55 -1.52 32.10 17.66
CA TYR B 55 -1.43 32.64 16.31
C TYR B 55 -0.83 34.03 16.11
N LEU B 56 -0.84 34.87 17.13
CA LEU B 56 -0.26 36.18 16.95
C LEU B 56 1.28 36.07 16.91
N PRO B 57 1.88 35.31 17.87
CA PRO B 57 3.33 35.21 17.78
C PRO B 57 3.73 34.59 16.44
N LEU B 58 2.92 33.66 15.94
CA LEU B 58 3.20 33.01 14.67
C LEU B 58 3.09 34.01 13.55
N SER B 59 2.12 34.92 13.67
CA SER B 59 1.92 35.94 12.65
C SER B 59 3.21 36.75 12.56
N ARG B 60 3.75 37.12 13.72
CA ARG B 60 4.97 37.90 13.82
C ARG B 60 6.13 37.23 13.09
N LEU B 61 6.49 36.05 13.55
CA LEU B 61 7.58 35.30 12.94
C LEU B 61 7.35 35.23 11.44
N LEU B 62 6.22 34.64 11.06
CA LEU B 62 5.87 34.49 9.65
C LEU B 62 6.09 35.80 8.90
N ASN B 63 5.73 36.90 9.53
CA ASN B 63 5.88 38.23 8.92
C ASN B 63 7.34 38.66 8.75
N PHE B 64 8.19 38.31 9.71
CA PHE B 64 9.61 38.64 9.64
C PHE B 64 10.18 37.95 8.41
N TYR B 65 9.85 36.67 8.27
CA TYR B 65 10.32 35.85 7.15
C TYR B 65 9.93 36.40 5.79
N ILE B 66 8.71 36.91 5.69
CA ILE B 66 8.16 37.46 4.45
C ILE B 66 8.82 38.77 4.05
N SER B 67 8.95 39.69 5.01
CA SER B 67 9.56 40.97 4.71
C SER B 67 11.06 40.84 4.48
N SER B 68 11.63 39.69 4.85
CA SER B 68 13.07 39.49 4.67
C SER B 68 13.35 38.59 3.47
N ASN B 69 12.49 38.68 2.46
CA ASN B 69 12.60 37.89 1.24
C ASN B 69 13.54 36.70 1.39
N LEU B 70 13.25 35.88 2.39
CA LEU B 70 14.05 34.71 2.62
C LEU B 70 13.13 33.57 2.27
N ARG B 71 13.19 33.17 0.99
CA ARG B 71 12.35 32.12 0.47
C ARG B 71 13.17 30.90 0.08
N ARG B 72 12.47 29.77 -0.07
CA ARG B 72 13.11 28.52 -0.41
C ARG B 72 13.74 28.51 -1.80
N GLN B 73 13.37 29.50 -2.63
CA GLN B 73 13.94 29.58 -3.98
C GLN B 73 14.73 30.86 -4.21
N ALA B 74 15.01 31.59 -3.13
CA ALA B 74 15.76 32.85 -3.20
C ALA B 74 17.22 32.68 -3.65
N VAL B 75 17.96 31.76 -3.03
CA VAL B 75 19.37 31.54 -3.36
C VAL B 75 19.59 31.20 -4.82
N LEU B 76 18.79 30.29 -5.35
CA LEU B 76 18.91 29.89 -6.74
C LEU B 76 18.64 31.08 -7.65
N GLU B 77 17.59 31.83 -7.35
CA GLU B 77 17.24 32.99 -8.16
C GLU B 77 18.47 33.89 -8.24
N GLN B 78 19.01 34.30 -7.09
CA GLN B 78 20.19 35.16 -7.07
C GLN B 78 21.38 34.52 -7.77
N PHE B 79 21.51 33.20 -7.63
CA PHE B 79 22.62 32.51 -8.26
C PHE B 79 22.55 32.48 -9.78
N LEU B 80 21.35 32.59 -10.34
CA LEU B 80 21.19 32.57 -11.79
C LEU B 80 20.68 33.94 -12.21
N GLY B 81 19.49 34.24 -11.70
CA GLY B 81 18.81 35.49 -12.03
C GLY B 81 17.51 35.77 -11.30
N THR B 82 17.56 36.88 -10.52
CA THR B 82 16.46 37.37 -9.70
C THR B 82 15.31 38.05 -10.47
N ASN B 83 15.47 38.28 -11.76
CA ASN B 83 14.28 38.69 -12.53
C ASN B 83 13.43 39.87 -12.01
N GLY B 84 12.16 39.52 -11.78
CA GLY B 84 11.17 40.46 -11.29
C GLY B 84 10.55 40.15 -9.94
N GLN B 85 10.70 38.92 -9.46
CA GLN B 85 10.15 38.59 -8.15
C GLN B 85 8.66 38.87 -8.04
N ARG B 86 8.31 39.60 -6.99
CA ARG B 86 6.92 39.91 -6.73
C ARG B 86 6.31 38.53 -6.39
N ILE B 87 7.18 37.50 -6.32
CA ILE B 87 6.78 36.12 -6.05
C ILE B 87 5.98 35.90 -4.74
N PRO B 88 4.81 35.22 -4.84
CA PRO B 88 3.96 34.96 -3.66
C PRO B 88 4.68 34.13 -2.61
N TYR B 89 4.37 34.38 -1.35
CA TYR B 89 4.97 33.63 -0.26
C TYR B 89 4.08 32.40 -0.09
N ILE B 90 4.69 31.22 -0.04
CA ILE B 90 3.96 29.97 0.10
C ILE B 90 4.11 29.33 1.47
N ILE B 91 2.98 29.14 2.15
CA ILE B 91 2.95 28.51 3.47
C ILE B 91 2.13 27.23 3.32
N SER B 92 2.56 26.15 3.97
CA SER B 92 1.80 24.91 3.89
C SER B 92 1.33 24.51 5.27
N ILE B 93 0.25 23.75 5.35
CA ILE B 93 -0.28 23.29 6.63
C ILE B 93 -0.62 21.82 6.52
N ALA B 94 0.07 21.01 7.32
CA ALA B 94 -0.11 19.56 7.31
C ALA B 94 -0.49 18.97 8.66
N GLY B 95 -0.81 17.68 8.65
CA GLY B 95 -1.19 17.00 9.87
C GLY B 95 -2.30 15.98 9.61
N SER B 96 -2.52 15.11 10.58
CA SER B 96 -3.53 14.05 10.52
C SER B 96 -4.95 14.55 10.20
N VAL B 97 -5.79 13.64 9.67
CA VAL B 97 -7.17 14.01 9.42
C VAL B 97 -7.75 14.17 10.82
N ALA B 98 -8.62 15.16 11.01
CA ALA B 98 -9.26 15.41 12.30
C ALA B 98 -8.36 16.13 13.32
N VAL B 99 -7.15 16.52 12.92
CA VAL B 99 -6.27 17.22 13.85
C VAL B 99 -6.68 18.71 14.00
N GLY B 100 -7.45 19.20 13.03
CA GLY B 100 -7.89 20.58 13.05
C GLY B 100 -7.02 21.53 12.25
N LYS B 101 -6.33 20.98 11.24
CA LYS B 101 -5.45 21.78 10.41
C LYS B 101 -6.24 22.77 9.54
N SER B 102 -7.52 22.48 9.32
CA SER B 102 -8.38 23.35 8.52
C SER B 102 -8.70 24.65 9.28
N THR B 103 -8.82 24.55 10.60
CA THR B 103 -9.10 25.74 11.40
C THR B 103 -7.84 26.62 11.48
N THR B 104 -6.69 25.99 11.65
CA THR B 104 -5.41 26.70 11.68
C THR B 104 -5.18 27.49 10.39
N ALA B 105 -5.55 26.90 9.25
CA ALA B 105 -5.38 27.56 7.95
C ALA B 105 -6.31 28.76 7.83
N ARG B 106 -7.55 28.59 8.27
CA ARG B 106 -8.54 29.65 8.21
C ARG B 106 -8.16 30.87 9.03
N VAL B 107 -7.63 30.68 10.24
CA VAL B 107 -7.29 31.84 11.06
C VAL B 107 -5.97 32.47 10.64
N LEU B 108 -5.07 31.65 10.15
CA LEU B 108 -3.80 32.16 9.71
C LEU B 108 -4.09 33.06 8.53
N GLN B 109 -5.03 32.64 7.68
CA GLN B 109 -5.38 33.43 6.51
C GLN B 109 -6.10 34.74 6.84
N ALA B 110 -6.85 34.74 7.93
CA ALA B 110 -7.58 35.93 8.33
C ALA B 110 -6.59 36.94 8.89
N LEU B 111 -5.66 36.46 9.71
CA LEU B 111 -4.66 37.33 10.33
C LEU B 111 -3.67 37.87 9.32
N LEU B 112 -3.12 37.00 8.49
CA LEU B 112 -2.13 37.45 7.53
C LEU B 112 -2.70 38.42 6.52
N SER B 113 -4.03 38.44 6.42
CA SER B 113 -4.75 39.32 5.50
C SER B 113 -4.79 40.77 5.88
N ARG B 114 -4.77 41.07 7.18
CA ARG B 114 -4.83 42.45 7.62
C ARG B 114 -3.77 42.85 8.65
N TRP B 115 -2.84 41.95 8.95
CA TRP B 115 -1.84 42.26 9.97
C TRP B 115 -0.91 43.42 9.68
N PRO B 116 0.23 43.21 8.98
CA PRO B 116 1.02 44.44 8.80
C PRO B 116 0.30 45.41 7.86
N GLU B 117 -0.14 44.87 6.73
CA GLU B 117 -0.86 45.62 5.74
C GLU B 117 -1.81 44.63 5.09
N HIS B 118 -2.72 45.12 4.25
CA HIS B 118 -3.63 44.22 3.59
C HIS B 118 -2.90 43.41 2.52
N ARG B 119 -3.03 42.10 2.59
CA ARG B 119 -2.42 41.22 1.61
C ARG B 119 -3.56 40.35 1.07
N ARG B 120 -3.42 39.85 -0.14
CA ARG B 120 -4.46 38.99 -0.70
C ARG B 120 -4.65 37.77 0.20
N VAL B 121 -3.77 36.79 0.08
CA VAL B 121 -3.84 35.56 0.89
C VAL B 121 -4.91 34.59 0.41
N GLU B 122 -4.48 33.61 -0.38
CA GLU B 122 -5.34 32.59 -0.93
C GLU B 122 -5.14 31.31 -0.12
N LEU B 123 -6.25 30.64 0.20
CA LEU B 123 -6.19 29.40 0.96
C LEU B 123 -6.68 28.27 0.07
N ILE B 124 -5.76 27.42 -0.37
CA ILE B 124 -6.09 26.29 -1.23
C ILE B 124 -5.96 25.01 -0.43
N THR B 125 -6.92 24.11 -0.59
CA THR B 125 -6.87 22.85 0.10
C THR B 125 -6.47 21.82 -0.91
N THR B 126 -5.61 20.93 -0.48
CA THR B 126 -5.06 19.90 -1.33
C THR B 126 -6.04 18.80 -1.74
N ASP B 127 -7.15 18.65 -1.01
CA ASP B 127 -8.12 17.62 -1.33
C ASP B 127 -8.77 17.84 -2.69
N GLY B 128 -8.84 19.09 -3.13
CA GLY B 128 -9.45 19.35 -4.43
C GLY B 128 -8.64 18.64 -5.51
N PHE B 129 -7.37 18.38 -5.20
CA PHE B 129 -6.47 17.71 -6.14
C PHE B 129 -6.43 16.20 -6.06
N LEU B 130 -7.39 15.61 -5.34
CA LEU B 130 -7.47 14.17 -5.23
C LEU B 130 -7.95 13.66 -6.59
N HIS B 131 -7.65 12.39 -6.86
CA HIS B 131 -8.10 11.77 -8.09
C HIS B 131 -9.57 11.45 -7.86
N PRO B 132 -10.43 11.70 -8.86
CA PRO B 132 -11.85 11.40 -8.68
C PRO B 132 -12.05 9.95 -8.26
N ASN B 133 -13.16 9.69 -7.56
CA ASN B 133 -13.48 8.36 -7.08
C ASN B 133 -13.38 7.30 -8.18
N GLN B 134 -13.66 7.72 -9.41
CA GLN B 134 -13.59 6.82 -10.55
C GLN B 134 -12.19 6.29 -10.73
N VAL B 135 -11.23 7.21 -10.81
CA VAL B 135 -9.84 6.85 -10.97
C VAL B 135 -9.34 6.00 -9.81
N LEU B 136 -9.68 6.39 -8.58
CA LEU B 136 -9.25 5.63 -7.41
C LEU B 136 -9.80 4.23 -7.51
N LYS B 137 -11.02 4.11 -8.05
CA LYS B 137 -11.68 2.82 -8.22
C LYS B 137 -10.86 1.95 -9.18
N GLU B 138 -10.54 2.50 -10.34
CA GLU B 138 -9.78 1.79 -11.35
C GLU B 138 -8.40 1.38 -10.87
N ARG B 139 -7.82 2.12 -9.94
CA ARG B 139 -6.51 1.77 -9.40
C ARG B 139 -6.67 1.02 -8.08
N GLY B 140 -7.91 0.77 -7.69
CA GLY B 140 -8.17 0.08 -6.43
C GLY B 140 -7.47 0.84 -5.33
N LEU B 141 -7.75 2.14 -5.25
CA LEU B 141 -7.09 2.97 -4.28
C LEU B 141 -8.00 3.64 -3.28
N MSE B 142 -9.28 3.31 -3.22
CA MSE B 142 -9.99 4.12 -2.27
C MSE B 142 -10.30 3.67 -0.89
O MSE B 142 -11.25 4.12 -0.27
CB MSE B 142 -11.15 4.82 -2.95
CG MSE B 142 -12.14 4.03 -3.73
SE MSE B 142 -13.10 5.44 -4.28
CE MSE B 142 -14.43 5.52 -2.70
N LYS B 143 -9.42 2.81 -0.40
CA LYS B 143 -9.45 2.37 0.96
C LYS B 143 -8.19 3.18 1.35
N LYS B 144 -7.69 3.91 0.36
CA LYS B 144 -6.52 4.76 0.53
C LYS B 144 -6.78 6.23 0.14
N LYS B 145 -8.00 6.71 0.34
CA LYS B 145 -8.28 8.10 0.02
C LYS B 145 -7.51 8.94 1.05
N GLY B 146 -6.64 9.82 0.58
CA GLY B 146 -5.88 10.63 1.51
C GLY B 146 -4.43 10.22 1.52
N PHE B 147 -4.15 9.06 0.95
CA PHE B 147 -2.77 8.58 0.89
C PHE B 147 -2.13 9.37 -0.23
N PRO B 148 -0.80 9.45 -0.23
CA PRO B 148 -0.11 10.21 -1.27
C PRO B 148 -0.51 9.84 -2.69
N GLU B 149 -0.64 8.55 -2.97
CA GLU B 149 -0.98 8.11 -4.32
C GLU B 149 -2.38 8.39 -4.80
N SER B 150 -3.25 8.80 -3.89
CA SER B 150 -4.63 9.10 -4.25
C SER B 150 -4.76 10.54 -4.69
N TYR B 151 -3.64 11.24 -4.72
CA TYR B 151 -3.63 12.64 -5.13
C TYR B 151 -2.99 12.79 -6.50
N ASP B 152 -3.48 13.75 -7.27
CA ASP B 152 -2.94 14.01 -8.59
C ASP B 152 -1.88 15.10 -8.39
N MSE B 153 -0.65 14.71 -8.06
CA MSE B 153 0.27 15.81 -7.87
C MSE B 153 0.99 16.42 -9.04
O MSE B 153 1.59 17.49 -8.88
CB MSE B 153 1.31 15.58 -6.82
CG MSE B 153 1.38 16.90 -6.11
SE MSE B 153 2.62 16.76 -4.92
CE MSE B 153 1.51 16.08 -3.33
N HIS B 154 0.97 15.78 -10.19
CA HIS B 154 1.59 16.39 -11.33
C HIS B 154 0.83 17.71 -11.44
N ARG B 155 -0.49 17.63 -11.25
CA ARG B 155 -1.36 18.79 -11.33
C ARG B 155 -1.19 19.77 -10.17
N LEU B 156 -1.10 19.26 -8.96
CA LEU B 156 -0.94 20.12 -7.79
C LEU B 156 0.33 20.96 -7.90
N VAL B 157 1.40 20.32 -8.37
CA VAL B 157 2.69 20.98 -8.53
C VAL B 157 2.61 21.97 -9.68
N LYS B 158 2.00 21.54 -10.78
CA LYS B 158 1.86 22.42 -11.94
C LYS B 158 1.05 23.65 -11.54
N PHE B 159 0.08 23.45 -10.65
CA PHE B 159 -0.77 24.53 -10.18
C PHE B 159 0.03 25.58 -9.39
N VAL B 160 0.70 25.12 -8.34
CA VAL B 160 1.50 26.02 -7.53
C VAL B 160 2.60 26.69 -8.35
N SER B 161 3.20 25.96 -9.29
CA SER B 161 4.25 26.53 -10.11
C SER B 161 3.71 27.66 -10.97
N ASP B 162 2.53 27.45 -11.53
CA ASP B 162 1.88 28.45 -12.36
C ASP B 162 1.50 29.67 -11.55
N LEU B 163 0.98 29.45 -10.36
CA LEU B 163 0.58 30.55 -9.50
C LEU B 163 1.81 31.35 -9.09
N LYS B 164 2.83 30.66 -8.60
CA LYS B 164 4.05 31.30 -8.15
C LYS B 164 4.67 32.08 -9.30
N SER B 165 4.84 31.41 -10.43
CA SER B 165 5.47 32.02 -11.59
C SER B 165 4.63 33.07 -12.31
N GLY B 166 3.44 33.33 -11.80
CA GLY B 166 2.58 34.34 -12.40
C GLY B 166 1.89 34.00 -13.71
N VAL B 167 1.65 32.73 -13.96
CA VAL B 167 0.98 32.33 -15.19
C VAL B 167 -0.43 32.89 -15.22
N PRO B 168 -0.90 33.35 -16.41
CA PRO B 168 -2.21 33.93 -16.65
C PRO B 168 -3.41 33.36 -15.89
N ASN B 169 -4.26 32.62 -16.59
CA ASN B 169 -5.46 32.04 -16.00
C ASN B 169 -5.32 30.68 -15.33
N VAL B 170 -4.95 30.69 -14.05
CA VAL B 170 -4.78 29.46 -13.29
C VAL B 170 -6.11 29.08 -12.67
N THR B 171 -6.42 27.78 -12.66
CA THR B 171 -7.66 27.30 -12.05
C THR B 171 -7.35 26.11 -11.17
N ALA B 172 -8.16 25.92 -10.15
CA ALA B 172 -7.95 24.81 -9.21
C ALA B 172 -9.18 23.90 -9.08
N PRO B 173 -8.95 22.58 -9.00
CA PRO B 173 -10.09 21.65 -8.87
C PRO B 173 -10.70 21.82 -7.48
N VAL B 174 -11.99 21.54 -7.35
CA VAL B 174 -12.65 21.68 -6.06
C VAL B 174 -13.24 20.36 -5.58
N TYR B 175 -13.13 20.11 -4.28
CA TYR B 175 -13.63 18.89 -3.66
C TYR B 175 -14.95 19.09 -2.93
N SER B 176 -15.81 18.08 -2.97
CA SER B 176 -17.10 18.15 -2.30
C SER B 176 -17.24 17.00 -1.32
N HIS B 177 -17.40 17.31 -0.04
CA HIS B 177 -17.55 16.29 0.96
C HIS B 177 -18.94 15.65 0.92
N LEU B 178 -19.90 16.33 0.32
CA LEU B 178 -21.27 15.81 0.22
C LEU B 178 -21.31 14.63 -0.73
N ILE B 179 -20.60 14.74 -1.83
CA ILE B 179 -20.56 13.67 -2.81
C ILE B 179 -19.28 12.83 -2.66
N TYR B 180 -18.48 13.13 -1.64
CA TYR B 180 -17.23 12.42 -1.37
C TYR B 180 -16.36 12.30 -2.61
N ASP B 181 -16.29 13.38 -3.37
CA ASP B 181 -15.50 13.39 -4.59
C ASP B 181 -15.33 14.81 -5.10
N VAL B 182 -14.40 14.97 -6.05
CA VAL B 182 -14.14 16.28 -6.65
C VAL B 182 -15.31 16.59 -7.59
N ILE B 183 -15.72 17.86 -7.58
CA ILE B 183 -16.80 18.35 -8.42
C ILE B 183 -16.43 18.31 -9.89
N PRO B 184 -17.10 17.46 -10.69
CA PRO B 184 -16.86 17.30 -12.13
C PRO B 184 -16.44 18.55 -12.89
N ASP B 185 -17.22 19.62 -12.77
CA ASP B 185 -16.87 20.86 -13.45
C ASP B 185 -16.81 22.00 -12.44
N GLY B 186 -16.22 21.71 -11.29
CA GLY B 186 -16.12 22.70 -10.23
C GLY B 186 -14.88 23.59 -10.21
N ASP B 187 -13.93 23.35 -11.11
CA ASP B 187 -12.71 24.15 -11.15
C ASP B 187 -13.01 25.63 -10.96
N LYS B 188 -12.18 26.32 -10.19
CA LYS B 188 -12.37 27.74 -9.97
C LYS B 188 -11.07 28.46 -10.28
N THR B 189 -11.16 29.68 -10.80
CA THR B 189 -9.95 30.42 -11.13
C THR B 189 -9.30 30.91 -9.86
N VAL B 190 -7.99 30.99 -9.88
CA VAL B 190 -7.24 31.46 -8.73
C VAL B 190 -6.36 32.63 -9.17
N VAL B 191 -6.60 33.79 -8.59
CA VAL B 191 -5.83 34.98 -8.91
C VAL B 191 -4.54 34.93 -8.11
N GLN B 192 -3.42 35.32 -8.72
CA GLN B 192 -2.14 35.30 -8.03
C GLN B 192 -2.24 36.15 -6.76
N PRO B 193 -1.98 35.54 -5.59
CA PRO B 193 -2.06 36.26 -4.33
C PRO B 193 -0.71 36.72 -3.80
N ASP B 194 -0.74 37.39 -2.66
CA ASP B 194 0.49 37.85 -2.04
C ASP B 194 1.02 36.68 -1.22
N ILE B 195 0.09 35.89 -0.67
CA ILE B 195 0.44 34.73 0.14
C ILE B 195 -0.49 33.60 -0.21
N LEU B 196 0.07 32.40 -0.31
CA LEU B 196 -0.72 31.22 -0.61
C LEU B 196 -0.58 30.17 0.48
N ILE B 197 -1.69 29.86 1.14
CA ILE B 197 -1.69 28.85 2.19
C ILE B 197 -2.19 27.54 1.57
N LEU B 198 -1.36 26.51 1.66
CA LEU B 198 -1.67 25.22 1.09
C LEU B 198 -1.91 24.24 2.22
N GLU B 199 -3.15 23.77 2.34
CA GLU B 199 -3.50 22.85 3.39
C GLU B 199 -3.98 21.51 2.84
N GLY B 200 -3.36 20.44 3.31
CA GLY B 200 -3.71 19.10 2.87
C GLY B 200 -2.84 18.08 3.57
N LEU B 201 -3.18 16.81 3.39
CA LEU B 201 -2.43 15.72 4.01
C LEU B 201 -1.03 15.49 3.43
N ASN B 202 -0.90 15.66 2.12
CA ASN B 202 0.35 15.43 1.41
C ASN B 202 1.29 16.63 1.15
N VAL B 203 1.12 17.73 1.86
CA VAL B 203 1.95 18.92 1.59
C VAL B 203 3.42 18.86 2.01
N LEU B 204 3.82 17.82 2.73
CA LEU B 204 5.20 17.70 3.16
C LEU B 204 5.92 16.54 2.46
N GLN B 205 5.19 15.79 1.63
CA GLN B 205 5.76 14.67 0.90
C GLN B 205 7.03 15.11 0.19
N SER B 206 8.04 14.25 0.20
CA SER B 206 9.32 14.55 -0.46
C SER B 206 9.81 13.25 -1.09
N GLY B 207 10.70 13.35 -2.07
CA GLY B 207 11.22 12.15 -2.71
C GLY B 207 12.22 11.51 -1.79
N MSE B 208 12.20 11.93 -0.53
CA MSE B 208 13.15 11.37 0.40
C MSE B 208 12.62 11.00 1.77
O MSE B 208 13.17 11.36 2.80
CB MSE B 208 14.33 12.32 0.51
CG MSE B 208 15.00 12.45 -0.85
SE MSE B 208 16.32 13.57 -0.53
CE MSE B 208 15.26 15.31 -0.92
N ASP B 209 11.52 10.27 1.72
CA ASP B 209 10.83 9.70 2.86
C ASP B 209 10.28 8.45 2.18
N TYR B 210 10.23 8.56 0.84
CA TYR B 210 9.76 7.53 -0.07
C TYR B 210 8.67 8.08 -0.99
N ASP B 213 9.09 8.36 -5.47
CA ASP B 213 10.25 8.43 -4.58
C ASP B 213 11.56 8.82 -5.26
N PRO B 214 12.00 8.06 -6.32
CA PRO B 214 13.25 8.27 -7.07
C PRO B 214 13.34 9.77 -7.19
N HIS B 215 13.10 10.34 -8.35
CA HIS B 215 13.05 11.74 -8.16
C HIS B 215 11.68 12.33 -7.91
N HIS B 216 11.05 12.38 -9.09
CA HIS B 216 9.80 13.05 -9.42
C HIS B 216 10.04 14.45 -8.77
N VAL B 217 9.10 15.37 -8.82
CA VAL B 217 9.21 16.71 -8.20
C VAL B 217 7.97 16.74 -7.28
N PHE B 218 8.04 17.46 -6.16
CA PHE B 218 6.91 17.51 -5.23
C PHE B 218 6.47 18.92 -4.84
N VAL B 219 5.21 19.07 -4.47
CA VAL B 219 4.70 20.39 -4.08
C VAL B 219 5.50 20.99 -2.91
N SER B 220 5.99 20.14 -2.02
CA SER B 220 6.75 20.63 -0.88
C SER B 220 8.00 21.39 -1.28
N ASP B 221 8.41 21.27 -2.54
CA ASP B 221 9.62 21.94 -3.00
C ASP B 221 9.39 23.42 -3.33
N PHE B 222 8.13 23.83 -3.31
CA PHE B 222 7.77 25.19 -3.62
C PHE B 222 7.38 25.95 -2.36
N VAL B 223 7.26 25.22 -1.25
CA VAL B 223 6.86 25.84 0.01
C VAL B 223 7.99 26.57 0.69
N ASP B 224 7.67 27.73 1.25
CA ASP B 224 8.64 28.58 1.96
C ASP B 224 8.66 28.32 3.46
N PHE B 225 7.47 28.08 4.03
CA PHE B 225 7.32 27.78 5.45
C PHE B 225 6.26 26.69 5.57
N SER B 226 6.53 25.69 6.41
CA SER B 226 5.61 24.58 6.58
C SER B 226 5.23 24.41 8.03
N ILE B 227 3.93 24.28 8.28
CA ILE B 227 3.41 24.09 9.63
C ILE B 227 2.78 22.71 9.77
N TYR B 228 3.08 22.02 10.86
CA TYR B 228 2.52 20.69 11.08
C TYR B 228 1.69 20.74 12.36
N VAL B 229 0.38 20.49 12.22
CA VAL B 229 -0.50 20.47 13.38
C VAL B 229 -0.45 19.04 13.91
N ASP B 230 -0.03 18.93 15.17
CA ASP B 230 0.19 17.65 15.84
C ASP B 230 -0.67 17.35 17.06
N ALA B 231 -0.96 16.07 17.26
CA ALA B 231 -1.73 15.56 18.40
C ALA B 231 -1.47 14.05 18.51
N PRO B 232 -1.36 13.54 19.74
CA PRO B 232 -1.12 12.10 19.96
C PRO B 232 -2.16 11.21 19.29
N GLU B 233 -1.73 10.03 18.84
CA GLU B 233 -2.62 9.08 18.17
C GLU B 233 -3.94 8.82 18.86
N ASP B 234 -3.91 8.63 20.17
CA ASP B 234 -5.11 8.35 20.91
C ASP B 234 -6.12 9.49 20.87
N LEU B 235 -5.65 10.73 20.95
CA LEU B 235 -6.53 11.90 20.90
C LEU B 235 -7.12 12.03 19.51
N LEU B 236 -6.29 11.83 18.49
CA LEU B 236 -6.77 11.92 17.11
C LEU B 236 -7.87 10.89 16.87
N GLN B 237 -7.73 9.70 17.46
CA GLN B 237 -8.74 8.66 17.27
C GLN B 237 -10.10 9.14 17.82
N THR B 238 -10.16 9.53 19.08
CA THR B 238 -11.42 9.99 19.63
C THR B 238 -11.93 11.26 18.92
N TRP B 239 -11.03 12.14 18.49
CA TRP B 239 -11.46 13.35 17.79
C TRP B 239 -12.14 12.93 16.49
N TYR B 240 -11.56 11.95 15.80
CA TYR B 240 -12.13 11.49 14.54
C TYR B 240 -13.52 10.93 14.77
N ILE B 241 -13.64 10.06 15.78
CA ILE B 241 -14.91 9.44 16.09
C ILE B 241 -15.94 10.49 16.48
N ASN B 242 -15.60 11.38 17.41
CA ASN B 242 -16.52 12.43 17.83
C ASN B 242 -16.97 13.31 16.67
N ARG B 243 -16.03 13.69 15.81
CA ARG B 243 -16.33 14.51 14.65
C ARG B 243 -17.30 13.74 13.76
N PHE B 244 -17.09 12.43 13.66
CA PHE B 244 -17.95 11.58 12.84
C PHE B 244 -19.39 11.65 13.34
N LEU B 245 -19.54 11.62 14.66
CA LEU B 245 -20.85 11.66 15.27
C LEU B 245 -21.56 12.98 14.98
N LYS B 246 -20.80 14.05 14.82
CA LYS B 246 -21.39 15.35 14.52
C LYS B 246 -21.80 15.36 13.05
N PHE B 247 -21.05 14.67 12.20
CA PHE B 247 -21.38 14.60 10.78
C PHE B 247 -22.72 13.90 10.72
N ARG B 248 -22.90 12.91 11.59
CA ARG B 248 -24.13 12.15 11.65
C ARG B 248 -25.32 13.08 11.91
N GLU B 249 -25.08 14.13 12.67
CA GLU B 249 -26.12 15.09 13.01
C GLU B 249 -26.26 16.18 11.95
N GLY B 250 -25.28 16.29 11.07
CA GLY B 250 -25.34 17.32 10.06
C GLY B 250 -25.16 16.84 8.63
N ALA B 251 -23.94 17.00 8.12
CA ALA B 251 -23.63 16.60 6.76
C ALA B 251 -24.25 15.28 6.32
N PHE B 252 -24.26 14.27 7.19
CA PHE B 252 -24.81 12.98 6.81
C PHE B 252 -26.33 12.95 6.68
N THR B 253 -27.03 13.92 7.29
CA THR B 253 -28.49 13.93 7.21
C THR B 253 -29.03 14.35 5.85
N ASP B 254 -28.14 14.79 4.97
CA ASP B 254 -28.52 15.21 3.61
C ASP B 254 -28.70 13.93 2.79
N PRO B 255 -29.93 13.72 2.26
CA PRO B 255 -30.24 12.53 1.45
C PRO B 255 -29.29 12.30 0.28
N ASP B 256 -28.59 13.35 -0.14
CA ASP B 256 -27.67 13.23 -1.26
C ASP B 256 -26.25 12.97 -0.77
N SER B 257 -26.09 12.91 0.55
CA SER B 257 -24.79 12.65 1.12
C SER B 257 -24.31 11.26 0.74
N TYR B 258 -23.05 11.18 0.35
CA TYR B 258 -22.45 9.92 -0.04
C TYR B 258 -22.53 8.97 1.15
N PHE B 259 -22.62 9.53 2.35
CA PHE B 259 -22.67 8.71 3.55
C PHE B 259 -23.98 8.86 4.31
N HIS B 260 -25.05 9.15 3.58
CA HIS B 260 -26.35 9.34 4.20
C HIS B 260 -26.73 8.17 5.08
N ASN B 261 -26.40 6.97 4.63
CA ASN B 261 -26.71 5.77 5.40
C ASN B 261 -26.14 5.79 6.80
N TYR B 262 -25.07 6.56 7.02
CA TYR B 262 -24.45 6.64 8.33
C TYR B 262 -25.32 7.46 9.27
N ALA B 263 -26.25 8.21 8.70
CA ALA B 263 -27.15 9.04 9.50
C ALA B 263 -28.10 8.14 10.26
N LYS B 264 -28.39 6.99 9.67
CA LYS B 264 -29.31 6.02 10.25
C LYS B 264 -28.73 5.08 11.30
N LEU B 265 -27.40 4.97 11.35
CA LEU B 265 -26.77 4.09 12.33
C LEU B 265 -27.09 4.54 13.75
N THR B 266 -27.22 3.58 14.65
CA THR B 266 -27.48 3.91 16.04
C THR B 266 -26.20 4.62 16.48
N LYS B 267 -26.19 5.20 17.67
CA LYS B 267 -24.98 5.89 18.14
C LYS B 267 -23.83 4.91 18.37
N GLU B 268 -24.14 3.67 18.74
CA GLU B 268 -23.11 2.67 18.99
C GLU B 268 -22.56 2.07 17.69
N GLU B 269 -23.39 2.01 16.66
CA GLU B 269 -22.94 1.47 15.40
C GLU B 269 -22.04 2.50 14.75
N ALA B 270 -22.37 3.78 14.96
CA ALA B 270 -21.62 4.87 14.39
C ALA B 270 -20.22 4.90 14.97
N ILE B 271 -20.13 4.70 16.29
CA ILE B 271 -18.83 4.68 16.94
C ILE B 271 -18.02 3.52 16.39
N LYS B 272 -18.67 2.38 16.20
CA LYS B 272 -18.02 1.19 15.68
C LYS B 272 -17.51 1.48 14.27
N THR B 273 -18.38 2.02 13.42
CA THR B 273 -18.06 2.35 12.04
C THR B 273 -16.94 3.38 11.97
N ALA B 274 -16.97 4.35 12.87
CA ALA B 274 -15.97 5.39 12.90
C ALA B 274 -14.60 4.83 13.26
N MSE B 275 -14.54 3.93 14.23
CA MSE B 275 -13.26 3.36 14.64
C MSE B 275 -12.60 2.56 13.53
O MSE B 275 -11.40 2.70 13.29
CB MSE B 275 -13.40 2.44 15.85
CG MSE B 275 -12.49 2.79 17.01
SE MSE B 275 -12.89 1.53 18.22
CE MSE B 275 -14.43 2.46 19.23
N THR B 276 -13.36 1.71 12.85
CA THR B 276 -12.75 0.92 11.80
C THR B 276 -12.32 1.80 10.62
N LEU B 277 -13.00 2.93 10.45
CA LEU B 277 -12.66 3.86 9.37
C LEU B 277 -11.33 4.52 9.73
N TRP B 278 -11.15 4.82 11.00
CA TRP B 278 -9.92 5.44 11.48
C TRP B 278 -8.78 4.43 11.48
N LYS B 279 -8.99 3.31 12.18
CA LYS B 279 -7.99 2.26 12.30
C LYS B 279 -7.52 1.67 10.96
N GLU B 280 -8.47 1.36 10.08
CA GLU B 280 -8.12 0.76 8.80
C GLU B 280 -7.69 1.69 7.67
N ILE B 281 -7.93 2.99 7.80
CA ILE B 281 -7.53 3.90 6.74
C ILE B 281 -6.67 5.08 7.19
N ASN B 282 -7.28 6.00 7.92
CA ASN B 282 -6.58 7.21 8.36
C ASN B 282 -5.40 6.99 9.29
N TRP B 283 -5.49 5.96 10.13
CA TRP B 283 -4.41 5.65 11.04
C TRP B 283 -3.20 5.16 10.22
N LEU B 284 -3.45 4.29 9.24
CA LEU B 284 -2.37 3.79 8.40
C LEU B 284 -1.66 4.98 7.81
N ASN B 285 -2.43 5.83 7.14
CA ASN B 285 -1.92 7.05 6.50
C ASN B 285 -1.10 7.84 7.50
N LEU B 286 -1.63 7.96 8.70
CA LEU B 286 -0.97 8.68 9.78
C LEU B 286 0.44 8.13 9.97
N LYS B 287 0.51 6.88 10.39
CA LYS B 287 1.77 6.21 10.66
C LYS B 287 2.72 6.12 9.47
N GLN B 288 2.18 5.69 8.34
CA GLN B 288 2.97 5.50 7.14
C GLN B 288 3.50 6.75 6.44
N ASN B 289 2.61 7.68 6.11
CA ASN B 289 2.99 8.87 5.37
C ASN B 289 2.97 10.21 6.07
N ILE B 290 2.30 10.33 7.20
CA ILE B 290 2.23 11.62 7.87
C ILE B 290 3.23 11.79 9.01
N LEU B 291 3.18 10.93 10.02
CA LEU B 291 4.10 11.06 11.14
C LEU B 291 5.54 11.29 10.67
N PRO B 292 6.04 10.43 9.74
CA PRO B 292 7.40 10.56 9.21
C PRO B 292 7.79 11.97 8.76
N THR B 293 6.82 12.74 8.24
CA THR B 293 7.06 14.12 7.78
C THR B 293 7.10 15.16 8.90
N ARG B 294 6.56 14.80 10.08
CA ARG B 294 6.49 15.72 11.21
C ARG B 294 7.75 16.51 11.50
N GLU B 295 8.86 15.80 11.64
CA GLU B 295 10.14 16.43 11.96
C GLU B 295 10.82 17.13 10.78
N ARG B 296 10.07 17.42 9.73
CA ARG B 296 10.61 18.11 8.58
C ARG B 296 10.00 19.50 8.49
N ALA B 297 8.97 19.74 9.29
CA ALA B 297 8.27 21.01 9.26
C ALA B 297 9.06 22.15 9.88
N SER B 298 8.84 23.37 9.36
CA SER B 298 9.50 24.57 9.90
C SER B 298 8.94 24.83 11.30
N LEU B 299 7.67 24.48 11.50
CA LEU B 299 7.04 24.66 12.79
C LEU B 299 6.08 23.52 13.08
N ILE B 300 6.03 23.13 14.35
CA ILE B 300 5.14 22.06 14.80
C ILE B 300 4.28 22.59 15.96
N LEU B 301 2.97 22.42 15.83
CA LEU B 301 2.06 22.86 16.87
C LEU B 301 1.40 21.62 17.45
N THR B 302 1.64 21.39 18.75
CA THR B 302 1.09 20.22 19.42
C THR B 302 -0.09 20.61 20.31
N LYS B 303 -1.23 19.99 20.06
CA LYS B 303 -2.44 20.27 20.82
C LYS B 303 -2.74 19.21 21.88
N SER B 304 -3.47 19.61 22.92
CA SER B 304 -3.82 18.66 23.96
C SER B 304 -5.27 18.17 23.82
N ALA B 305 -5.78 17.59 24.90
CA ALA B 305 -7.14 17.05 24.90
C ALA B 305 -8.19 18.13 24.70
N ASN B 306 -7.87 19.38 25.06
CA ASN B 306 -8.81 20.49 24.89
C ASN B 306 -8.66 21.18 23.54
N HIS B 307 -7.94 20.55 22.61
CA HIS B 307 -7.73 21.10 21.27
C HIS B 307 -6.85 22.35 21.24
N ALA B 308 -6.23 22.69 22.36
CA ALA B 308 -5.37 23.87 22.45
C ALA B 308 -3.91 23.49 22.30
N VAL B 309 -3.13 24.38 21.69
CA VAL B 309 -1.70 24.15 21.50
C VAL B 309 -0.95 24.43 22.82
N GLU B 310 -0.41 23.38 23.43
CA GLU B 310 0.31 23.52 24.70
C GLU B 310 1.79 23.48 24.49
N GLU B 311 2.20 23.27 23.24
CA GLU B 311 3.61 23.20 22.92
C GLU B 311 3.92 23.51 21.47
N VAL B 312 4.99 24.27 21.28
CA VAL B 312 5.45 24.69 19.96
C VAL B 312 6.93 24.35 19.75
N ARG B 313 7.24 23.81 18.58
CA ARG B 313 8.60 23.45 18.22
C ARG B 313 8.98 24.16 16.94
N LEU B 314 10.00 25.01 17.01
CA LEU B 314 10.46 25.75 15.85
C LEU B 314 11.80 25.22 15.38
N ARG B 315 11.89 24.86 14.10
CA ARG B 315 13.14 24.34 13.54
C ARG B 315 14.12 25.49 13.39
N LYS B 316 15.25 25.42 14.09
CA LYS B 316 16.25 26.49 13.99
C LYS B 316 16.92 26.47 12.63
N GLN C 6 -1.71 -15.30 -21.44
CA GLN C 6 -2.46 -16.45 -22.03
C GLN C 6 -3.97 -16.36 -21.78
N THR C 7 -4.68 -17.42 -22.17
CA THR C 7 -6.12 -17.52 -21.94
C THR C 7 -6.19 -18.19 -20.57
N LEU C 8 -5.12 -18.94 -20.28
CA LEU C 8 -4.93 -19.66 -19.03
C LEU C 8 -5.32 -18.81 -17.85
N MSE C 9 -5.30 -17.50 -17.99
CA MSE C 9 -5.68 -16.76 -16.82
C MSE C 9 -6.55 -15.53 -16.87
O MSE C 9 -6.15 -14.41 -16.55
CB MSE C 9 -4.47 -16.59 -15.92
CG MSE C 9 -3.25 -16.00 -16.53
SE MSE C 9 -2.19 -16.07 -15.09
CE MSE C 9 -2.70 -14.23 -14.30
N THR C 10 -7.78 -15.83 -17.28
CA THR C 10 -8.92 -14.94 -17.37
C THR C 10 -9.71 -15.82 -16.42
N PRO C 11 -10.40 -15.27 -15.43
CA PRO C 11 -11.10 -16.26 -14.61
C PRO C 11 -12.28 -16.93 -15.29
N TYR C 12 -12.73 -16.41 -16.43
CA TYR C 12 -13.89 -16.97 -17.12
C TYR C 12 -13.63 -17.75 -18.40
N LEU C 13 -14.44 -18.77 -18.61
CA LEU C 13 -14.40 -19.61 -19.81
C LEU C 13 -15.53 -19.08 -20.67
N GLN C 14 -15.23 -18.78 -21.94
CA GLN C 14 -16.25 -18.24 -22.82
C GLN C 14 -16.72 -19.19 -23.91
N PHE C 15 -18.04 -19.30 -24.04
CA PHE C 15 -18.65 -20.16 -25.06
C PHE C 15 -19.68 -19.34 -25.82
N ASP C 16 -19.89 -19.69 -27.08
CA ASP C 16 -20.90 -19.01 -27.85
C ASP C 16 -22.06 -20.00 -27.84
N ARG C 17 -23.19 -19.64 -28.45
CA ARG C 17 -24.34 -20.51 -28.47
C ARG C 17 -24.10 -21.97 -28.85
N ASN C 18 -23.42 -22.21 -29.97
CA ASN C 18 -23.17 -23.59 -30.40
C ASN C 18 -22.31 -24.38 -29.45
N GLN C 19 -21.33 -23.72 -28.85
CA GLN C 19 -20.42 -24.38 -27.92
C GLN C 19 -21.14 -24.73 -26.63
N TRP C 20 -21.89 -23.77 -26.11
CA TRP C 20 -22.63 -23.99 -24.89
C TRP C 20 -23.67 -25.07 -25.15
N ALA C 21 -24.49 -24.85 -26.18
CA ALA C 21 -25.54 -25.80 -26.55
C ALA C 21 -25.02 -27.23 -26.64
N ALA C 22 -23.85 -27.39 -27.25
CA ALA C 22 -23.24 -28.70 -27.41
C ALA C 22 -23.02 -29.40 -26.06
N LEU C 23 -23.05 -28.64 -24.97
CA LEU C 23 -22.83 -29.20 -23.64
C LEU C 23 -24.10 -29.75 -22.96
N ARG C 24 -25.21 -29.82 -23.69
CA ARG C 24 -26.48 -30.33 -23.15
C ARG C 24 -26.42 -31.84 -23.01
N ASP C 25 -25.57 -32.44 -23.84
CA ASP C 25 -25.40 -33.88 -23.81
C ASP C 25 -26.76 -34.56 -23.99
N SER C 26 -27.12 -35.41 -23.04
CA SER C 26 -28.38 -36.09 -23.17
C SER C 26 -29.45 -35.67 -22.16
N VAL C 27 -29.28 -34.55 -21.46
CA VAL C 27 -30.37 -34.19 -20.54
C VAL C 27 -31.58 -34.08 -21.48
N PRO C 28 -32.70 -34.73 -21.12
CA PRO C 28 -33.88 -34.68 -21.99
C PRO C 28 -34.71 -33.52 -21.56
N MSE C 29 -35.61 -33.04 -22.41
CA MSE C 29 -36.38 -32.03 -21.78
C MSE C 29 -37.75 -32.35 -21.30
O MSE C 29 -38.56 -33.00 -21.95
CB MSE C 29 -36.39 -30.68 -22.44
CG MSE C 29 -37.71 -30.26 -22.96
SE MSE C 29 -37.22 -28.63 -23.35
CE MSE C 29 -37.72 -27.96 -21.48
N THR C 30 -37.96 -31.84 -20.11
CA THR C 30 -39.12 -32.01 -19.30
C THR C 30 -40.13 -30.87 -19.38
N LEU C 31 -40.27 -30.23 -20.55
CA LEU C 31 -41.24 -29.14 -20.71
C LEU C 31 -41.86 -29.11 -22.11
N SER C 32 -43.15 -28.81 -22.20
CA SER C 32 -43.85 -28.71 -23.48
C SER C 32 -43.78 -27.24 -23.90
N GLU C 33 -43.94 -26.97 -25.19
CA GLU C 33 -43.91 -25.60 -25.67
C GLU C 33 -44.93 -24.75 -24.95
N ASP C 34 -46.06 -25.35 -24.64
CA ASP C 34 -47.12 -24.62 -23.97
C ASP C 34 -46.68 -24.20 -22.60
N GLU C 35 -46.00 -25.09 -21.89
CA GLU C 35 -45.53 -24.79 -20.54
C GLU C 35 -44.52 -23.65 -20.58
N ILE C 36 -43.62 -23.71 -21.58
CA ILE C 36 -42.60 -22.70 -21.76
C ILE C 36 -43.22 -21.32 -22.00
N ALA C 37 -44.11 -21.23 -22.98
CA ALA C 37 -44.78 -19.97 -23.32
C ALA C 37 -45.42 -19.31 -22.10
N ARG C 38 -45.94 -20.11 -21.18
CA ARG C 38 -46.57 -19.57 -19.99
C ARG C 38 -45.57 -18.94 -19.03
N LEU C 39 -44.29 -19.25 -19.23
CA LEU C 39 -43.22 -18.74 -18.39
C LEU C 39 -42.66 -17.40 -18.84
N LYS C 40 -42.95 -17.02 -20.09
CA LYS C 40 -42.47 -15.76 -20.65
C LYS C 40 -42.86 -14.56 -19.79
N GLY C 41 -41.98 -13.57 -19.72
CA GLY C 41 -42.29 -12.37 -18.95
C GLY C 41 -42.73 -11.29 -19.92
N ILE C 42 -43.19 -10.16 -19.41
CA ILE C 42 -43.62 -9.08 -20.29
C ILE C 42 -42.45 -8.61 -21.14
N ASN C 43 -42.68 -8.55 -22.44
CA ASN C 43 -41.66 -8.10 -23.40
C ASN C 43 -40.41 -8.97 -23.34
N GLU C 44 -40.62 -10.24 -23.06
CA GLU C 44 -39.52 -11.18 -22.94
C GLU C 44 -39.84 -12.46 -23.71
N ASP C 45 -39.07 -12.74 -24.76
CA ASP C 45 -39.32 -13.95 -25.54
C ASP C 45 -38.49 -15.15 -25.07
N LEU C 46 -39.17 -16.29 -24.99
CA LEU C 46 -38.55 -17.55 -24.57
C LEU C 46 -38.98 -18.68 -25.52
N SER C 47 -38.05 -19.19 -26.29
CA SER C 47 -38.36 -20.25 -27.23
C SER C 47 -37.93 -21.61 -26.74
N LEU C 48 -38.44 -22.65 -27.40
CA LEU C 48 -38.10 -24.00 -27.04
C LEU C 48 -36.62 -24.25 -27.35
N GLU C 49 -36.09 -23.54 -28.34
CA GLU C 49 -34.68 -23.71 -28.70
C GLU C 49 -33.80 -23.02 -27.66
N GLU C 50 -34.32 -21.96 -27.04
CA GLU C 50 -33.57 -21.25 -26.02
C GLU C 50 -33.45 -22.18 -24.82
N VAL C 51 -34.56 -22.83 -24.48
CA VAL C 51 -34.59 -23.75 -23.36
C VAL C 51 -33.62 -24.91 -23.58
N ALA C 52 -33.69 -25.54 -24.76
CA ALA C 52 -32.84 -26.67 -25.09
C ALA C 52 -31.36 -26.33 -25.26
N GLU C 53 -31.09 -25.21 -25.90
CA GLU C 53 -29.71 -24.80 -26.14
C GLU C 53 -29.06 -24.11 -24.96
N ILE C 54 -29.80 -23.27 -24.26
CA ILE C 54 -29.24 -22.53 -23.14
C ILE C 54 -29.48 -23.14 -21.77
N TYR C 55 -30.74 -23.34 -21.42
CA TYR C 55 -31.05 -23.85 -20.10
C TYR C 55 -30.82 -25.32 -19.80
N LEU C 56 -30.80 -26.17 -20.82
CA LEU C 56 -30.57 -27.59 -20.56
C LEU C 56 -29.11 -27.81 -20.16
N PRO C 57 -28.16 -27.24 -20.94
CA PRO C 57 -26.76 -27.44 -20.54
C PRO C 57 -26.56 -26.87 -19.12
N LEU C 58 -27.24 -25.76 -18.83
CA LEU C 58 -27.10 -25.15 -17.51
C LEU C 58 -27.68 -26.07 -16.45
N SER C 59 -28.75 -26.77 -16.80
CA SER C 59 -29.38 -27.70 -15.88
C SER C 59 -28.35 -28.78 -15.52
N ARG C 60 -27.64 -29.27 -16.55
CA ARG C 60 -26.63 -30.30 -16.39
C ARG C 60 -25.55 -29.87 -15.41
N LEU C 61 -24.85 -28.80 -15.74
CA LEU C 61 -23.78 -28.29 -14.88
C LEU C 61 -24.32 -28.11 -13.46
N LEU C 62 -25.37 -27.31 -13.33
CA LEU C 62 -25.98 -27.06 -12.03
C LEU C 62 -26.20 -28.38 -11.29
N ASN C 63 -26.65 -29.38 -12.01
CA ASN C 63 -26.92 -30.69 -11.44
C ASN C 63 -25.66 -31.40 -10.94
N PHE C 64 -24.57 -31.28 -11.70
CA PHE C 64 -23.29 -31.89 -11.33
C PHE C 64 -22.87 -31.31 -9.97
N TYR C 65 -22.97 -29.98 -9.87
CA TYR C 65 -22.60 -29.25 -8.67
C TYR C 65 -23.37 -29.68 -7.43
N ILE C 66 -24.69 -29.87 -7.58
CA ILE C 66 -25.50 -30.28 -6.45
C ILE C 66 -25.12 -31.69 -6.04
N SER C 67 -25.18 -32.62 -6.98
CA SER C 67 -24.82 -33.99 -6.69
C SER C 67 -23.46 -34.02 -6.02
N SER C 68 -22.55 -33.20 -6.50
CA SER C 68 -21.22 -33.15 -5.91
C SER C 68 -21.32 -32.73 -4.45
N ASN C 69 -22.06 -31.65 -4.19
CA ASN C 69 -22.26 -31.19 -2.81
C ASN C 69 -22.71 -32.31 -1.91
N LEU C 70 -23.69 -33.07 -2.39
CA LEU C 70 -24.22 -34.19 -1.62
C LEU C 70 -23.11 -35.19 -1.32
N ARG C 71 -22.38 -35.58 -2.36
CA ARG C 71 -21.29 -36.53 -2.21
C ARG C 71 -20.36 -36.08 -1.09
N ARG C 72 -19.94 -34.83 -1.20
CA ARG C 72 -19.03 -34.22 -0.23
C ARG C 72 -19.62 -34.16 1.16
N GLN C 73 -20.93 -33.99 1.24
CA GLN C 73 -21.58 -33.95 2.54
C GLN C 73 -21.63 -35.38 3.09
N ALA C 74 -21.62 -36.35 2.18
CA ALA C 74 -21.64 -37.76 2.53
C ALA C 74 -20.24 -38.15 3.02
N VAL C 75 -19.22 -37.63 2.37
CA VAL C 75 -17.85 -37.92 2.75
C VAL C 75 -17.59 -37.30 4.12
N LEU C 76 -18.26 -36.20 4.42
CA LEU C 76 -18.09 -35.52 5.71
C LEU C 76 -18.83 -36.26 6.81
N GLU C 77 -20.02 -36.78 6.50
CA GLU C 77 -20.82 -37.51 7.47
C GLU C 77 -20.04 -38.74 7.87
N GLN C 78 -19.45 -39.37 6.87
CA GLN C 78 -18.65 -40.56 7.10
C GLN C 78 -17.54 -40.25 8.09
N PHE C 79 -16.65 -39.35 7.71
CA PHE C 79 -15.53 -38.95 8.54
C PHE C 79 -15.98 -38.55 9.95
N LEU C 80 -17.07 -37.79 10.03
CA LEU C 80 -17.62 -37.33 11.31
C LEU C 80 -18.25 -38.44 12.15
N GLY C 81 -18.74 -39.48 11.49
CA GLY C 81 -19.37 -40.59 12.18
C GLY C 81 -20.81 -40.27 12.57
N THR C 82 -21.42 -39.34 11.85
CA THR C 82 -22.78 -38.94 12.11
C THR C 82 -23.57 -38.88 10.82
N ASN C 83 -24.62 -38.07 10.85
CA ASN C 83 -25.49 -37.86 9.70
C ASN C 83 -26.53 -36.88 10.21
N GLY C 84 -27.00 -36.00 9.33
CA GLY C 84 -28.00 -35.03 9.73
C GLY C 84 -28.75 -34.48 8.56
N GLN C 85 -29.32 -33.29 8.74
CA GLN C 85 -30.09 -32.62 7.71
C GLN C 85 -29.31 -32.57 6.38
N ARG C 86 -30.02 -32.29 5.29
CA ARG C 86 -29.39 -32.24 3.97
C ARG C 86 -28.89 -30.87 3.52
N ILE C 87 -29.53 -29.79 3.97
CA ILE C 87 -29.11 -28.43 3.58
C ILE C 87 -29.43 -28.14 2.11
N PRO C 88 -30.38 -27.22 1.86
CA PRO C 88 -30.82 -26.81 0.52
C PRO C 88 -29.70 -26.20 -0.33
N TYR C 89 -29.81 -26.36 -1.65
CA TYR C 89 -28.83 -25.78 -2.56
C TYR C 89 -29.39 -24.41 -2.88
N ILE C 90 -28.52 -23.41 -2.80
CA ILE C 90 -28.91 -22.03 -3.06
C ILE C 90 -28.35 -21.46 -4.33
N ILE C 91 -29.23 -21.06 -5.24
CA ILE C 91 -28.83 -20.47 -6.51
C ILE C 91 -29.34 -19.03 -6.50
N SER C 92 -28.59 -18.09 -7.04
CA SER C 92 -29.06 -16.71 -7.08
C SER C 92 -29.14 -16.23 -8.54
N ILE C 93 -29.98 -15.24 -8.80
CA ILE C 93 -30.10 -14.73 -10.16
C ILE C 93 -30.12 -13.21 -10.08
N ALA C 94 -29.14 -12.57 -10.72
CA ALA C 94 -29.03 -11.13 -10.68
C ALA C 94 -28.98 -10.53 -12.06
N GLY C 95 -29.00 -9.20 -12.11
CA GLY C 95 -28.98 -8.48 -13.37
C GLY C 95 -29.84 -7.23 -13.33
N SER C 96 -29.67 -6.40 -14.34
CA SER C 96 -30.41 -5.15 -14.48
C SER C 96 -31.94 -5.32 -14.47
N VAL C 97 -32.65 -4.24 -14.15
CA VAL C 97 -34.10 -4.30 -14.20
C VAL C 97 -34.39 -4.36 -15.70
N ALA C 98 -35.38 -5.16 -16.10
CA ALA C 98 -35.73 -5.29 -17.51
C ALA C 98 -34.79 -6.18 -18.32
N VAL C 99 -33.85 -6.85 -17.67
CA VAL C 99 -32.94 -7.73 -18.39
C VAL C 99 -33.60 -9.10 -18.64
N GLY C 100 -34.67 -9.39 -17.90
CA GLY C 100 -35.37 -10.65 -18.05
C GLY C 100 -34.88 -11.73 -17.11
N LYS C 101 -34.38 -11.30 -15.95
CA LYS C 101 -33.89 -12.27 -14.97
C LYS C 101 -35.03 -13.04 -14.34
N SER C 102 -36.24 -12.49 -14.40
CA SER C 102 -37.41 -13.15 -13.82
C SER C 102 -37.78 -14.36 -14.67
N THR C 103 -37.64 -14.22 -15.98
CA THR C 103 -37.97 -15.36 -16.85
C THR C 103 -36.96 -16.49 -16.63
N THR C 104 -35.69 -16.13 -16.51
CA THR C 104 -34.63 -17.11 -16.29
C THR C 104 -34.86 -17.89 -15.02
N ALA C 105 -35.32 -17.21 -13.98
CA ALA C 105 -35.58 -17.87 -12.70
C ALA C 105 -36.74 -18.86 -12.84
N ARG C 106 -37.79 -18.42 -13.53
CA ARG C 106 -38.97 -19.24 -13.72
C ARG C 106 -38.70 -20.54 -14.48
N VAL C 107 -37.90 -20.50 -15.53
CA VAL C 107 -37.65 -21.72 -16.28
C VAL C 107 -36.63 -22.60 -15.57
N LEU C 108 -35.67 -21.97 -14.90
CA LEU C 108 -34.67 -22.73 -14.19
C LEU C 108 -35.42 -23.52 -13.10
N GLN C 109 -36.41 -22.88 -12.49
CA GLN C 109 -37.17 -23.55 -11.45
C GLN C 109 -38.04 -24.70 -11.96
N ALA C 110 -38.52 -24.58 -13.18
CA ALA C 110 -39.35 -25.61 -13.76
C ALA C 110 -38.49 -26.81 -14.10
N LEU C 111 -37.36 -26.55 -14.73
CA LEU C 111 -36.46 -27.62 -15.11
C LEU C 111 -35.88 -28.35 -13.92
N LEU C 112 -35.30 -27.61 -12.99
CA LEU C 112 -34.68 -28.24 -11.82
C LEU C 112 -35.66 -29.04 -10.97
N SER C 113 -36.95 -28.79 -11.20
CA SER C 113 -38.02 -29.45 -10.46
C SER C 113 -38.30 -30.88 -10.89
N ARG C 114 -38.04 -31.19 -12.14
CA ARG C 114 -38.29 -32.54 -12.62
C ARG C 114 -37.15 -33.17 -13.39
N TRP C 115 -36.00 -32.50 -13.44
CA TRP C 115 -34.89 -33.04 -14.23
C TRP C 115 -34.32 -34.39 -13.76
N PRO C 116 -33.34 -34.39 -12.85
CA PRO C 116 -32.89 -35.74 -12.53
C PRO C 116 -33.99 -36.51 -11.82
N GLU C 117 -34.53 -35.88 -10.78
CA GLU C 117 -35.61 -36.44 -9.99
C GLU C 117 -36.45 -35.25 -9.53
N HIS C 118 -37.61 -35.52 -8.95
CA HIS C 118 -38.43 -34.42 -8.49
C HIS C 118 -37.80 -33.76 -7.27
N ARG C 119 -37.62 -32.45 -7.32
CA ARG C 119 -37.06 -31.70 -6.20
C ARG C 119 -38.08 -30.60 -5.91
N ARG C 120 -38.10 -30.09 -4.68
CA ARG C 120 -39.05 -29.04 -4.34
C ARG C 120 -38.79 -27.81 -5.23
N VAL C 121 -37.74 -27.06 -4.91
CA VAL C 121 -37.35 -25.85 -5.65
C VAL C 121 -38.26 -24.65 -5.42
N GLU C 122 -37.84 -23.80 -4.51
CA GLU C 122 -38.58 -22.59 -4.15
C GLU C 122 -37.94 -21.40 -4.86
N LEU C 123 -38.77 -20.53 -5.42
CA LEU C 123 -38.28 -19.35 -6.11
C LEU C 123 -38.70 -18.10 -5.35
N ILE C 124 -37.73 -17.51 -4.65
CA ILE C 124 -38.01 -16.30 -3.89
C ILE C 124 -37.45 -15.07 -4.62
N THR C 125 -38.22 -13.99 -4.63
CA THR C 125 -37.75 -12.79 -5.27
C THR C 125 -37.40 -11.82 -4.16
N THR C 126 -36.28 -11.17 -4.35
CA THR C 126 -35.73 -10.25 -3.41
C THR C 126 -36.54 -8.96 -3.18
N ASP C 127 -37.37 -8.60 -4.14
CA ASP C 127 -38.16 -7.36 -4.02
C ASP C 127 -39.14 -7.41 -2.85
N GLY C 128 -39.57 -8.61 -2.47
CA GLY C 128 -40.47 -8.71 -1.35
C GLY C 128 -39.80 -8.15 -0.12
N PHE C 129 -38.47 -8.17 -0.11
CA PHE C 129 -37.67 -7.68 1.03
C PHE C 129 -37.32 -6.19 0.99
N LEU C 130 -37.96 -5.46 0.09
CA LEU C 130 -37.70 -4.03 -0.01
C LEU C 130 -38.34 -3.39 1.20
N HIS C 131 -37.85 -2.23 1.59
CA HIS C 131 -38.39 -1.51 2.71
C HIS C 131 -39.68 -0.89 2.16
N PRO C 132 -40.76 -0.90 2.94
CA PRO C 132 -42.01 -0.31 2.46
C PRO C 132 -41.79 1.15 2.03
N ASN C 133 -42.63 1.62 1.11
CA ASN C 133 -42.54 2.98 0.60
C ASN C 133 -42.49 4.01 1.72
N GLN C 134 -43.12 3.70 2.85
CA GLN C 134 -43.13 4.59 3.98
C GLN C 134 -41.70 4.82 4.48
N VAL C 135 -40.99 3.72 4.74
CA VAL C 135 -39.62 3.77 5.24
C VAL C 135 -38.68 4.46 4.24
N LEU C 136 -38.83 4.13 2.97
CA LEU C 136 -38.01 4.74 1.93
C LEU C 136 -38.28 6.23 1.94
N LYS C 137 -39.53 6.60 2.23
CA LYS C 137 -39.92 8.00 2.27
C LYS C 137 -39.18 8.72 3.39
N GLU C 138 -39.25 8.15 4.58
CA GLU C 138 -38.59 8.72 5.75
C GLU C 138 -37.07 8.83 5.59
N ARG C 139 -36.47 7.93 4.81
CA ARG C 139 -35.03 7.99 4.59
C ARG C 139 -34.73 8.71 3.28
N GLY C 140 -35.80 9.21 2.64
CA GLY C 140 -35.64 9.90 1.37
C GLY C 140 -34.87 9.00 0.43
N LEU C 141 -35.39 7.77 0.28
CA LEU C 141 -34.72 6.78 -0.55
C LEU C 141 -35.51 6.28 -1.74
N MSE C 142 -36.65 6.87 -2.08
CA MSE C 142 -37.28 6.22 -3.19
C MSE C 142 -37.17 6.74 -4.59
O MSE C 142 -38.05 6.56 -5.43
CB MSE C 142 -38.69 5.80 -2.82
CG MSE C 142 -39.63 6.79 -2.25
SE MSE C 142 -41.00 5.66 -2.00
CE MSE C 142 -41.92 5.88 -3.82
N LYS C 143 -36.02 7.34 -4.86
CA LYS C 143 -35.66 7.78 -6.19
C LYS C 143 -34.57 6.71 -6.32
N LYS C 144 -34.45 5.91 -5.25
CA LYS C 144 -33.49 4.83 -5.17
C LYS C 144 -34.11 3.47 -4.90
N LYS C 145 -35.35 3.24 -5.35
CA LYS C 145 -35.99 1.94 -5.16
C LYS C 145 -35.24 0.91 -6.03
N GLY C 146 -34.69 -0.11 -5.39
CA GLY C 146 -33.92 -1.12 -6.11
C GLY C 146 -32.44 -1.01 -5.79
N PHE C 147 -32.04 0.10 -5.17
CA PHE C 147 -30.65 0.30 -4.79
C PHE C 147 -30.45 -0.60 -3.59
N PRO C 148 -29.19 -0.96 -3.29
CA PRO C 148 -28.93 -1.82 -2.14
C PRO C 148 -29.55 -1.35 -0.81
N GLU C 149 -29.46 -0.05 -0.53
CA GLU C 149 -29.99 0.50 0.72
C GLU C 149 -31.50 0.54 0.86
N SER C 150 -32.21 0.33 -0.24
CA SER C 150 -33.68 0.32 -0.20
C SER C 150 -34.22 -1.06 0.15
N TYR C 151 -33.31 -1.98 0.45
CA TYR C 151 -33.68 -3.34 0.81
C TYR C 151 -33.41 -3.60 2.29
N ASP C 152 -34.25 -4.42 2.90
CA ASP C 152 -34.07 -4.76 4.29
C ASP C 152 -33.24 -6.04 4.28
N MSE C 153 -31.91 -5.95 4.27
CA MSE C 153 -31.22 -7.21 4.26
C MSE C 153 -30.91 -7.92 5.53
O MSE C 153 -30.51 -9.09 5.51
CB MSE C 153 -29.95 -7.22 3.44
CG MSE C 153 -30.00 -8.56 2.75
SE MSE C 153 -28.52 -8.69 1.85
CE MSE C 153 -29.12 -7.86 0.07
N HIS C 154 -31.07 -7.25 6.67
CA HIS C 154 -30.84 -7.95 7.90
C HIS C 154 -31.87 -9.08 7.81
N ARG C 155 -33.06 -8.73 7.31
CA ARG C 155 -34.16 -9.69 7.16
C ARG C 155 -33.96 -10.74 6.08
N LEU C 156 -33.48 -10.31 4.92
CA LEU C 156 -33.25 -11.22 3.80
C LEU C 156 -32.22 -12.28 4.15
N VAL C 157 -31.20 -11.84 4.88
CA VAL C 157 -30.14 -12.74 5.30
C VAL C 157 -30.66 -13.67 6.39
N LYS C 158 -31.41 -13.13 7.34
CA LYS C 158 -31.97 -13.94 8.40
C LYS C 158 -32.92 -14.96 7.80
N PHE C 159 -33.62 -14.57 6.73
CA PHE C 159 -34.55 -15.45 6.06
C PHE C 159 -33.83 -16.66 5.45
N VAL C 160 -32.87 -16.38 4.59
CA VAL C 160 -32.10 -17.44 3.94
C VAL C 160 -31.39 -18.32 4.95
N SER C 161 -30.84 -17.72 6.00
CA SER C 161 -30.14 -18.48 7.04
C SER C 161 -31.10 -19.45 7.71
N ASP C 162 -32.30 -18.97 8.03
CA ASP C 162 -33.31 -19.78 8.67
C ASP C 162 -33.75 -20.93 7.75
N LEU C 163 -33.95 -20.62 6.47
CA LEU C 163 -34.36 -21.64 5.52
C LEU C 163 -33.28 -22.69 5.38
N LYS C 164 -32.07 -22.23 5.13
CA LYS C 164 -30.93 -23.13 4.97
C LYS C 164 -30.73 -24.00 6.20
N SER C 165 -30.64 -23.36 7.36
CA SER C 165 -30.44 -24.07 8.63
C SER C 165 -31.64 -24.91 9.09
N GLY C 166 -32.74 -24.90 8.35
CA GLY C 166 -33.90 -25.70 8.72
C GLY C 166 -34.79 -25.21 9.84
N VAL C 167 -34.79 -23.90 10.10
CA VAL C 167 -35.63 -23.35 11.15
C VAL C 167 -37.11 -23.61 10.85
N PRO C 168 -37.91 -23.92 11.89
CA PRO C 168 -39.35 -24.20 11.80
C PRO C 168 -40.18 -23.39 10.81
N ASN C 169 -40.97 -22.46 11.34
CA ASN C 169 -41.86 -21.68 10.50
C ASN C 169 -41.27 -20.41 9.92
N VAL C 170 -40.65 -20.53 8.75
CA VAL C 170 -40.06 -19.39 8.08
C VAL C 170 -41.10 -18.76 7.15
N THR C 171 -41.16 -17.42 7.16
CA THR C 171 -42.09 -16.69 6.29
C THR C 171 -41.33 -15.63 5.52
N ALA C 172 -41.84 -15.28 4.35
CA ALA C 172 -41.21 -14.26 3.50
C ALA C 172 -42.17 -13.12 3.16
N PRO C 173 -41.67 -11.87 3.13
CA PRO C 173 -42.53 -10.74 2.79
C PRO C 173 -42.86 -10.82 1.31
N VAL C 174 -43.97 -10.24 0.89
CA VAL C 174 -44.35 -10.27 -0.52
C VAL C 174 -44.54 -8.86 -1.07
N TYR C 175 -44.11 -8.68 -2.31
CA TYR C 175 -44.20 -7.38 -2.99
C TYR C 175 -45.35 -7.34 -4.00
N SER C 176 -45.96 -6.18 -4.14
CA SER C 176 -47.05 -5.99 -5.08
C SER C 176 -46.72 -4.85 -6.03
N HIS C 177 -46.65 -5.15 -7.34
CA HIS C 177 -46.34 -4.13 -8.33
C HIS C 177 -47.53 -3.22 -8.59
N LEU C 178 -48.72 -3.65 -8.21
CA LEU C 178 -49.94 -2.85 -8.40
C LEU C 178 -49.93 -1.65 -7.48
N ILE C 179 -49.51 -1.88 -6.23
CA ILE C 179 -49.47 -0.83 -5.25
C ILE C 179 -48.05 -0.29 -5.09
N TYR C 180 -47.12 -0.76 -5.93
CA TYR C 180 -45.72 -0.35 -5.90
C TYR C 180 -45.13 -0.41 -4.49
N ASP C 181 -45.50 -1.44 -3.74
CA ASP C 181 -45.01 -1.59 -2.39
C ASP C 181 -45.24 -3.00 -1.87
N VAL C 182 -44.61 -3.33 -0.75
CA VAL C 182 -44.76 -4.64 -0.14
C VAL C 182 -46.13 -4.68 0.51
N ILE C 183 -46.79 -5.84 0.39
CA ILE C 183 -48.12 -6.07 0.95
C ILE C 183 -48.08 -6.08 2.48
N PRO C 184 -48.71 -5.07 3.12
CA PRO C 184 -48.77 -4.93 4.58
C PRO C 184 -48.82 -6.23 5.37
N ASP C 185 -49.75 -7.13 5.05
CA ASP C 185 -49.85 -8.39 5.77
C ASP C 185 -49.80 -9.54 4.76
N GLY C 186 -48.90 -9.41 3.79
CA GLY C 186 -48.79 -10.43 2.76
C GLY C 186 -47.81 -11.57 3.00
N ASP C 187 -47.02 -11.49 4.07
CA ASP C 187 -46.04 -12.54 4.38
C ASP C 187 -46.60 -13.93 4.09
N LYS C 188 -45.78 -14.80 3.51
CA LYS C 188 -46.21 -16.15 3.21
C LYS C 188 -45.20 -17.13 3.78
N THR C 189 -45.66 -18.29 4.26
CA THR C 189 -44.75 -19.26 4.82
C THR C 189 -43.96 -19.94 3.72
N VAL C 190 -42.71 -20.26 4.02
CA VAL C 190 -41.84 -20.91 3.06
C VAL C 190 -41.35 -22.21 3.65
N VAL C 191 -41.70 -23.31 2.99
CA VAL C 191 -41.31 -24.63 3.44
C VAL C 191 -39.89 -24.89 2.95
N GLN C 192 -39.05 -25.50 3.79
CA GLN C 192 -37.67 -25.77 3.38
C GLN C 192 -37.67 -26.60 2.10
N PRO C 193 -37.04 -26.08 1.03
CA PRO C 193 -37.00 -26.78 -0.24
C PRO C 193 -35.70 -27.53 -0.45
N ASP C 194 -35.60 -28.20 -1.59
CA ASP C 194 -34.39 -28.93 -1.93
C ASP C 194 -33.43 -27.93 -2.59
N ILE C 195 -34.03 -26.97 -3.30
CA ILE C 195 -33.28 -25.92 -3.98
C ILE C 195 -34.01 -24.60 -3.80
N LEU C 196 -33.24 -23.56 -3.56
CA LEU C 196 -33.81 -22.23 -3.41
C LEU C 196 -33.20 -21.29 -4.44
N ILE C 197 -34.05 -20.71 -5.29
CA ILE C 197 -33.61 -19.78 -6.29
C ILE C 197 -33.97 -18.41 -5.72
N LEU C 198 -32.95 -17.55 -5.65
CA LEU C 198 -33.08 -16.20 -5.13
C LEU C 198 -32.84 -15.23 -6.25
N GLU C 199 -33.88 -14.50 -6.63
CA GLU C 199 -33.77 -13.54 -7.73
C GLU C 199 -34.09 -12.13 -7.27
N GLY C 200 -33.16 -11.22 -7.53
CA GLY C 200 -33.33 -9.84 -7.14
C GLY C 200 -32.14 -9.03 -7.60
N LEU C 201 -32.22 -7.72 -7.48
CA LEU C 201 -31.14 -6.85 -7.91
C LEU C 201 -29.88 -6.91 -7.03
N ASN C 202 -30.07 -7.07 -5.73
CA ASN C 202 -28.98 -7.09 -4.76
C ASN C 202 -28.42 -8.45 -4.32
N VAL C 203 -28.66 -9.51 -5.08
CA VAL C 203 -28.18 -10.83 -4.66
C VAL C 203 -26.68 -11.10 -4.75
N LEU C 204 -25.93 -10.17 -5.31
CA LEU C 204 -24.49 -10.37 -5.44
C LEU C 204 -23.72 -9.39 -4.55
N GLN C 205 -24.44 -8.45 -3.93
CA GLN C 205 -23.83 -7.46 -3.04
C GLN C 205 -22.91 -8.13 -2.03
N SER C 206 -21.78 -7.48 -1.69
CA SER C 206 -20.82 -8.00 -0.70
C SER C 206 -19.89 -6.92 -0.12
N GLY C 207 -18.74 -7.34 0.43
CA GLY C 207 -17.80 -6.39 0.99
C GLY C 207 -17.18 -5.61 -0.15
N MSE C 208 -17.77 -4.45 -0.43
CA MSE C 208 -17.34 -3.56 -1.50
C MSE C 208 -17.63 -2.18 -0.94
O MSE C 208 -18.31 -1.34 -1.53
CB MSE C 208 -18.19 -3.82 -2.74
CG MSE C 208 -19.60 -4.24 -2.38
SE MSE C 208 -20.38 -4.52 -3.95
CE MSE C 208 -21.09 -2.59 -4.25
N ASP C 209 -17.09 -2.00 0.27
CA ASP C 209 -17.22 -0.78 1.03
C ASP C 209 -15.87 -0.56 1.73
N PRO C 214 -17.39 -1.26 5.37
CA PRO C 214 -16.80 -2.13 6.41
C PRO C 214 -17.03 -3.64 6.18
N HIS C 215 -17.17 -4.38 7.29
CA HIS C 215 -17.41 -5.84 7.27
C HIS C 215 -18.75 -6.23 7.89
N HIS C 216 -19.67 -6.76 7.07
CA HIS C 216 -21.00 -7.19 7.50
C HIS C 216 -21.44 -8.43 6.72
N VAL C 217 -22.55 -9.03 7.11
CA VAL C 217 -23.04 -10.22 6.39
C VAL C 217 -24.07 -9.89 5.30
N PHE C 218 -23.85 -10.49 4.14
CA PHE C 218 -24.70 -10.30 2.97
C PHE C 218 -25.29 -11.63 2.52
N VAL C 219 -26.45 -11.55 1.89
CA VAL C 219 -27.12 -12.73 1.43
C VAL C 219 -26.24 -13.53 0.48
N SER C 220 -25.41 -12.83 -0.29
CA SER C 220 -24.51 -13.49 -1.25
C SER C 220 -23.53 -14.47 -0.60
N ASP C 221 -23.39 -14.42 0.72
CA ASP C 221 -22.49 -15.33 1.41
C ASP C 221 -23.13 -16.70 1.65
N PHE C 222 -24.43 -16.81 1.37
CA PHE C 222 -25.13 -18.07 1.55
C PHE C 222 -25.38 -18.78 0.22
N VAL C 223 -25.15 -18.06 -0.88
CA VAL C 223 -25.36 -18.61 -2.20
C VAL C 223 -24.26 -19.60 -2.61
N ASP C 224 -24.66 -20.66 -3.30
CA ASP C 224 -23.74 -21.69 -3.77
C ASP C 224 -23.34 -21.46 -5.21
N PHE C 225 -24.30 -21.00 -6.02
CA PHE C 225 -24.08 -20.70 -7.44
C PHE C 225 -24.85 -19.42 -7.77
N SER C 226 -24.21 -18.51 -8.50
CA SER C 226 -24.82 -17.25 -8.86
C SER C 226 -24.82 -17.05 -10.36
N ILE C 227 -25.96 -16.63 -10.90
CA ILE C 227 -26.10 -16.39 -12.33
C ILE C 227 -26.38 -14.90 -12.55
N TYR C 228 -25.69 -14.31 -13.52
CA TYR C 228 -25.89 -12.90 -13.83
C TYR C 228 -26.43 -12.77 -15.27
N VAL C 229 -27.66 -12.28 -15.40
CA VAL C 229 -28.23 -12.10 -16.72
C VAL C 229 -27.72 -10.75 -17.20
N ASP C 230 -27.04 -10.77 -18.35
CA ASP C 230 -26.41 -9.59 -18.92
C ASP C 230 -26.87 -9.10 -20.30
N ALA C 231 -26.85 -7.77 -20.49
CA ALA C 231 -27.24 -7.13 -21.76
C ALA C 231 -26.65 -5.72 -21.79
N PRO C 232 -26.16 -5.28 -22.97
CA PRO C 232 -25.59 -3.93 -23.10
C PRO C 232 -26.54 -2.83 -22.66
N GLU C 233 -25.99 -1.77 -22.08
CA GLU C 233 -26.78 -0.64 -21.59
C GLU C 233 -27.84 -0.13 -22.56
N ASP C 234 -27.46 0.03 -23.82
CA ASP C 234 -28.38 0.53 -24.83
C ASP C 234 -29.60 -0.38 -25.04
N LEU C 235 -29.39 -1.70 -25.03
CA LEU C 235 -30.50 -2.64 -25.19
C LEU C 235 -31.41 -2.57 -23.97
N LEU C 236 -30.80 -2.56 -22.80
CA LEU C 236 -31.56 -2.49 -21.57
C LEU C 236 -32.44 -1.24 -21.52
N GLN C 237 -31.93 -0.14 -22.06
CA GLN C 237 -32.72 1.08 -22.05
C GLN C 237 -33.99 0.89 -22.89
N THR C 238 -33.83 0.47 -24.14
CA THR C 238 -35.00 0.29 -24.97
C THR C 238 -35.92 -0.81 -24.45
N TRP C 239 -35.35 -1.87 -23.85
CA TRP C 239 -36.17 -2.94 -23.29
C TRP C 239 -37.00 -2.38 -22.16
N TYR C 240 -36.41 -1.48 -21.37
CA TYR C 240 -37.14 -0.90 -20.26
C TYR C 240 -38.28 -0.04 -20.76
N ILE C 241 -38.00 0.76 -21.77
CA ILE C 241 -39.01 1.66 -22.33
C ILE C 241 -40.15 0.87 -22.96
N ASN C 242 -39.82 -0.11 -23.81
CA ASN C 242 -40.82 -0.97 -24.44
C ASN C 242 -41.68 -1.71 -23.44
N ARG C 243 -41.05 -2.26 -22.41
CA ARG C 243 -41.78 -2.98 -21.37
C ARG C 243 -42.73 -2.00 -20.71
N PHE C 244 -42.27 -0.78 -20.48
CA PHE C 244 -43.09 0.27 -19.86
C PHE C 244 -44.37 0.49 -20.67
N LEU C 245 -44.20 0.56 -21.99
CA LEU C 245 -45.31 0.77 -22.90
C LEU C 245 -46.33 -0.35 -22.81
N LYS C 246 -45.86 -1.57 -22.50
CA LYS C 246 -46.75 -2.72 -22.35
C LYS C 246 -47.48 -2.62 -21.00
N PHE C 247 -46.81 -2.06 -20.00
CA PHE C 247 -47.43 -1.90 -18.70
C PHE C 247 -48.57 -0.92 -18.90
N ARG C 248 -48.34 0.06 -19.78
CA ARG C 248 -49.35 1.08 -20.09
C ARG C 248 -50.60 0.43 -20.63
N GLU C 249 -50.44 -0.68 -21.34
CA GLU C 249 -51.56 -1.41 -21.92
C GLU C 249 -52.16 -2.43 -20.97
N GLY C 250 -51.44 -2.75 -19.90
CA GLY C 250 -51.92 -3.75 -18.96
C GLY C 250 -51.97 -3.27 -17.53
N ALA C 251 -50.99 -3.66 -16.75
CA ALA C 251 -50.92 -3.29 -15.34
C ALA C 251 -51.32 -1.84 -15.02
N PHE C 252 -50.89 -0.88 -15.84
CA PHE C 252 -51.22 0.51 -15.57
C PHE C 252 -52.70 0.88 -15.77
N THR C 253 -53.43 0.06 -16.53
CA THR C 253 -54.85 0.33 -16.79
C THR C 253 -55.76 0.08 -15.59
N ASP C 254 -55.20 -0.52 -14.55
CA ASP C 254 -55.97 -0.79 -13.34
C ASP C 254 -56.05 0.51 -12.56
N PRO C 255 -57.27 0.99 -12.30
CA PRO C 255 -57.48 2.24 -11.56
C PRO C 255 -56.80 2.29 -10.19
N ASP C 256 -56.48 1.11 -9.65
CA ASP C 256 -55.83 1.03 -8.34
C ASP C 256 -54.32 0.99 -8.50
N SER C 257 -53.84 0.98 -9.74
CA SER C 257 -52.41 0.93 -9.98
C SER C 257 -51.75 2.21 -9.47
N TYR C 258 -50.61 2.02 -8.81
CA TYR C 258 -49.86 3.15 -8.27
C TYR C 258 -49.47 4.06 -9.43
N PHE C 259 -49.40 3.49 -10.62
CA PHE C 259 -49.01 4.25 -11.82
C PHE C 259 -50.13 4.38 -12.84
N HIS C 260 -51.37 4.32 -12.38
CA HIS C 260 -52.49 4.42 -13.28
C HIS C 260 -52.40 5.63 -14.20
N ASN C 261 -51.99 6.76 -13.64
CA ASN C 261 -51.86 7.99 -14.42
C ASN C 261 -50.99 7.80 -15.66
N TYR C 262 -50.09 6.82 -15.63
CA TYR C 262 -49.21 6.57 -16.77
C TYR C 262 -49.97 5.95 -17.93
N ALA C 263 -51.15 5.40 -17.62
CA ALA C 263 -51.99 4.78 -18.62
C ALA C 263 -52.55 5.85 -19.53
N LYS C 264 -52.73 7.04 -18.97
CA LYS C 264 -53.29 8.19 -19.68
C LYS C 264 -52.31 8.97 -20.56
N LEU C 265 -51.01 8.78 -20.34
CA LEU C 265 -50.00 9.49 -21.13
C LEU C 265 -50.10 9.10 -22.61
N THR C 266 -49.79 10.03 -23.48
CA THR C 266 -49.80 9.73 -24.91
C THR C 266 -48.63 8.77 -25.08
N LYS C 267 -48.51 8.15 -26.25
CA LYS C 267 -47.40 7.23 -26.46
C LYS C 267 -46.04 7.93 -26.40
N GLU C 268 -45.99 9.21 -26.79
CA GLU C 268 -44.74 9.96 -26.79
C GLU C 268 -44.39 10.45 -25.40
N GLU C 269 -45.40 10.70 -24.57
CA GLU C 269 -45.13 11.16 -23.22
C GLU C 269 -44.61 9.96 -22.43
N ALA C 270 -45.19 8.81 -22.71
CA ALA C 270 -44.82 7.58 -22.04
C ALA C 270 -43.35 7.28 -22.28
N ILE C 271 -42.94 7.39 -23.54
CA ILE C 271 -41.56 7.12 -23.90
C ILE C 271 -40.65 8.08 -23.15
N LYS C 272 -41.06 9.35 -23.08
CA LYS C 272 -40.30 10.39 -22.40
C LYS C 272 -40.18 10.06 -20.91
N THR C 273 -41.31 9.70 -20.30
CA THR C 273 -41.39 9.34 -18.89
C THR C 273 -40.54 8.11 -18.61
N ALA C 274 -40.62 7.13 -19.51
CA ALA C 274 -39.86 5.90 -19.37
C ALA C 274 -38.36 6.14 -19.40
N MSE C 275 -37.92 7.02 -20.29
CA MSE C 275 -36.48 7.31 -20.39
C MSE C 275 -35.92 7.97 -19.15
O MSE C 275 -34.87 7.56 -18.64
CB MSE C 275 -36.15 8.24 -21.57
CG MSE C 275 -35.06 7.68 -22.48
SE MSE C 275 -34.85 8.96 -23.71
CE MSE C 275 -36.25 8.33 -25.08
N THR C 276 -36.60 8.99 -18.64
CA THR C 276 -36.08 9.65 -17.46
C THR C 276 -36.14 8.73 -16.26
N LEU C 277 -37.04 7.75 -16.27
CA LEU C 277 -37.16 6.80 -15.16
C LEU C 277 -35.96 5.87 -15.20
N TRP C 278 -35.56 5.51 -16.41
CA TRP C 278 -34.43 4.62 -16.62
C TRP C 278 -33.11 5.36 -16.34
N LYS C 279 -32.93 6.49 -17.04
CA LYS C 279 -31.72 7.29 -16.92
C LYS C 279 -31.43 7.81 -15.51
N GLU C 280 -32.45 8.32 -14.83
CA GLU C 280 -32.27 8.87 -13.49
C GLU C 280 -32.31 7.89 -12.34
N ILE C 281 -32.83 6.69 -12.54
CA ILE C 281 -32.88 5.73 -11.44
C ILE C 281 -32.22 4.38 -11.72
N ASN C 282 -32.84 3.58 -12.57
CA ASN C 282 -32.33 2.25 -12.87
C ASN C 282 -30.95 2.20 -13.53
N TRP C 283 -30.64 3.23 -14.31
CA TRP C 283 -29.34 3.29 -14.96
C TRP C 283 -28.26 3.54 -13.92
N LEU C 284 -28.53 4.45 -12.98
CA LEU C 284 -27.59 4.72 -11.90
C LEU C 284 -27.29 3.41 -11.19
N ASN C 285 -28.34 2.76 -10.70
CA ASN C 285 -28.24 1.48 -10.01
C ASN C 285 -27.39 0.53 -10.86
N LEU C 286 -27.69 0.48 -12.14
CA LEU C 286 -26.96 -0.39 -13.06
C LEU C 286 -25.45 -0.16 -12.90
N LYS C 287 -25.02 1.02 -13.32
CA LYS C 287 -23.63 1.40 -13.27
C LYS C 287 -23.00 1.31 -11.90
N GLN C 288 -23.65 1.91 -10.91
CA GLN C 288 -23.15 1.94 -9.56
C GLN C 288 -23.06 0.63 -8.79
N ASN C 289 -24.17 -0.10 -8.69
CA ASN C 289 -24.21 -1.32 -7.90
C ASN C 289 -24.35 -2.64 -8.62
N ILE C 290 -24.75 -2.61 -9.88
CA ILE C 290 -24.96 -3.88 -10.57
C ILE C 290 -23.80 -4.30 -11.44
N LEU C 291 -23.43 -3.48 -12.42
CA LEU C 291 -22.31 -3.82 -13.30
C LEU C 291 -21.10 -4.31 -12.53
N PRO C 292 -20.68 -3.57 -11.50
CA PRO C 292 -19.53 -3.98 -10.69
C PRO C 292 -19.56 -5.44 -10.21
N THR C 293 -20.76 -5.97 -9.96
CA THR C 293 -20.91 -7.35 -9.48
C THR C 293 -20.85 -8.38 -10.59
N ARG C 294 -21.04 -7.95 -11.83
CA ARG C 294 -21.05 -8.88 -12.95
C ARG C 294 -19.94 -9.93 -12.99
N GLU C 295 -18.70 -9.47 -12.86
CA GLU C 295 -17.56 -10.38 -12.90
C GLU C 295 -17.30 -11.19 -11.64
N ARG C 296 -18.32 -11.30 -10.79
CA ARG C 296 -18.20 -12.08 -9.57
C ARG C 296 -19.09 -13.32 -9.64
N ALA C 297 -19.99 -13.33 -10.62
CA ALA C 297 -20.93 -14.42 -10.77
C ALA C 297 -20.27 -15.70 -11.21
N SER C 298 -20.85 -16.83 -10.83
CA SER C 298 -20.35 -18.14 -11.23
C SER C 298 -20.62 -18.32 -12.72
N LEU C 299 -21.72 -17.71 -13.19
CA LEU C 299 -22.09 -17.78 -14.59
C LEU C 299 -22.69 -16.46 -15.07
N ILE C 300 -22.39 -16.09 -16.30
CA ILE C 300 -22.88 -14.87 -16.91
C ILE C 300 -23.54 -15.23 -18.24
N LEU C 301 -24.80 -14.81 -18.41
CA LEU C 301 -25.51 -15.07 -19.64
C LEU C 301 -25.75 -13.74 -20.34
N THR C 302 -25.18 -13.59 -21.53
CA THR C 302 -25.31 -12.37 -22.29
C THR C 302 -26.33 -12.52 -23.41
N LYS C 303 -27.33 -11.65 -23.42
CA LYS C 303 -28.39 -11.68 -24.43
C LYS C 303 -28.19 -10.62 -25.51
N SER C 304 -28.76 -10.85 -26.67
CA SER C 304 -28.66 -9.89 -27.76
C SER C 304 -29.96 -9.11 -27.92
N ALA C 305 -30.10 -8.47 -29.08
CA ALA C 305 -31.27 -7.66 -29.36
C ALA C 305 -32.56 -8.48 -29.39
N ASN C 306 -32.44 -9.76 -29.73
CA ASN C 306 -33.60 -10.65 -29.80
C ASN C 306 -33.91 -11.33 -28.47
N HIS C 307 -33.29 -10.84 -27.39
CA HIS C 307 -33.49 -11.37 -26.04
C HIS C 307 -32.93 -12.78 -25.88
N ALA C 308 -32.15 -13.26 -26.84
CA ALA C 308 -31.57 -14.59 -26.77
C ALA C 308 -30.13 -14.54 -26.27
N VAL C 309 -29.72 -15.58 -25.55
CA VAL C 309 -28.35 -15.64 -25.02
C VAL C 309 -27.42 -16.10 -26.15
N GLU C 310 -26.54 -15.21 -26.60
CA GLU C 310 -25.62 -15.53 -27.68
C GLU C 310 -24.23 -15.79 -27.13
N GLU C 311 -24.08 -15.64 -25.82
CA GLU C 311 -22.78 -15.85 -25.20
C GLU C 311 -22.87 -16.21 -23.72
N VAL C 312 -22.06 -17.18 -23.32
CA VAL C 312 -22.03 -17.65 -21.93
C VAL C 312 -20.60 -17.64 -21.39
N ARG C 313 -20.46 -17.15 -20.17
CA ARG C 313 -19.16 -17.06 -19.52
C ARG C 313 -19.23 -17.81 -18.20
N LEU C 314 -18.42 -18.86 -18.07
CA LEU C 314 -18.38 -19.65 -16.85
C LEU C 314 -17.08 -19.42 -16.08
N ARG C 315 -17.20 -19.06 -14.83
CA ARG C 315 -16.04 -18.81 -13.98
C ARG C 315 -15.39 -20.15 -13.63
N LYS C 316 -14.16 -20.37 -14.09
CA LYS C 316 -13.47 -21.62 -13.80
C LYS C 316 -13.15 -21.69 -12.31
N LEU D 8 -28.36 -16.66 11.11
CA LEU D 8 -26.92 -16.67 11.47
C LEU D 8 -26.26 -18.06 11.39
N MSE D 9 -26.65 -18.92 10.44
CA MSE D 9 -26.00 -20.21 10.38
C MSE D 9 -24.53 -19.97 10.06
O MSE D 9 -24.23 -19.20 9.14
CB MSE D 9 -26.60 -21.17 9.33
CG MSE D 9 -25.64 -21.45 8.16
SE MSE D 9 -26.51 -22.62 7.08
CE MSE D 9 -25.76 -24.36 7.92
N THR D 10 -23.64 -20.60 10.82
CA THR D 10 -22.19 -20.48 10.61
C THR D 10 -21.73 -21.65 9.74
N PRO D 11 -20.77 -21.41 8.81
CA PRO D 11 -20.24 -22.41 7.88
C PRO D 11 -19.20 -23.41 8.42
N TYR D 12 -18.69 -23.16 9.63
CA TYR D 12 -17.69 -24.02 10.23
C TYR D 12 -18.16 -24.89 11.38
N LEU D 13 -17.60 -26.09 11.42
CA LEU D 13 -17.87 -27.07 12.46
C LEU D 13 -16.68 -26.92 13.39
N GLN D 14 -16.94 -26.77 14.69
CA GLN D 14 -15.86 -26.59 15.64
C GLN D 14 -15.60 -27.77 16.57
N PHE D 15 -14.35 -28.17 16.68
CA PHE D 15 -13.96 -29.26 17.57
C PHE D 15 -12.83 -28.77 18.45
N ASP D 16 -12.70 -29.37 19.64
CA ASP D 16 -11.59 -29.02 20.51
C ASP D 16 -10.64 -30.20 20.35
N ARG D 17 -9.50 -30.18 21.05
CA ARG D 17 -8.53 -31.26 20.91
C ARG D 17 -9.08 -32.68 21.04
N ASN D 18 -9.82 -32.95 22.11
CA ASN D 18 -10.35 -34.29 22.33
C ASN D 18 -11.31 -34.75 21.24
N GLN D 19 -12.16 -33.84 20.80
CA GLN D 19 -13.13 -34.16 19.76
C GLN D 19 -12.44 -34.44 18.44
N TRP D 20 -11.51 -33.58 18.07
CA TRP D 20 -10.79 -33.76 16.82
C TRP D 20 -9.97 -35.04 16.89
N ALA D 21 -9.17 -35.16 17.95
CA ALA D 21 -8.32 -36.34 18.17
C ALA D 21 -9.12 -37.63 18.06
N ALA D 22 -10.33 -37.61 18.61
CA ALA D 22 -11.20 -38.79 18.58
C ALA D 22 -11.53 -39.21 17.16
N LEU D 23 -11.22 -38.34 16.19
CA LEU D 23 -11.53 -38.64 14.80
C LEU D 23 -10.40 -39.33 14.03
N ARG D 24 -9.35 -39.71 14.75
CA ARG D 24 -8.20 -40.39 14.16
C ARG D 24 -8.57 -41.82 13.79
N ASP D 25 -9.53 -42.37 14.51
CA ASP D 25 -10.00 -43.72 14.25
C ASP D 25 -8.80 -44.67 14.33
N SER D 26 -8.59 -45.43 13.26
CA SER D 26 -7.48 -46.37 13.25
C SER D 26 -6.35 -46.03 12.29
N VAL D 27 -6.20 -44.79 11.83
CA VAL D 27 -5.04 -44.52 10.96
C VAL D 27 -3.85 -44.77 11.89
N PRO D 28 -2.90 -45.60 11.44
CA PRO D 28 -1.76 -45.91 12.31
C PRO D 28 -0.70 -44.89 12.09
N MSE D 29 0.25 -44.73 12.99
CA MSE D 29 1.22 -43.82 12.52
C MSE D 29 2.49 -44.36 11.99
O MSE D 29 3.10 -45.28 12.53
CB MSE D 29 1.48 -42.62 13.38
CG MSE D 29 2.81 -42.56 13.97
SE MSE D 29 2.62 -40.95 14.64
CE MSE D 29 3.35 -40.09 12.91
N THR D 30 2.84 -43.73 10.89
CA THR D 30 3.98 -44.02 10.06
C THR D 30 5.21 -43.14 10.29
N LEU D 31 5.43 -42.71 11.53
CA LEU D 31 6.58 -41.86 11.87
C LEU D 31 7.16 -42.16 13.25
N SER D 32 8.48 -42.11 13.38
CA SER D 32 9.12 -42.34 14.67
C SER D 32 9.32 -40.97 15.32
N GLU D 33 9.50 -40.93 16.63
CA GLU D 33 9.71 -39.66 17.31
C GLU D 33 10.92 -38.94 16.75
N ASP D 34 11.91 -39.71 16.31
CA ASP D 34 13.13 -39.14 15.76
C ASP D 34 12.82 -38.42 14.46
N GLU D 35 11.97 -39.03 13.64
CA GLU D 35 11.61 -38.44 12.36
C GLU D 35 10.81 -37.16 12.56
N ILE D 36 9.96 -37.16 13.58
CA ILE D 36 9.13 -36.00 13.91
C ILE D 36 10.02 -34.84 14.35
N ALA D 37 10.88 -35.09 15.34
CA ALA D 37 11.79 -34.05 15.87
C ALA D 37 12.57 -33.33 14.77
N ARG D 38 12.94 -34.07 13.73
CA ARG D 38 13.70 -33.51 12.60
C ARG D 38 12.86 -32.55 11.74
N LEU D 39 11.54 -32.62 11.91
CA LEU D 39 10.62 -31.79 11.15
C LEU D 39 10.31 -30.45 11.82
N LYS D 40 10.65 -30.34 13.10
CA LYS D 40 10.39 -29.12 13.83
C LYS D 40 11.05 -27.92 13.16
N GLY D 41 10.40 -26.76 13.26
CA GLY D 41 10.93 -25.53 12.68
C GLY D 41 11.55 -24.69 13.78
N ILE D 42 12.24 -23.61 13.44
CA ILE D 42 12.85 -22.79 14.49
C ILE D 42 11.78 -22.23 15.41
N ASN D 43 11.97 -22.41 16.71
CA ASN D 43 11.04 -21.90 17.71
C ASN D 43 9.64 -22.50 17.53
N GLU D 44 9.60 -23.74 17.04
CA GLU D 44 8.34 -24.43 16.79
C GLU D 44 8.38 -25.84 17.35
N ASP D 45 7.56 -26.11 18.37
CA ASP D 45 7.54 -27.44 18.95
C ASP D 45 6.51 -28.37 18.32
N LEU D 46 6.94 -29.61 18.06
CA LEU D 46 6.12 -30.64 17.46
C LEU D 46 6.28 -31.98 18.21
N SER D 47 5.25 -32.37 18.96
CA SER D 47 5.32 -33.60 19.72
C SER D 47 4.64 -34.75 19.00
N LEU D 48 4.87 -35.95 19.49
CA LEU D 48 4.29 -37.15 18.91
C LEU D 48 2.80 -37.15 19.18
N GLU D 49 2.40 -36.49 20.26
CA GLU D 49 0.98 -36.43 20.61
C GLU D 49 0.29 -35.45 19.68
N GLU D 50 1.02 -34.44 19.24
CA GLU D 50 0.45 -33.45 18.33
C GLU D 50 0.19 -34.14 17.00
N VAL D 51 1.15 -34.97 16.57
CA VAL D 51 1.02 -35.69 15.31
C VAL D 51 -0.17 -36.63 15.36
N ALA D 52 -0.24 -37.43 16.43
CA ALA D 52 -1.31 -38.40 16.60
C ALA D 52 -2.71 -37.79 16.79
N GLU D 53 -2.80 -36.76 17.61
CA GLU D 53 -4.07 -36.12 17.90
C GLU D 53 -4.56 -35.13 16.86
N ILE D 54 -3.64 -34.37 16.28
CA ILE D 54 -4.01 -33.38 15.28
C ILE D 54 -3.83 -33.82 13.83
N TYR D 55 -2.62 -34.25 13.46
CA TYR D 55 -2.37 -34.61 12.08
C TYR D 55 -2.86 -35.94 11.57
N LEU D 56 -3.12 -36.88 12.46
CA LEU D 56 -3.61 -38.17 11.99
C LEU D 56 -5.08 -38.02 11.57
N PRO D 57 -5.91 -37.39 12.42
CA PRO D 57 -7.30 -37.25 11.99
C PRO D 57 -7.36 -36.46 10.69
N LEU D 58 -6.47 -35.49 10.55
CA LEU D 58 -6.42 -34.67 9.33
C LEU D 58 -6.00 -35.53 8.14
N SER D 59 -5.08 -36.45 8.38
CA SER D 59 -4.64 -37.35 7.33
C SER D 59 -5.84 -38.14 6.83
N ARG D 60 -6.65 -38.62 7.78
CA ARG D 60 -7.85 -39.41 7.48
C ARG D 60 -8.81 -38.65 6.56
N LEU D 61 -9.29 -37.50 7.05
CA LEU D 61 -10.20 -36.67 6.29
C LEU D 61 -9.61 -36.42 4.91
N LEU D 62 -8.43 -35.81 4.88
CA LEU D 62 -7.73 -35.50 3.64
C LEU D 62 -7.72 -36.70 2.70
N ASN D 63 -7.52 -37.88 3.27
CA ASN D 63 -7.48 -39.11 2.48
C ASN D 63 -8.86 -39.47 1.92
N PHE D 64 -9.93 -39.23 2.68
CA PHE D 64 -11.29 -39.51 2.22
C PHE D 64 -11.55 -38.68 0.97
N TYR D 65 -11.19 -37.41 1.05
CA TYR D 65 -11.36 -36.45 -0.03
C TYR D 65 -10.62 -36.84 -1.32
N ILE D 66 -9.38 -37.29 -1.17
CA ILE D 66 -8.55 -37.68 -2.30
C ILE D 66 -9.13 -38.88 -3.02
N SER D 67 -9.51 -39.88 -2.24
CA SER D 67 -10.07 -41.09 -2.78
C SER D 67 -11.45 -40.82 -3.37
N SER D 68 -12.14 -39.84 -2.81
CA SER D 68 -13.48 -39.48 -3.26
C SER D 68 -13.55 -38.45 -4.38
N ASN D 69 -12.49 -38.36 -5.17
CA ASN D 69 -12.43 -37.40 -6.27
C ASN D 69 -12.95 -35.99 -5.97
N LEU D 70 -13.16 -35.69 -4.69
CA LEU D 70 -13.67 -34.39 -4.33
C LEU D 70 -12.67 -33.28 -4.65
N ARG D 71 -12.46 -33.05 -5.94
CA ARG D 71 -11.54 -32.02 -6.41
C ARG D 71 -12.26 -30.73 -6.82
N ARG D 72 -11.67 -29.59 -6.52
CA ARG D 72 -12.29 -28.31 -6.81
C ARG D 72 -12.52 -27.97 -8.27
N GLN D 73 -12.17 -28.86 -9.19
CA GLN D 73 -12.38 -28.57 -10.59
C GLN D 73 -12.96 -29.81 -11.27
N ALA D 74 -13.33 -30.79 -10.45
CA ALA D 74 -13.88 -32.01 -10.99
C ALA D 74 -15.23 -31.79 -11.67
N VAL D 75 -16.08 -30.92 -11.10
CA VAL D 75 -17.39 -30.68 -11.73
C VAL D 75 -17.26 -30.18 -13.14
N LEU D 76 -16.26 -29.35 -13.42
CA LEU D 76 -16.08 -28.88 -14.78
C LEU D 76 -15.53 -30.03 -15.64
N GLU D 77 -14.76 -30.95 -15.01
CA GLU D 77 -14.18 -32.13 -15.67
C GLU D 77 -15.39 -32.84 -16.29
N GLN D 78 -16.32 -33.27 -15.44
CA GLN D 78 -17.57 -33.86 -15.93
C GLN D 78 -18.27 -32.52 -16.16
N PHE D 79 -19.02 -32.40 -17.25
CA PHE D 79 -19.75 -31.20 -17.75
C PHE D 79 -18.91 -30.57 -18.82
N LEU D 80 -17.68 -30.99 -18.99
CA LEU D 80 -16.91 -30.44 -20.10
C LEU D 80 -16.45 -31.54 -21.05
N GLY D 81 -16.01 -32.62 -20.39
CA GLY D 81 -15.48 -33.78 -21.07
C GLY D 81 -14.01 -33.84 -20.66
N THR D 82 -13.75 -34.15 -19.38
CA THR D 82 -12.40 -34.22 -18.81
C THR D 82 -11.45 -33.18 -19.41
N ARG D 86 -3.47 -38.19 -15.51
CA ARG D 86 -4.02 -38.08 -14.16
C ARG D 86 -3.81 -36.69 -13.57
N ILE D 87 -4.64 -36.34 -12.58
CA ILE D 87 -4.55 -35.02 -11.97
C ILE D 87 -4.24 -35.02 -10.48
N PRO D 88 -3.06 -34.46 -10.10
CA PRO D 88 -2.56 -34.35 -8.72
C PRO D 88 -3.53 -33.65 -7.79
N TYR D 89 -3.50 -34.04 -6.52
CA TYR D 89 -4.38 -33.42 -5.55
C TYR D 89 -3.59 -32.26 -5.00
N ILE D 90 -4.23 -31.10 -4.94
CA ILE D 90 -3.58 -29.89 -4.47
C ILE D 90 -4.09 -29.41 -3.12
N ILE D 91 -3.17 -29.33 -2.17
CA ILE D 91 -3.48 -28.86 -0.83
C ILE D 91 -2.65 -27.59 -0.61
N SER D 92 -3.22 -26.62 0.08
CA SER D 92 -2.50 -25.38 0.34
C SER D 92 -2.40 -25.14 1.84
N ILE D 93 -1.42 -24.39 2.27
CA ILE D 93 -1.24 -24.10 3.69
C ILE D 93 -0.88 -22.63 3.81
N ALA D 94 -1.72 -21.90 4.53
CA ALA D 94 -1.57 -20.47 4.72
C ALA D 94 -1.54 -20.08 6.19
N GLY D 95 -1.25 -18.81 6.44
CA GLY D 95 -1.18 -18.33 7.80
C GLY D 95 -0.07 -17.28 7.94
N SER D 96 -0.11 -16.55 9.04
CA SER D 96 0.84 -15.50 9.35
C SER D 96 2.29 -15.97 9.33
N VAL D 97 3.23 -15.03 9.18
CA VAL D 97 4.64 -15.39 9.21
C VAL D 97 4.85 -15.73 10.69
N ALA D 98 5.67 -16.74 10.97
CA ALA D 98 5.95 -17.16 12.34
C ALA D 98 4.82 -17.97 13.00
N VAL D 99 3.78 -18.33 12.25
CA VAL D 99 2.69 -19.10 12.84
C VAL D 99 3.06 -20.60 12.89
N GLY D 100 4.05 -20.98 12.08
CA GLY D 100 4.51 -22.35 12.05
C GLY D 100 3.89 -23.17 10.95
N LYS D 101 3.46 -22.49 9.90
CA LYS D 101 2.84 -23.17 8.77
C LYS D 101 3.84 -24.05 8.02
N SER D 102 5.13 -23.76 8.17
CA SER D 102 6.16 -24.53 7.50
C SER D 102 6.26 -25.91 8.15
N THR D 103 6.13 -25.97 9.47
CA THR D 103 6.18 -27.26 10.15
C THR D 103 4.98 -28.13 9.77
N THR D 104 3.80 -27.51 9.73
CA THR D 104 2.57 -28.20 9.36
C THR D 104 2.67 -28.83 7.98
N ALA D 105 3.32 -28.13 7.06
CA ALA D 105 3.49 -28.61 5.69
C ALA D 105 4.42 -29.79 5.65
N ARG D 106 5.51 -29.69 6.42
CA ARG D 106 6.51 -30.74 6.49
C ARG D 106 5.97 -32.04 7.03
N VAL D 107 5.18 -32.02 8.11
CA VAL D 107 4.63 -33.26 8.65
C VAL D 107 3.48 -33.82 7.81
N LEU D 108 2.67 -32.93 7.24
CA LEU D 108 1.57 -33.36 6.41
C LEU D 108 2.15 -34.11 5.24
N GLN D 109 3.28 -33.62 4.72
CA GLN D 109 3.92 -34.25 3.58
C GLN D 109 4.53 -35.60 3.90
N ALA D 110 4.99 -35.74 5.13
CA ALA D 110 5.62 -36.98 5.55
C ALA D 110 4.52 -38.02 5.72
N LEU D 111 3.43 -37.62 6.36
CA LEU D 111 2.32 -38.54 6.59
C LEU D 111 1.66 -38.97 5.31
N LEU D 112 1.26 -38.01 4.50
CA LEU D 112 0.57 -38.32 3.25
C LEU D 112 1.38 -39.18 2.29
N SER D 113 2.69 -39.21 2.53
CA SER D 113 3.65 -39.97 1.71
C SER D 113 3.62 -41.47 1.91
N ARG D 114 3.27 -41.92 3.12
CA ARG D 114 3.26 -43.35 3.37
C ARG D 114 1.98 -43.85 4.03
N TRP D 115 1.00 -42.98 4.23
CA TRP D 115 -0.24 -43.39 4.90
C TRP D 115 -1.05 -44.49 4.23
N PRO D 116 -1.99 -44.17 3.33
CA PRO D 116 -2.69 -45.37 2.82
C PRO D 116 -1.75 -46.20 1.98
N GLU D 117 -1.06 -45.53 1.08
CA GLU D 117 -0.09 -46.16 0.20
C GLU D 117 0.97 -45.12 -0.08
N HIS D 118 2.07 -45.53 -0.70
CA HIS D 118 3.12 -44.57 -1.01
C HIS D 118 2.66 -43.62 -2.12
N ARG D 119 2.76 -42.33 -1.86
CA ARG D 119 2.40 -41.31 -2.83
C ARG D 119 3.63 -40.42 -2.96
N ARG D 120 3.81 -39.78 -4.11
CA ARG D 120 4.94 -38.88 -4.28
C ARG D 120 4.87 -37.78 -3.21
N VAL D 121 4.02 -36.77 -3.44
CA VAL D 121 3.87 -35.66 -2.50
C VAL D 121 5.00 -34.62 -2.54
N GLU D 122 4.78 -33.58 -3.32
CA GLU D 122 5.72 -32.48 -3.50
C GLU D 122 5.33 -31.31 -2.60
N LEU D 123 6.31 -30.73 -1.93
CA LEU D 123 6.04 -29.59 -1.06
C LEU D 123 6.72 -28.36 -1.63
N ILE D 124 5.93 -27.46 -2.20
CA ILE D 124 6.46 -26.23 -2.78
C ILE D 124 6.11 -25.08 -1.88
N THR D 125 7.07 -24.17 -1.68
CA THR D 125 6.79 -23.01 -0.87
C THR D 125 6.65 -21.85 -1.85
N THR D 126 5.71 -20.99 -1.54
CA THR D 126 5.37 -19.87 -2.38
C THR D 126 6.40 -18.72 -2.42
N ASP D 127 7.26 -18.66 -1.41
CA ASP D 127 8.29 -17.63 -1.33
C ASP D 127 9.28 -17.69 -2.50
N GLY D 128 9.48 -18.87 -3.07
CA GLY D 128 10.39 -18.99 -4.18
C GLY D 128 9.86 -18.16 -5.34
N PHE D 129 8.56 -17.89 -5.31
CA PHE D 129 7.92 -17.11 -6.36
C PHE D 129 7.83 -15.61 -6.09
N LEU D 130 8.57 -15.14 -5.09
CA LEU D 130 8.59 -13.71 -4.80
C LEU D 130 9.38 -13.06 -5.94
N HIS D 131 9.18 -11.76 -6.10
CA HIS D 131 9.89 -11.00 -7.11
C HIS D 131 11.25 -10.72 -6.49
N PRO D 132 12.32 -10.89 -7.25
CA PRO D 132 13.65 -10.62 -6.68
C PRO D 132 13.70 -9.24 -6.05
N ASN D 133 14.59 -9.07 -5.07
CA ASN D 133 14.77 -7.82 -4.35
C ASN D 133 14.94 -6.64 -5.30
N GLN D 134 15.52 -6.91 -6.46
CA GLN D 134 15.74 -5.89 -7.46
C GLN D 134 14.40 -5.30 -7.91
N VAL D 135 13.51 -6.18 -8.35
CA VAL D 135 12.19 -5.79 -8.82
C VAL D 135 11.39 -5.08 -7.73
N LEU D 136 11.45 -5.61 -6.52
CA LEU D 136 10.72 -5.01 -5.41
C LEU D 136 11.27 -3.61 -5.20
N LYS D 137 12.58 -3.45 -5.41
CA LYS D 137 13.23 -2.17 -5.25
C LYS D 137 12.68 -1.17 -6.24
N GLU D 138 12.65 -1.57 -7.52
CA GLU D 138 12.16 -0.73 -8.59
C GLU D 138 10.70 -0.35 -8.41
N ARG D 139 9.92 -1.21 -7.76
CA ARG D 139 8.51 -0.90 -7.52
C ARG D 139 8.33 -0.32 -6.12
N GLY D 140 9.44 -0.10 -5.41
CA GLY D 140 9.38 0.41 -4.05
C GLY D 140 8.43 -0.46 -3.25
N LEU D 141 8.68 -1.77 -3.29
CA LEU D 141 7.82 -2.74 -2.63
C LEU D 141 8.45 -3.54 -1.53
N MSE D 142 9.66 -3.22 -1.08
CA MSE D 142 10.13 -4.13 -0.08
C MSE D 142 10.09 -3.85 1.39
O MSE D 142 10.88 -4.35 2.18
CB MSE D 142 11.42 -4.78 -0.54
CG MSE D 142 12.54 -3.95 -1.04
SE MSE D 142 13.59 -5.34 -1.45
CE MSE D 142 14.54 -5.52 0.37
N LYS D 143 9.09 -3.06 1.73
CA LYS D 143 8.78 -2.79 3.10
C LYS D 143 7.47 -3.63 3.06
N LYS D 144 7.25 -4.24 1.90
CA LYS D 144 6.08 -5.07 1.66
C LYS D 144 6.46 -6.47 1.16
N LYS D 145 7.59 -7.01 1.62
CA LYS D 145 7.97 -8.36 1.21
C LYS D 145 6.99 -9.32 1.91
N GLY D 146 6.28 -10.12 1.12
CA GLY D 146 5.31 -11.03 1.71
C GLY D 146 3.89 -10.59 1.40
N PHE D 147 3.73 -9.35 0.95
CA PHE D 147 2.41 -8.86 0.60
C PHE D 147 2.09 -9.50 -0.72
N PRO D 148 0.82 -9.56 -1.08
CA PRO D 148 0.41 -10.18 -2.35
C PRO D 148 1.13 -9.63 -3.58
N GLU D 149 1.31 -8.32 -3.64
CA GLU D 149 1.96 -7.71 -4.81
C GLU D 149 3.46 -7.97 -4.95
N SER D 150 4.08 -8.47 -3.89
CA SER D 150 5.51 -8.75 -3.95
C SER D 150 5.77 -10.14 -4.51
N TYR D 151 4.70 -10.81 -4.94
CA TYR D 151 4.80 -12.15 -5.50
C TYR D 151 4.53 -12.15 -6.99
N ASP D 152 5.25 -13.00 -7.71
CA ASP D 152 5.04 -13.10 -9.14
C ASP D 152 3.98 -14.17 -9.36
N MSE D 153 2.70 -13.83 -9.27
CA MSE D 153 1.79 -14.92 -9.48
C MSE D 153 1.41 -15.35 -10.86
O MSE D 153 0.79 -16.40 -11.03
CB MSE D 153 0.50 -14.84 -8.70
CG MSE D 153 0.32 -16.24 -8.15
SE MSE D 153 -1.21 -16.26 -7.32
CE MSE D 153 -0.61 -15.68 -5.43
N HIS D 154 1.73 -14.55 -11.87
CA HIS D 154 1.39 -15.02 -13.19
C HIS D 154 2.18 -16.33 -13.27
N ARG D 155 3.40 -16.30 -12.73
CA ARG D 155 4.28 -17.44 -12.74
C ARG D 155 3.85 -18.58 -11.83
N LEU D 156 3.45 -18.22 -10.61
CA LEU D 156 3.00 -19.20 -9.63
C LEU D 156 1.83 -20.01 -10.14
N VAL D 157 0.88 -19.32 -10.78
CA VAL D 157 -0.31 -19.92 -11.35
C VAL D 157 0.05 -20.76 -12.57
N LYS D 158 0.94 -20.23 -13.41
CA LYS D 158 1.34 -20.95 -14.60
C LYS D 158 2.04 -22.23 -14.18
N PHE D 159 2.77 -22.16 -13.07
CA PHE D 159 3.49 -23.31 -12.53
C PHE D 159 2.52 -24.41 -12.12
N VAL D 160 1.64 -24.10 -11.18
CA VAL D 160 0.66 -25.06 -10.72
C VAL D 160 -0.17 -25.62 -11.85
N SER D 161 -0.54 -24.77 -12.80
CA SER D 161 -1.35 -25.21 -13.92
C SER D 161 -0.58 -26.22 -14.75
N ASP D 162 0.71 -25.97 -14.94
CA ASP D 162 1.55 -26.85 -15.72
C ASP D 162 1.74 -28.18 -15.02
N LEU D 163 1.95 -28.12 -13.72
CA LEU D 163 2.12 -29.33 -12.94
C LEU D 163 0.82 -30.14 -12.97
N LYS D 164 -0.29 -29.50 -12.63
CA LYS D 164 -1.58 -30.16 -12.61
C LYS D 164 -1.88 -30.79 -13.95
N SER D 165 -1.77 -29.99 -15.01
CA SER D 165 -2.07 -30.43 -16.36
C SER D 165 -1.06 -31.41 -16.95
N GLY D 166 -0.02 -31.73 -16.20
CA GLY D 166 0.97 -32.68 -16.68
C GLY D 166 1.95 -32.21 -17.73
N VAL D 167 2.23 -30.91 -17.76
CA VAL D 167 3.17 -30.36 -18.73
C VAL D 167 4.56 -30.95 -18.47
N PRO D 168 5.30 -31.25 -19.56
CA PRO D 168 6.64 -31.83 -19.53
C PRO D 168 7.61 -31.36 -18.45
N ASN D 169 8.59 -30.56 -18.81
CA ASN D 169 9.59 -30.10 -17.85
C ASN D 169 9.27 -28.83 -17.08
N VAL D 170 8.59 -28.99 -15.95
CA VAL D 170 8.21 -27.86 -15.12
C VAL D 170 9.35 -27.58 -14.14
N THR D 171 9.62 -26.30 -13.87
CA THR D 171 10.67 -25.92 -12.92
C THR D 171 10.12 -24.86 -12.00
N ALA D 172 10.68 -24.77 -10.80
CA ALA D 172 10.23 -23.80 -9.83
C ALA D 172 11.37 -22.93 -9.30
N PRO D 173 11.11 -21.62 -9.10
CA PRO D 173 12.17 -20.76 -8.59
C PRO D 173 12.41 -21.11 -7.12
N VAL D 174 13.61 -20.87 -6.60
CA VAL D 174 13.91 -21.18 -5.22
C VAL D 174 14.34 -19.95 -4.46
N TYR D 175 13.91 -19.86 -3.20
CA TYR D 175 14.23 -18.71 -2.37
C TYR D 175 15.33 -19.02 -1.37
N SER D 176 16.13 -18.01 -1.04
CA SER D 176 17.22 -18.18 -0.08
C SER D 176 17.09 -17.16 1.03
N HIS D 177 16.94 -17.63 2.27
CA HIS D 177 16.82 -16.73 3.41
C HIS D 177 18.17 -16.14 3.82
N LEU D 178 19.27 -16.73 3.35
CA LEU D 178 20.60 -16.23 3.68
C LEU D 178 20.85 -14.92 2.95
N ILE D 179 20.47 -14.90 1.68
CA ILE D 179 20.64 -13.72 0.85
C ILE D 179 19.36 -12.91 0.77
N TYR D 180 18.34 -13.32 1.53
CA TYR D 180 17.05 -12.62 1.58
C TYR D 180 16.50 -12.35 0.18
N ASP D 181 16.62 -13.33 -0.71
CA ASP D 181 16.16 -13.16 -2.07
C ASP D 181 16.13 -14.48 -2.81
N VAL D 182 15.48 -14.52 -3.97
CA VAL D 182 15.42 -15.74 -4.76
C VAL D 182 16.79 -15.97 -5.41
N ILE D 183 17.19 -17.23 -5.47
CA ILE D 183 18.46 -17.64 -6.05
C ILE D 183 18.49 -17.41 -7.56
N PRO D 184 19.33 -16.48 -8.03
CA PRO D 184 19.46 -16.14 -9.46
C PRO D 184 19.27 -17.29 -10.45
N ASP D 185 20.02 -18.37 -10.26
CA ASP D 185 19.88 -19.51 -11.15
C ASP D 185 19.58 -20.76 -10.33
N GLY D 186 18.70 -20.60 -9.35
CA GLY D 186 18.34 -21.71 -8.49
C GLY D 186 17.16 -22.58 -8.90
N ASP D 187 16.45 -22.19 -9.96
CA ASP D 187 15.30 -22.96 -10.42
C ASP D 187 15.57 -24.47 -10.34
N LYS D 188 14.57 -25.24 -9.90
CA LYS D 188 14.72 -26.69 -9.81
C LYS D 188 13.55 -27.34 -10.52
N THR D 189 13.79 -28.49 -11.15
CA THR D 189 12.71 -29.17 -11.86
C THR D 189 11.76 -29.81 -10.87
N VAL D 190 10.48 -29.81 -11.22
CA VAL D 190 9.48 -30.42 -10.37
C VAL D 190 8.75 -31.51 -11.16
N VAL D 191 8.86 -32.74 -10.67
CA VAL D 191 8.23 -33.88 -11.32
C VAL D 191 6.77 -33.92 -10.85
N GLN D 192 5.86 -34.23 -11.77
CA GLN D 192 4.44 -34.29 -11.42
C GLN D 192 4.24 -35.27 -10.28
N PRO D 193 3.71 -34.81 -9.14
CA PRO D 193 3.48 -35.66 -7.97
C PRO D 193 2.05 -36.17 -7.89
N ASP D 194 1.77 -36.94 -6.85
CA ASP D 194 0.44 -37.47 -6.62
C ASP D 194 -0.29 -36.42 -5.82
N ILE D 195 0.47 -35.69 -5.01
CA ILE D 195 -0.09 -34.64 -4.18
C ILE D 195 0.89 -33.48 -4.15
N LEU D 196 0.35 -32.27 -4.19
CA LEU D 196 1.18 -31.08 -4.15
C LEU D 196 0.74 -30.19 -3.00
N ILE D 197 1.66 -29.96 -2.07
CA ILE D 197 1.37 -29.10 -0.94
C ILE D 197 1.98 -27.75 -1.31
N LEU D 198 1.17 -26.71 -1.22
CA LEU D 198 1.59 -25.37 -1.57
C LEU D 198 1.53 -24.55 -0.31
N GLU D 199 2.68 -24.13 0.19
CA GLU D 199 2.70 -23.34 1.41
C GLU D 199 3.29 -21.94 1.17
N GLY D 200 2.54 -20.92 1.60
CA GLY D 200 2.98 -19.55 1.42
C GLY D 200 1.94 -18.59 1.97
N LEU D 201 2.31 -17.33 2.09
CA LEU D 201 1.40 -16.31 2.61
C LEU D 201 0.20 -16.00 1.73
N ASN D 202 0.41 -16.02 0.42
CA ASN D 202 -0.64 -15.67 -0.53
C ASN D 202 -1.44 -16.81 -1.17
N VAL D 203 -1.46 -17.99 -0.58
CA VAL D 203 -2.17 -19.11 -1.20
C VAL D 203 -3.69 -19.08 -1.16
N LEU D 204 -4.26 -18.15 -0.41
CA LEU D 204 -5.71 -18.06 -0.31
C LEU D 204 -6.29 -16.84 -1.05
N GLN D 205 -5.41 -16.00 -1.57
CA GLN D 205 -5.82 -14.81 -2.30
C GLN D 205 -6.81 -15.11 -3.41
N SER D 206 -7.67 -14.14 -3.67
CA SER D 206 -8.69 -14.21 -4.72
C SER D 206 -9.33 -12.85 -4.82
N GLY D 207 -10.25 -12.67 -5.75
CA GLY D 207 -10.86 -11.37 -5.83
C GLY D 207 -12.09 -11.17 -4.96
N MSE D 208 -13.12 -10.91 -5.74
CA MSE D 208 -14.51 -10.60 -5.52
C MSE D 208 -15.00 -9.37 -4.81
O MSE D 208 -15.75 -9.31 -3.80
CB MSE D 208 -15.35 -11.87 -5.32
CG MSE D 208 -15.03 -12.64 -6.62
SE MSE D 208 -16.07 -14.06 -6.72
CE MSE D 208 -15.09 -15.65 -5.86
N ASP D 209 -14.69 -8.40 -5.65
CA ASP D 209 -14.87 -6.98 -5.57
C ASP D 209 -13.47 -6.43 -5.25
N TYR D 210 -12.49 -7.31 -5.47
CA TYR D 210 -11.05 -7.06 -5.25
C TYR D 210 -10.48 -6.71 -6.64
N PRO D 211 -9.24 -7.16 -6.98
CA PRO D 211 -8.73 -6.81 -8.32
C PRO D 211 -9.73 -7.10 -9.46
N HIS D 215 -11.72 -10.30 -11.96
CA HIS D 215 -11.36 -10.86 -13.26
C HIS D 215 -9.84 -11.03 -13.34
N HIS D 216 -9.31 -11.94 -12.53
CA HIS D 216 -7.87 -12.24 -12.47
C HIS D 216 -7.76 -13.69 -11.98
N VAL D 217 -6.86 -14.48 -12.55
CA VAL D 217 -6.73 -15.85 -12.06
C VAL D 217 -5.71 -15.92 -10.92
N PHE D 218 -6.10 -16.61 -9.85
CA PHE D 218 -5.25 -16.78 -8.67
C PHE D 218 -4.93 -18.24 -8.42
N VAL D 219 -3.80 -18.48 -7.76
CA VAL D 219 -3.39 -19.85 -7.47
C VAL D 219 -4.45 -20.57 -6.66
N SER D 220 -5.12 -19.85 -5.78
CA SER D 220 -6.16 -20.42 -4.95
C SER D 220 -7.29 -21.10 -5.74
N ASP D 221 -7.38 -20.86 -7.04
CA ASP D 221 -8.43 -21.45 -7.86
C ASP D 221 -8.07 -22.86 -8.33
N PHE D 222 -6.85 -23.28 -8.03
CA PHE D 222 -6.40 -24.60 -8.42
C PHE D 222 -6.32 -25.53 -7.22
N VAL D 223 -6.46 -24.95 -6.03
CA VAL D 223 -6.39 -25.69 -4.78
C VAL D 223 -7.66 -26.50 -4.50
N ASP D 224 -7.48 -27.74 -4.04
CA ASP D 224 -8.59 -28.65 -3.71
C ASP D 224 -8.98 -28.57 -2.24
N PHE D 225 -7.98 -28.43 -1.37
CA PHE D 225 -8.20 -28.31 0.07
C PHE D 225 -7.22 -27.27 0.59
N SER D 226 -7.70 -26.35 1.44
CA SER D 226 -6.87 -25.31 1.99
C SER D 226 -6.87 -25.33 3.50
N ILE D 227 -5.69 -25.24 4.09
CA ILE D 227 -5.53 -25.22 5.54
C ILE D 227 -4.99 -23.87 5.99
N TYR D 228 -5.52 -23.32 7.06
CA TYR D 228 -5.05 -22.04 7.56
C TYR D 228 -4.56 -22.22 8.99
N VAL D 229 -3.26 -22.01 9.19
CA VAL D 229 -2.70 -22.15 10.53
C VAL D 229 -2.91 -20.80 11.23
N ASP D 230 -3.67 -20.85 12.32
CA ASP D 230 -4.07 -19.66 13.07
C ASP D 230 -3.52 -19.50 14.50
N ALA D 231 -3.34 -18.25 14.90
CA ALA D 231 -2.86 -17.90 16.24
C ALA D 231 -3.16 -16.43 16.49
N PRO D 232 -3.57 -16.08 17.72
CA PRO D 232 -3.87 -14.68 18.05
C PRO D 232 -2.69 -13.71 17.78
N GLU D 233 -3.03 -12.50 17.38
CA GLU D 233 -2.03 -11.46 17.08
C GLU D 233 -0.94 -11.33 18.11
N ASP D 234 -1.32 -11.26 19.38
CA ASP D 234 -0.34 -11.11 20.44
C ASP D 234 0.68 -12.27 20.49
N LEU D 235 0.21 -13.50 20.28
CA LEU D 235 1.10 -14.65 20.31
C LEU D 235 2.04 -14.61 19.12
N LEU D 236 1.49 -14.29 17.95
CA LEU D 236 2.30 -14.23 16.74
C LEU D 236 3.41 -13.19 16.91
N GLN D 237 3.11 -12.10 17.60
CA GLN D 237 4.11 -11.06 17.80
C GLN D 237 5.29 -11.61 18.59
N THR D 238 5.02 -12.17 19.77
CA THR D 238 6.13 -12.70 20.56
C THR D 238 6.80 -13.89 19.86
N TRP D 239 6.05 -14.68 19.09
CA TRP D 239 6.67 -15.80 18.39
C TRP D 239 7.64 -15.27 17.36
N TYR D 240 7.24 -14.19 16.69
CA TYR D 240 8.10 -13.57 15.67
C TYR D 240 9.39 -13.08 16.32
N ILE D 241 9.24 -12.34 17.41
CA ILE D 241 10.37 -11.80 18.12
C ILE D 241 11.31 -12.90 18.60
N ASN D 242 10.77 -13.89 19.30
CA ASN D 242 11.58 -14.99 19.81
C ASN D 242 12.29 -15.73 18.69
N ARG D 243 11.58 -15.98 17.60
CA ARG D 243 12.18 -16.67 16.46
C ARG D 243 13.33 -15.83 15.95
N PHE D 244 13.14 -14.50 15.97
CA PHE D 244 14.15 -13.56 15.51
C PHE D 244 15.41 -13.72 16.33
N LEU D 245 15.24 -13.82 17.64
CA LEU D 245 16.36 -13.97 18.55
C LEU D 245 17.17 -15.24 18.29
N LYS D 246 16.50 -16.28 17.81
CA LYS D 246 17.16 -17.54 17.50
C LYS D 246 17.92 -17.39 16.20
N PHE D 247 17.38 -16.58 15.28
CA PHE D 247 18.04 -16.35 14.00
C PHE D 247 19.35 -15.67 14.35
N ARG D 248 19.31 -14.79 15.34
CA ARG D 248 20.47 -14.07 15.81
C ARG D 248 21.58 -15.03 16.21
N GLU D 249 21.19 -16.16 16.78
CA GLU D 249 22.12 -17.17 17.24
C GLU D 249 22.53 -18.12 16.13
N GLY D 250 21.76 -18.14 15.05
CA GLY D 250 22.08 -19.05 13.95
C GLY D 250 22.27 -18.39 12.60
N ALA D 251 21.23 -18.44 11.77
CA ALA D 251 21.29 -17.87 10.43
C ALA D 251 21.97 -16.50 10.32
N PHE D 252 21.74 -15.62 11.29
CA PHE D 252 22.35 -14.31 11.22
C PHE D 252 23.86 -14.28 11.47
N THR D 253 24.39 -15.31 12.13
CA THR D 253 25.82 -15.34 12.43
C THR D 253 26.66 -15.61 11.19
N ASP D 254 26.03 -15.91 10.07
CA ASP D 254 26.75 -16.17 8.83
C ASP D 254 27.12 -14.81 8.24
N PRO D 255 28.44 -14.56 8.06
CA PRO D 255 28.93 -13.29 7.50
C PRO D 255 28.29 -12.90 6.16
N ASP D 256 27.78 -13.88 5.44
CA ASP D 256 27.14 -13.61 4.15
C ASP D 256 25.65 -13.40 4.31
N SER D 257 25.16 -13.45 5.55
CA SER D 257 23.73 -13.27 5.79
C SER D 257 23.35 -11.85 5.48
N TYR D 258 22.22 -11.71 4.79
CA TYR D 258 21.72 -10.39 4.44
C TYR D 258 21.45 -9.60 5.72
N PHE D 259 21.26 -10.30 6.83
CA PHE D 259 20.99 -9.63 8.10
C PHE D 259 22.08 -9.89 9.12
N HIS D 260 23.30 -10.14 8.65
CA HIS D 260 24.42 -10.42 9.55
C HIS D 260 24.55 -9.37 10.64
N ASN D 261 24.34 -8.11 10.28
CA ASN D 261 24.45 -7.02 11.25
C ASN D 261 23.53 -7.19 12.45
N TYR D 262 22.47 -7.98 12.28
CA TYR D 262 21.53 -8.21 13.36
C TYR D 262 22.12 -9.15 14.41
N ALA D 263 23.17 -9.86 14.02
CA ALA D 263 23.85 -10.79 14.93
C ALA D 263 24.59 -9.99 15.99
N LYS D 264 25.00 -8.78 15.63
CA LYS D 264 25.75 -7.91 16.53
C LYS D 264 24.88 -7.11 17.49
N LEU D 265 23.59 -7.01 17.23
CA LEU D 265 22.72 -6.25 18.12
C LEU D 265 22.69 -6.86 19.51
N THR D 266 22.58 -6.01 20.53
CA THR D 266 22.50 -6.50 21.90
C THR D 266 21.16 -7.23 21.91
N LYS D 267 20.85 -7.95 22.99
CA LYS D 267 19.58 -8.67 23.05
C LYS D 267 18.38 -7.72 23.09
N GLU D 268 18.56 -6.54 23.69
CA GLU D 268 17.49 -5.56 23.80
C GLU D 268 17.26 -4.78 22.50
N GLU D 269 18.32 -4.61 21.71
CA GLU D 269 18.20 -3.91 20.44
C GLU D 269 17.48 -4.84 19.48
N ALA D 270 17.79 -6.14 19.58
CA ALA D 270 17.21 -7.17 18.73
C ALA D 270 15.72 -7.23 18.92
N ILE D 271 15.30 -7.21 20.18
CA ILE D 271 13.88 -7.24 20.49
C ILE D 271 13.23 -5.99 19.88
N LYS D 272 13.88 -4.84 20.05
CA LYS D 272 13.36 -3.59 19.51
C LYS D 272 13.25 -3.69 18.00
N THR D 273 14.31 -4.16 17.36
CA THR D 273 14.35 -4.33 15.90
C THR D 273 13.30 -5.32 15.42
N ALA D 274 13.11 -6.38 16.20
CA ALA D 274 12.15 -7.41 15.84
C ALA D 274 10.72 -6.88 15.91
N MSE D 275 10.43 -6.08 16.92
CA MSE D 275 9.08 -5.55 17.05
C MSE D 275 8.69 -4.61 15.92
O MSE D 275 7.57 -4.71 15.40
CB MSE D 275 8.90 -4.80 18.37
CG MSE D 275 7.76 -5.32 19.21
SE MSE D 275 7.79 -4.23 20.62
CE MSE D 275 9.05 -5.26 21.90
N THR D 276 9.57 -3.68 15.56
CA THR D 276 9.23 -2.74 14.51
C THR D 276 9.14 -3.49 13.18
N LEU D 277 9.84 -4.61 13.04
CA LEU D 277 9.80 -5.39 11.80
C LEU D 277 8.43 -6.09 11.71
N TRP D 278 7.92 -6.49 12.87
CA TRP D 278 6.65 -7.15 12.92
C TRP D 278 5.53 -6.13 12.75
N LYS D 279 5.54 -5.13 13.62
CA LYS D 279 4.53 -4.08 13.63
C LYS D 279 4.37 -3.33 12.30
N GLU D 280 5.49 -2.93 11.73
CA GLU D 280 5.46 -2.16 10.49
C GLU D 280 5.34 -2.94 9.19
N ILE D 281 5.59 -4.24 9.22
CA ILE D 281 5.48 -5.00 7.98
C ILE D 281 4.58 -6.21 8.03
N ASN D 282 4.98 -7.21 8.81
CA ASN D 282 4.22 -8.46 8.89
C ASN D 282 2.86 -8.33 9.51
N TRP D 283 2.73 -7.41 10.47
CA TRP D 283 1.46 -7.20 11.11
C TRP D 283 0.47 -6.60 10.09
N LEU D 284 0.92 -5.63 9.31
CA LEU D 284 0.09 -5.02 8.28
C LEU D 284 -0.45 -6.11 7.37
N ASN D 285 0.48 -6.89 6.83
CA ASN D 285 0.16 -8.01 5.93
C ASN D 285 -0.87 -8.91 6.60
N LEU D 286 -0.65 -9.16 7.89
CA LEU D 286 -1.54 -10.00 8.67
C LEU D 286 -2.97 -9.47 8.55
N LYS D 287 -3.17 -8.29 9.13
CA LYS D 287 -4.48 -7.63 9.14
C LYS D 287 -5.08 -7.39 7.76
N GLN D 288 -4.28 -6.84 6.85
CA GLN D 288 -4.75 -6.50 5.52
C GLN D 288 -5.07 -7.63 4.56
N ASN D 289 -4.10 -8.53 4.35
CA ASN D 289 -4.27 -9.62 3.39
C ASN D 289 -4.39 -11.06 3.90
N ILE D 290 -4.04 -11.30 5.16
CA ILE D 290 -4.13 -12.65 5.68
C ILE D 290 -5.38 -12.97 6.49
N LEU D 291 -5.59 -12.26 7.59
CA LEU D 291 -6.76 -12.48 8.41
C LEU D 291 -8.03 -12.61 7.55
N PRO D 292 -8.30 -11.63 6.66
CA PRO D 292 -9.48 -11.68 5.79
C PRO D 292 -9.69 -13.01 5.08
N THR D 293 -8.62 -13.74 4.77
CA THR D 293 -8.73 -15.04 4.09
C THR D 293 -9.02 -16.20 5.01
N ARG D 294 -8.80 -16.00 6.31
CA ARG D 294 -9.00 -17.05 7.32
C ARG D 294 -10.30 -17.84 7.17
N GLU D 295 -11.43 -17.15 7.16
CA GLU D 295 -12.73 -17.79 7.04
C GLU D 295 -13.08 -18.32 5.65
N ARG D 296 -12.08 -18.54 4.81
CA ARG D 296 -12.32 -19.07 3.47
C ARG D 296 -11.68 -20.44 3.35
N ALA D 297 -10.87 -20.78 4.34
CA ALA D 297 -10.17 -22.06 4.33
C ALA D 297 -11.07 -23.27 4.56
N SER D 298 -10.69 -24.40 3.99
CA SER D 298 -11.44 -25.63 4.18
C SER D 298 -11.27 -26.07 5.61
N LEU D 299 -10.12 -25.77 6.20
CA LEU D 299 -9.83 -26.12 7.58
C LEU D 299 -8.99 -25.04 8.26
N ILE D 300 -9.23 -24.82 9.54
CA ILE D 300 -8.50 -23.83 10.30
C ILE D 300 -7.96 -24.49 11.57
N LEU D 301 -6.67 -24.35 11.81
CA LEU D 301 -6.04 -24.93 13.00
C LEU D 301 -5.56 -23.78 13.86
N THR D 302 -6.12 -23.69 15.06
CA THR D 302 -5.77 -22.64 16.00
C THR D 302 -4.84 -23.14 17.10
N LYS D 303 -3.68 -22.51 17.21
CA LYS D 303 -2.68 -22.90 18.21
C LYS D 303 -2.70 -21.99 19.43
N SER D 304 -2.22 -22.51 20.56
CA SER D 304 -2.18 -21.70 21.77
C SER D 304 -0.75 -21.23 22.07
N ALA D 305 -0.54 -20.79 23.31
CA ALA D 305 0.77 -20.29 23.71
C ALA D 305 1.86 -21.33 23.61
N ASN D 306 1.48 -22.60 23.76
CA ASN D 306 2.43 -23.70 23.68
C ASN D 306 2.63 -24.23 22.26
N HIS D 307 2.16 -23.47 21.27
CA HIS D 307 2.30 -23.86 19.87
C HIS D 307 1.51 -25.11 19.48
N ALA D 308 0.61 -25.55 20.35
CA ALA D 308 -0.20 -26.74 20.07
C ALA D 308 -1.59 -26.30 19.60
N VAL D 309 -2.19 -27.11 18.73
CA VAL D 309 -3.52 -26.81 18.21
C VAL D 309 -4.55 -27.25 19.26
N GLU D 310 -5.24 -26.28 19.84
CA GLU D 310 -6.25 -26.56 20.86
C GLU D 310 -7.66 -26.47 20.28
N GLU D 311 -7.75 -26.11 19.00
CA GLU D 311 -9.04 -25.96 18.35
C GLU D 311 -9.00 -26.12 16.83
N VAL D 312 -9.96 -26.84 16.29
CA VAL D 312 -10.03 -27.05 14.85
C VAL D 312 -11.41 -26.66 14.34
N ARG D 313 -11.44 -25.99 13.19
CA ARG D 313 -12.69 -25.56 12.57
C ARG D 313 -12.72 -26.13 11.16
N LEU D 314 -13.73 -26.92 10.86
CA LEU D 314 -13.86 -27.51 9.54
C LEU D 314 -15.06 -26.89 8.82
N ARG D 315 -14.83 -26.40 7.62
CA ARG D 315 -15.90 -25.79 6.81
C ARG D 315 -16.80 -26.89 6.27
N LYS D 316 -18.07 -26.88 6.65
CA LYS D 316 -19.00 -27.90 6.18
C LYS D 316 -19.28 -27.72 4.71
N1A COA E . 46.92 3.19 -0.13
C2A COA E . 47.25 4.49 -0.13
N3A COA E . 46.43 5.54 -0.37
C4A COA E . 45.13 5.14 -0.61
C5A COA E . 44.65 3.85 -0.65
C6A COA E . 45.62 2.84 -0.37
N6A COA E . 45.30 1.57 -0.37
N7A COA E . 43.29 3.81 -0.92
C8A COA E . 43.00 5.08 -1.07
N9A COA E . 44.06 5.94 -0.91
C1B COA E . 44.14 7.41 -0.98
C2B COA E . 43.96 8.17 -2.32
O2B COA E . 45.23 8.40 -2.96
C3B COA E . 43.18 9.42 -1.90
O3B COA E . 43.99 10.61 -1.57
P3B COA E . 44.71 11.63 -2.57
O7A COA E . 44.80 10.84 -3.86
O8A COA E . 45.99 11.82 -1.89
O9A COA E . 43.79 12.76 -2.49
C4B COA E . 42.54 9.04 -0.60
O4B COA E . 43.19 7.92 -0.06
C5B COA E . 41.02 8.71 -0.72
O5B COA E . 40.76 7.55 -1.55
P1A COA E . 39.22 7.21 -1.93
O1A COA E . 39.13 5.83 -2.48
O2A COA E . 38.72 8.29 -2.82
O3A COA E . 38.35 7.38 -0.65
P2A COA E . 37.39 6.29 -0.02
O4A COA E . 36.49 5.95 -1.14
O5A COA E . 36.73 7.00 1.12
O6A COA E . 38.00 4.87 0.51
CBP COA E . 39.28 3.15 1.72
CCP COA E . 39.10 4.66 1.41
CDP COA E . 37.92 2.70 2.17
CEP COA E . 40.14 2.98 2.95
CAP COA E . 39.79 2.28 0.47
OAP COA E . 41.17 2.60 0.32
C9P COA E . 39.83 0.79 1.03
O9P COA E . 40.26 0.25 1.74
N8P COA E . 38.78 0.03 0.10
C7P COA E . 38.43 -1.44 0.26
C6P COA E . 39.14 -2.37 -0.81
C5P COA E . 40.42 -1.76 -1.36
O5P COA E . 40.49 -1.23 -2.46
N4P COA E . 41.37 -1.88 -0.47
C3P COA E . 42.77 -1.39 -0.56
C2P COA E . 43.40 -2.29 -1.63
S1P COA E . 45.13 -1.89 -1.96
N1A COA F . -17.99 14.75 5.49
C2A COA F . -18.05 16.08 5.73
N3A COA F . -17.04 16.89 6.10
C4A COA F . -15.85 16.22 6.20
C5A COA F . -15.63 14.88 5.99
C6A COA F . -16.78 14.15 5.61
N6A COA F . -16.72 12.85 5.36
N7A COA F . -14.30 14.55 6.18
C8A COA F . -13.75 15.69 6.51
N9A COA F . -14.63 16.75 6.55
C1B COA F . -14.40 18.18 6.87
C2B COA F . -14.06 18.68 8.26
O2B COA F . -15.26 19.06 8.90
C3B COA F . -13.06 19.81 8.01
O3B COA F . -13.63 21.17 7.89
P3B COA F . -14.13 22.14 9.06
O7A COA F . -14.33 21.24 10.23
O8A COA F . -15.39 22.68 8.49
O9A COA F . -13.02 23.08 9.08
C4B COA F . -12.52 19.52 6.64
O4B COA F . -13.38 18.63 5.98
C5B COA F . -11.09 18.89 6.64
O5B COA F . -11.05 17.57 7.20
P1A COA F . -9.63 16.90 7.44
O1A COA F . -9.80 15.47 7.75
O2A COA F . -8.92 17.72 8.48
O3A COA F . -8.77 17.10 6.18
P2A COA F . -8.08 15.98 5.34
O4A COA F . -7.20 15.31 6.31
O5A COA F . -7.35 16.72 4.29
O6A COA F . -8.96 14.82 4.64
CBP COA F . -10.55 13.57 3.24
CCP COA F . -10.09 14.95 3.76
CDP COA F . -9.31 12.97 2.64
CEP COA F . -11.46 13.77 2.05
CAP COA F . -11.20 12.61 4.36
OAP COA F . -12.51 13.14 4.64
C9P COA F . -11.52 11.26 3.58
O9P COA F . -12.05 10.92 2.80
N8P COA F . -10.65 10.18 4.35
C7P COA F . -10.61 8.71 3.92
C6P COA F . -11.49 7.78 4.87
C5P COA F . -12.60 8.53 5.60
O5P COA F . -12.52 8.90 6.76
N4P COA F . -13.59 8.72 4.76
C3P COA F . -14.86 9.45 5.02
C2P COA F . -15.65 8.53 5.94
S1P COA F . -17.24 9.23 6.47
N1A COA G . -45.44 -2.63 -12.81
C2A COA G . -45.72 -3.92 -13.08
N3A COA G . -44.84 -4.94 -13.23
C4A COA G . -43.54 -4.54 -13.04
C5A COA G . -43.10 -3.27 -12.77
C6A COA G . -44.12 -2.29 -12.64
N6A COA G . -43.84 -1.03 -12.36
N7A COA G . -41.71 -3.23 -12.64
C8A COA G . -41.36 -4.47 -12.86
N9A COA G . -42.41 -5.32 -13.12
C1B COA G . -42.44 -6.77 -13.40
C2B COA G . -41.91 -7.37 -14.70
O2B COA G . -42.97 -7.50 -15.63
C3B COA G . -41.26 -8.68 -14.23
O3B COA G . -42.11 -9.88 -14.28
P3B COA G . -42.51 -10.73 -15.58
O7A COA G . -42.23 -9.81 -16.71
O8A COA G . -43.95 -10.96 -15.35
O9A COA G . -41.66 -11.89 -15.37
C4B COA G . -40.99 -8.47 -12.79
O4B COA G . -41.77 -7.41 -12.32
C5B COA G . -39.49 -8.17 -12.47
O5B COA G . -39.05 -6.91 -13.01
P1A COA G . -37.51 -6.54 -12.88
O1A COA G . -37.31 -5.10 -13.20
O2A COA G . -36.76 -7.50 -13.77
O3A COA G . -36.99 -6.90 -11.47
P2A COA G . -36.28 -5.92 -10.47
O4A COA G . -35.09 -5.47 -11.22
O5A COA G . -35.94 -6.77 -9.28
O6A COA G . -37.02 -4.57 -9.97
CBP COA G . -38.58 -2.98 -8.96
CCP COA G . -38.32 -4.44 -9.38
CDP COA G . -37.41 -2.62 -8.09
CEP COA G . -39.75 -2.97 -8.00
CAP COA G . -38.76 -1.95 -10.18
OAP COA G . -39.55 -3.10 -10.66
C9P COA G . -38.96 -0.53 -9.46
O9P COA G . -39.57 -0.06 -8.83
N8P COA G . -37.71 0.31 -9.97
C7P COA G . -37.47 1.75 -9.51
C6P COA G . -37.87 2.81 -10.60
C5P COA G . -38.92 2.29 -11.57
O5P COA G . -38.68 1.91 -12.69
N4P COA G . -40.08 2.31 -10.96
C3P COA G . -41.38 1.86 -11.50
C2P COA G . -41.77 2.93 -12.52
S1P COA G . -43.33 2.57 -13.33
N1A COA H . 16.10 -15.80 8.06
C2A COA H . 16.12 -17.15 8.13
N3A COA H . 15.07 -17.98 8.11
C4A COA H . 13.87 -17.31 8.00
C5A COA H . 13.70 -15.94 7.93
C6A COA H . 14.88 -15.19 7.96
N6A COA H . 14.86 -13.88 7.90
N7A COA H . 12.35 -15.60 7.83
C8A COA H . 11.74 -16.77 7.86
N9A COA H . 12.61 -17.85 7.95
C1B COA H . 12.33 -19.31 8.01
C2B COA H . 11.64 -19.97 9.21
O2B COA H . 12.65 -20.45 10.10
C3B COA H . 10.76 -21.05 8.57
O3B COA H . 11.35 -22.39 8.45
P3B COA H . 11.56 -23.52 9.58
O7A COA H . 11.49 -22.77 10.87
O8A COA H . 12.91 -24.01 9.25
O9A COA H . 10.48 -24.43 9.22
C4B COA H . 10.58 -20.59 7.15
O4B COA H . 11.58 -19.64 6.85
C5B COA H . 9.18 -19.95 6.87
O5B COA H . 8.98 -18.72 7.60
P1A COA H . 7.54 -18.05 7.55
O1A COA H . 7.59 -16.67 8.09
O2A COA H . 6.59 -18.96 8.25
O3A COA H . 7.03 -18.07 6.09
P2A COA H . 6.55 -16.81 5.26
O4A COA H . 5.47 -16.23 6.10
O5A COA H . 6.07 -17.39 3.97
O6A COA H . 7.56 -15.59 4.96
CBP COA H . 9.44 -14.21 4.18
CCP COA H . 8.89 -15.64 4.38
CDP COA H . 8.38 -13.51 3.38
CEP COA H . 10.62 -14.29 3.25
CAP COA H . 9.76 -13.42 5.54
OAP COA H . 10.95 -14.01 6.07
C9P COA H . 10.27 -11.98 5.05
O9P COA H . 10.99 -11.55 4.50
N8P COA H . 9.20 -10.99 5.69
C7P COA H . 9.25 -9.48 5.48
C6P COA H . 9.82 -8.69 6.71
C5P COA H . 10.73 -9.54 7.57
O5P COA H . 10.39 -10.04 8.61
N4P COA H . 11.90 -9.64 6.98
C3P COA H . 13.09 -10.42 7.44
C2P COA H . 13.59 -9.64 8.64
S1P COA H . 15.04 -10.43 9.40
#